data_6L7L
#
_entry.id   6L7L
#
_cell.length_a   70.900
_cell.length_b   130.430
_cell.length_c   76.610
_cell.angle_alpha   90.000
_cell.angle_beta   93.150
_cell.angle_gamma   90.000
#
_symmetry.space_group_name_H-M   'P 1 21 1'
#
loop_
_entity.id
_entity.type
_entity.pdbx_description
1 polymer 'Ribonucleoside-diphosphate reductase large subunit'
2 non-polymer 'MAGNESIUM ION'
3 non-polymer "THYMIDINE-5'-TRIPHOSPHATE"
4 non-polymer 5-chloro-2-(N-((1S,2R)-2-(2,3-dihydro-1H-inden-4-yl)-1-(5-oxo-4,5-dihydro-1,3,4-oxadiazol-2-yl)propyl)sulfamoyl)benzamide
5 non-polymer 'ACETATE ION'
6 water water
#
_entity_poly.entity_id   1
_entity_poly.type   'polypeptide(L)'
_entity_poly.pdbx_seq_one_letter_code
;GAILAARIAVSNLHKETKKVFSDVMEDLYNYINPHNGKHSPMVAKSTLDIVLANKDRLNSAIIYDRDFSYNYFGFKTLER
SYLLKINGKVAERPQHMLMRVSVGIHKEDIDAAIETYNLLSERWFTHASPTLFNAGTNRPQLSSCFLLSMKDDSIEGIYD
TLKQCALISKSAGGIGVAVSCIRATGSYIAGTNGNSNGLVPMLRVYNNTARYVDQGGNKRPGAFAIYLEPWHLDIFEFLD
LKKNTGKEEQRARDLFFALWIPDLFMKRVETNQDWSLMCPNECPGLDEVWGEEFEKLYASYEKQGRVRKVVKAQQLWYAI
IESQTETGTPYMLYKDSCNRKSNQQNLGTIKCSNLCTEIVEYTSKDEVAVCNLASLALNMYVTSEHTYDFKKLAEVTKVV
VRNLNKIIDINYYPVPEACLSNKRHRPIGIGVQGLADAFILMRYPFESAEAQLLNKQIFETIYYGALEASCDLAKEQGPY
ETYEGSPVSKGILQYDMWNVTPTDLWDWKVLKEKIAKYGIRNSLLIAPMPTASTAQILGNNESIEPYTSNIYTRRVLSGE
FQIVNPHLLKDLTERGLWHEEMKNQIIACNGSIQSIPEIPDDLKQLYKTVWEISQKTVLKMAAERGAFIDQSQSLNIHIA
EPNYGKLTSMHFYGWKQGLKTGMYYLRTR
;
_entity_poly.pdbx_strand_id   A,E
#
loop_
_chem_comp.id
_chem_comp.type
_chem_comp.name
_chem_comp.formula
ACT non-polymer 'ACETATE ION' 'C2 H3 O2 -1'
E6O non-polymer 5-chloro-2-(N-((1S,2R)-2-(2,3-dihydro-1H-inden-4-yl)-1-(5-oxo-4,5-dihydro-1,3,4-oxadiazol-2-yl)propyl)sulfamoyl)benzamide 'C21 H21 Cl N4 O5 S'
MG non-polymer 'MAGNESIUM ION' 'Mg 2'
TTP non-polymer THYMIDINE-5'-TRIPHOSPHATE 'C10 H17 N2 O14 P3'
#
# COMPACT_ATOMS: atom_id res chain seq x y z
N ALA A 2 -34.67 32.35 6.67
CA ALA A 2 -33.27 31.99 6.23
C ALA A 2 -32.50 33.13 5.54
N ILE A 3 -33.22 34.01 4.84
CA ILE A 3 -32.63 35.23 4.32
C ILE A 3 -31.99 36.04 5.47
N LEU A 4 -32.80 36.42 6.45
CA LEU A 4 -32.33 37.14 7.66
C LEU A 4 -31.24 36.38 8.43
N ALA A 5 -31.40 35.08 8.59
CA ALA A 5 -30.39 34.25 9.23
C ALA A 5 -28.95 34.42 8.68
N ALA A 6 -28.83 34.52 7.36
CA ALA A 6 -27.56 34.71 6.68
C ALA A 6 -26.93 36.09 6.97
N ARG A 7 -27.73 37.14 6.83
CA ARG A 7 -27.31 38.51 7.19
C ARG A 7 -26.73 38.53 8.61
N ILE A 8 -27.44 37.93 9.57
CA ILE A 8 -26.98 37.85 10.98
C ILE A 8 -25.59 37.16 11.06
N ALA A 9 -25.50 35.99 10.44
CA ALA A 9 -24.26 35.22 10.33
C ALA A 9 -23.07 35.98 9.70
N VAL A 10 -23.35 36.71 8.62
CA VAL A 10 -22.29 37.44 7.91
C VAL A 10 -21.86 38.61 8.76
N SER A 11 -22.84 39.37 9.20
CA SER A 11 -22.60 40.42 10.22
C SER A 11 -21.75 39.92 11.42
N ASN A 12 -22.17 38.83 12.04
CA ASN A 12 -21.42 38.25 13.17
C ASN A 12 -19.96 37.99 12.85
N LEU A 13 -19.70 37.49 11.65
CA LEU A 13 -18.35 37.23 11.19
C LEU A 13 -17.54 38.51 10.95
N HIS A 14 -18.16 39.50 10.34
CA HIS A 14 -17.53 40.81 10.17
C HIS A 14 -17.19 41.43 11.54
N LYS A 15 -18.11 41.28 12.51
CA LYS A 15 -17.84 41.71 13.89
C LYS A 15 -16.64 40.97 14.51
N GLU A 16 -16.49 39.68 14.19
CA GLU A 16 -15.42 38.84 14.75
C GLU A 16 -14.15 38.76 13.88
N THR A 17 -14.00 39.66 12.91
CA THR A 17 -12.85 39.63 12.02
C THR A 17 -12.34 41.02 11.80
N LYS A 18 -11.03 41.15 11.63
CA LYS A 18 -10.45 42.40 11.13
C LYS A 18 -11.01 42.72 9.75
N LYS A 19 -11.16 44.01 9.46
CA LYS A 19 -11.68 44.48 8.19
C LYS A 19 -10.57 44.61 7.11
N VAL A 20 -9.38 45.04 7.49
CA VAL A 20 -8.33 45.32 6.51
C VAL A 20 -7.70 44.02 6.05
N PHE A 21 -7.73 43.79 4.73
CA PHE A 21 -7.28 42.52 4.11
C PHE A 21 -5.82 42.18 4.44
N SER A 22 -4.92 43.17 4.34
CA SER A 22 -3.46 43.02 4.63
C SER A 22 -3.15 42.69 6.09
N ASP A 23 -4.00 43.17 7.01
CA ASP A 23 -3.86 42.84 8.45
C ASP A 23 -4.14 41.36 8.66
N VAL A 24 -5.15 40.85 7.96
CA VAL A 24 -5.51 39.46 8.08
C VAL A 24 -4.44 38.57 7.44
N MET A 25 -3.87 39.05 6.33
CA MET A 25 -2.70 38.36 5.69
C MET A 25 -1.43 38.32 6.58
N GLU A 26 -1.15 39.41 7.28
CA GLU A 26 -0.07 39.43 8.28
C GLU A 26 -0.34 38.44 9.44
N ASP A 27 -1.51 38.53 10.07
CA ASP A 27 -1.86 37.58 11.14
C ASP A 27 -1.64 36.15 10.71
N LEU A 28 -2.09 35.83 9.49
CA LEU A 28 -2.05 34.46 8.97
C LEU A 28 -0.62 33.96 8.76
N TYR A 29 0.23 34.84 8.22
CA TYR A 29 1.62 34.50 8.04
C TYR A 29 2.36 34.29 9.37
N ASN A 30 2.27 35.27 10.26
CA ASN A 30 2.93 35.23 11.60
C ASN A 30 2.37 34.19 12.57
N TYR A 31 1.33 33.44 12.15
CA TYR A 31 0.74 32.42 13.00
C TYR A 31 1.80 31.47 13.57
N ILE A 32 1.59 31.15 14.85
CA ILE A 32 2.50 30.39 15.70
C ILE A 32 1.62 29.39 16.45
N ASN A 33 2.07 28.14 16.51
CA ASN A 33 1.25 27.03 17.03
C ASN A 33 0.71 27.23 18.48
N ASN A 36 4.24 23.71 21.15
CA ASN A 36 5.01 23.64 19.92
C ASN A 36 5.89 24.91 19.71
N GLY A 37 5.21 26.06 19.61
CA GLY A 37 5.84 27.37 19.42
C GLY A 37 6.65 27.55 18.14
N LYS A 38 6.32 26.77 17.10
CA LYS A 38 6.99 26.87 15.80
C LYS A 38 6.17 27.83 14.94
N HIS A 39 6.89 28.72 14.23
CA HIS A 39 6.28 29.58 13.23
C HIS A 39 5.77 28.74 12.05
N SER A 40 4.46 28.51 12.02
CA SER A 40 3.77 27.77 10.95
C SER A 40 2.89 28.70 10.09
N PRO A 41 3.49 29.33 9.07
CA PRO A 41 2.72 30.33 8.33
C PRO A 41 1.52 29.73 7.60
N MET A 42 0.36 30.39 7.70
CA MET A 42 -0.87 29.92 7.06
C MET A 42 -1.06 30.49 5.63
N VAL A 43 -0.10 31.32 5.20
CA VAL A 43 -0.06 31.90 3.87
C VAL A 43 1.42 32.04 3.50
N ALA A 44 1.71 32.08 2.20
CA ALA A 44 3.08 32.10 1.68
C ALA A 44 3.73 33.48 1.80
N LYS A 45 5.03 33.47 2.05
CA LYS A 45 5.85 34.68 2.16
C LYS A 45 5.77 35.54 0.91
N SER A 46 5.93 34.91 -0.25
CA SER A 46 5.79 35.59 -1.56
C SER A 46 4.51 36.40 -1.67
N THR A 47 3.41 35.78 -1.26
CA THR A 47 2.06 36.34 -1.41
C THR A 47 1.94 37.55 -0.49
N LEU A 48 2.34 37.37 0.77
CA LEU A 48 2.35 38.46 1.75
C LEU A 48 3.24 39.61 1.28
N ASP A 49 4.46 39.30 0.84
CA ASP A 49 5.37 40.36 0.36
C ASP A 49 4.68 41.21 -0.72
N ILE A 50 4.06 40.53 -1.69
CA ILE A 50 3.24 41.18 -2.73
C ILE A 50 2.03 41.92 -2.16
N VAL A 51 1.27 41.30 -1.25
CA VAL A 51 0.06 41.98 -0.68
C VAL A 51 0.38 43.33 -0.01
N LEU A 52 1.46 43.36 0.78
CA LEU A 52 1.92 44.57 1.49
C LEU A 52 2.49 45.61 0.55
N ALA A 53 3.25 45.16 -0.44
CA ALA A 53 3.72 46.04 -1.50
C ALA A 53 2.58 46.79 -2.22
N ASN A 54 1.39 46.18 -2.29
CA ASN A 54 0.22 46.79 -2.98
C ASN A 54 -1.02 46.95 -2.10
N LYS A 55 -0.78 47.03 -0.79
CA LYS A 55 -1.83 47.02 0.24
C LYS A 55 -2.87 48.09 0.10
N ASP A 56 -2.48 49.29 -0.29
CA ASP A 56 -3.45 50.38 -0.40
C ASP A 56 -4.48 50.07 -1.50
N ARG A 57 -3.99 49.70 -2.67
CA ARG A 57 -4.87 49.35 -3.79
C ARG A 57 -5.63 48.06 -3.54
N LEU A 58 -4.93 47.04 -3.05
CA LEU A 58 -5.54 45.76 -2.71
C LEU A 58 -6.63 45.80 -1.61
N ASN A 59 -6.37 46.53 -0.51
CA ASN A 59 -7.34 46.71 0.56
C ASN A 59 -8.52 47.56 0.15
N SER A 60 -8.27 48.54 -0.71
CA SER A 60 -9.33 49.43 -1.19
C SER A 60 -10.13 48.83 -2.38
N ALA A 61 -9.62 47.75 -2.98
CA ALA A 61 -10.32 47.07 -4.06
C ALA A 61 -11.50 46.24 -3.56
N ILE A 62 -11.53 45.90 -2.26
CA ILE A 62 -12.42 44.89 -1.73
C ILE A 62 -13.75 45.45 -1.32
N ILE A 63 -14.82 44.78 -1.69
CA ILE A 63 -16.17 45.29 -1.39
C ILE A 63 -16.83 44.33 -0.38
N TYR A 64 -16.75 44.71 0.90
CA TYR A 64 -17.26 43.83 1.99
C TYR A 64 -18.74 43.59 2.02
N ASP A 65 -19.52 44.43 1.35
CA ASP A 65 -20.94 44.13 1.21
C ASP A 65 -21.20 42.86 0.38
N ARG A 66 -20.26 42.45 -0.48
CA ARG A 66 -20.44 41.19 -1.25
C ARG A 66 -20.55 39.92 -0.36
N ASP A 67 -19.89 39.92 0.80
CA ASP A 67 -20.09 38.83 1.81
C ASP A 67 -21.56 38.57 2.10
N PHE A 68 -22.40 39.61 2.00
CA PHE A 68 -23.85 39.50 2.22
C PHE A 68 -24.63 38.87 1.10
N SER A 69 -23.99 38.63 -0.04
CA SER A 69 -24.65 37.94 -1.16
C SER A 69 -24.81 36.44 -0.89
N TYR A 70 -23.98 35.85 -0.03
CA TYR A 70 -24.06 34.39 0.20
C TYR A 70 -25.31 33.99 0.98
N ASN A 71 -25.98 32.96 0.48
CA ASN A 71 -27.11 32.38 1.15
C ASN A 71 -26.59 31.66 2.40
N TYR A 72 -27.53 31.18 3.22
CA TYR A 72 -27.20 30.73 4.57
C TYR A 72 -26.29 29.49 4.57
N PHE A 73 -26.76 28.46 3.89
CA PHE A 73 -26.03 27.20 3.82
C PHE A 73 -24.74 27.35 3.05
N GLY A 74 -24.75 28.15 2.00
CA GLY A 74 -23.51 28.53 1.32
C GLY A 74 -22.51 29.22 2.23
N PHE A 75 -22.96 30.23 2.97
CA PHE A 75 -22.07 30.87 3.95
C PHE A 75 -21.52 29.90 5.02
N LYS A 76 -22.37 29.01 5.54
CA LYS A 76 -21.92 28.03 6.54
C LYS A 76 -20.94 27.01 5.95
N THR A 77 -21.09 26.67 4.68
CA THR A 77 -20.07 25.86 4.00
C THR A 77 -18.75 26.60 3.99
N LEU A 78 -18.76 27.91 3.71
CA LEU A 78 -17.53 28.68 3.65
C LEU A 78 -16.74 28.70 5.00
N GLU A 79 -17.47 28.88 6.09
CA GLU A 79 -16.86 28.99 7.43
C GLU A 79 -16.19 27.69 7.83
N ARG A 80 -16.91 26.59 7.57
CA ARG A 80 -16.43 25.23 7.79
C ARG A 80 -15.12 24.93 7.11
N SER A 81 -15.00 25.25 5.82
CA SER A 81 -13.89 24.73 5.01
C SER A 81 -13.03 25.73 4.29
N TYR A 82 -13.60 26.88 3.93
CA TYR A 82 -12.92 27.77 2.98
C TYR A 82 -12.32 29.04 3.59
N LEU A 83 -12.70 29.36 4.83
CA LEU A 83 -12.12 30.49 5.56
C LEU A 83 -11.08 30.02 6.59
N LEU A 84 -9.81 30.33 6.28
CA LEU A 84 -8.68 30.10 7.14
C LEU A 84 -8.98 30.54 8.57
N LYS A 85 -8.56 29.68 9.51
CA LYS A 85 -8.80 29.84 10.93
C LYS A 85 -7.47 30.01 11.65
N ILE A 86 -7.44 30.93 12.62
CA ILE A 86 -6.38 31.04 13.62
C ILE A 86 -6.95 30.42 14.92
N ASN A 87 -6.34 29.33 15.40
CA ASN A 87 -6.70 28.73 16.70
C ASN A 87 -8.18 28.32 16.81
N GLY A 88 -8.69 27.71 15.75
CA GLY A 88 -10.12 27.34 15.70
C GLY A 88 -11.11 28.46 15.45
N LYS A 89 -10.61 29.69 15.30
CA LYS A 89 -11.46 30.86 15.04
C LYS A 89 -11.21 31.50 13.66
N VAL A 90 -12.30 31.74 12.92
CA VAL A 90 -12.23 32.34 11.57
C VAL A 90 -11.56 33.73 11.59
N ALA A 91 -10.44 33.83 10.86
CA ALA A 91 -9.73 35.07 10.58
C ALA A 91 -10.10 35.69 9.25
N GLU A 92 -10.40 34.86 8.24
CA GLU A 92 -10.70 35.33 6.85
C GLU A 92 -12.20 35.57 6.61
N ARG A 93 -12.55 36.79 6.21
CA ARG A 93 -13.85 37.01 5.57
C ARG A 93 -13.82 36.37 4.16
N PRO A 94 -14.99 35.96 3.64
CA PRO A 94 -15.00 35.46 2.23
C PRO A 94 -14.29 36.38 1.22
N GLN A 95 -14.43 37.69 1.33
CA GLN A 95 -13.74 38.58 0.42
C GLN A 95 -12.23 38.50 0.61
N HIS A 96 -11.79 38.27 1.84
CA HIS A 96 -10.35 38.13 2.11
C HIS A 96 -9.83 36.93 1.36
N MET A 97 -10.59 35.83 1.43
CA MET A 97 -10.19 34.58 0.79
C MET A 97 -10.11 34.66 -0.73
N LEU A 98 -11.09 35.33 -1.34
CA LEU A 98 -11.09 35.54 -2.78
C LEU A 98 -9.92 36.38 -3.27
N MET A 99 -9.57 37.43 -2.53
CA MET A 99 -8.41 38.23 -2.88
C MET A 99 -7.13 37.44 -2.64
N ARG A 100 -7.09 36.64 -1.57
CA ARG A 100 -5.92 35.81 -1.38
C ARG A 100 -5.77 34.90 -2.58
N VAL A 101 -6.87 34.23 -2.93
CA VAL A 101 -6.90 33.39 -4.13
C VAL A 101 -6.45 34.24 -5.32
N SER A 102 -7.04 35.42 -5.49
CA SER A 102 -6.71 36.24 -6.65
C SER A 102 -5.25 36.60 -6.71
N VAL A 103 -4.65 36.95 -5.58
CA VAL A 103 -3.24 37.32 -5.61
C VAL A 103 -2.38 36.08 -5.72
N GLY A 104 -2.82 34.99 -5.11
CA GLY A 104 -2.12 33.69 -5.27
C GLY A 104 -1.88 33.18 -6.70
N ILE A 105 -2.86 33.43 -7.56
CA ILE A 105 -2.81 33.10 -8.98
C ILE A 105 -2.02 34.15 -9.75
N HIS A 106 -2.39 35.39 -9.55
CA HIS A 106 -1.87 36.50 -10.38
C HIS A 106 -0.60 37.19 -9.89
N LYS A 107 -0.28 37.00 -8.62
CA LYS A 107 0.98 37.43 -8.04
C LYS A 107 1.19 38.94 -8.18
N GLU A 108 2.15 39.34 -9.01
CA GLU A 108 2.59 40.73 -9.09
C GLU A 108 1.67 41.53 -10.02
N ASP A 109 0.95 40.83 -10.89
CA ASP A 109 -0.01 41.48 -11.80
C ASP A 109 -1.26 41.88 -11.06
N ILE A 110 -1.18 43.04 -10.43
CA ILE A 110 -2.29 43.59 -9.63
C ILE A 110 -3.57 43.85 -10.42
N ASP A 111 -3.46 44.30 -11.67
CA ASP A 111 -4.66 44.54 -12.48
C ASP A 111 -5.44 43.23 -12.69
N ALA A 112 -4.72 42.18 -13.12
CA ALA A 112 -5.29 40.83 -13.25
C ALA A 112 -5.90 40.32 -11.94
N ALA A 113 -5.20 40.51 -10.83
CA ALA A 113 -5.68 40.00 -9.55
C ALA A 113 -7.01 40.64 -9.16
N ILE A 114 -7.16 41.93 -9.43
CA ILE A 114 -8.37 42.67 -9.10
C ILE A 114 -9.50 42.36 -10.09
N GLU A 115 -9.14 42.19 -11.36
CA GLU A 115 -10.09 41.68 -12.34
C GLU A 115 -10.66 40.33 -11.89
N THR A 116 -9.77 39.42 -11.47
CA THR A 116 -10.23 38.14 -10.99
C THR A 116 -11.04 38.31 -9.69
N TYR A 117 -10.55 39.18 -8.79
CA TYR A 117 -11.23 39.39 -7.54
C TYR A 117 -12.69 39.77 -7.76
N ASN A 118 -12.88 40.76 -8.62
CA ASN A 118 -14.22 41.25 -8.94
C ASN A 118 -15.14 40.23 -9.59
N LEU A 119 -14.60 39.44 -10.51
CA LEU A 119 -15.38 38.38 -11.18
C LEU A 119 -15.78 37.30 -10.18
N LEU A 120 -14.84 36.89 -9.33
CA LEU A 120 -15.14 35.93 -8.30
C LEU A 120 -16.09 36.49 -7.23
N SER A 121 -15.91 37.73 -6.76
CA SER A 121 -16.76 38.20 -5.64
C SER A 121 -18.19 38.51 -6.11
N GLU A 122 -18.34 38.87 -7.39
CA GLU A 122 -19.66 38.98 -8.01
C GLU A 122 -20.25 37.68 -8.55
N ARG A 123 -19.48 36.59 -8.49
CA ARG A 123 -19.98 35.22 -8.68
C ARG A 123 -20.39 34.91 -10.10
N TRP A 124 -19.57 35.40 -11.03
CA TRP A 124 -19.68 35.12 -12.45
C TRP A 124 -19.14 33.73 -12.75
N PHE A 125 -18.21 33.32 -11.88
CA PHE A 125 -17.59 32.04 -11.93
C PHE A 125 -16.87 31.81 -10.62
N THR A 126 -16.41 30.58 -10.46
CA THR A 126 -15.61 30.19 -9.27
C THR A 126 -14.44 29.31 -9.70
N HIS A 127 -13.41 29.28 -8.87
CA HIS A 127 -12.33 28.28 -9.05
C HIS A 127 -12.69 27.07 -8.24
N ALA A 128 -11.93 26.01 -8.45
CA ALA A 128 -12.16 24.75 -7.77
C ALA A 128 -11.72 24.84 -6.31
N SER A 129 -12.42 24.07 -5.45
CA SER A 129 -12.17 24.01 -4.00
C SER A 129 -10.67 23.96 -3.63
N PRO A 130 -9.89 23.03 -4.20
CA PRO A 130 -8.44 23.03 -3.91
C PRO A 130 -7.72 24.33 -4.21
N THR A 131 -8.11 25.04 -5.25
CA THR A 131 -7.56 26.39 -5.55
C THR A 131 -7.95 27.35 -4.42
N LEU A 132 -9.23 27.29 -4.03
CA LEU A 132 -9.80 28.17 -3.00
C LEU A 132 -9.11 27.91 -1.65
N PHE A 133 -8.73 26.66 -1.42
CA PHE A 133 -8.06 26.22 -0.19
C PHE A 133 -6.62 26.69 -0.09
N ASN A 134 -5.87 26.45 -1.16
CA ASN A 134 -4.42 26.50 -1.09
C ASN A 134 -3.79 27.65 -1.85
N ALA A 135 -4.58 28.48 -2.53
CA ALA A 135 -3.96 29.54 -3.32
C ALA A 135 -3.49 30.65 -2.34
N GLY A 136 -2.29 31.17 -2.57
CA GLY A 136 -1.65 32.14 -1.66
C GLY A 136 -1.09 31.49 -0.40
N THR A 137 -0.50 30.33 -0.56
CA THR A 137 -0.14 29.44 0.52
C THR A 137 1.17 28.77 0.11
N ASN A 138 1.83 28.11 1.07
CA ASN A 138 2.99 27.24 0.83
C ASN A 138 2.47 25.86 0.41
N ARG A 139 3.12 25.25 -0.57
CA ARG A 139 2.59 24.01 -1.20
C ARG A 139 1.18 24.26 -1.76
N PRO A 140 1.06 25.23 -2.67
CA PRO A 140 -0.25 25.48 -3.29
C PRO A 140 -0.67 24.35 -4.28
N GLN A 141 -1.42 23.37 -3.75
CA GLN A 141 -2.00 22.27 -4.55
C GLN A 141 -3.42 22.72 -4.97
N LEU A 142 -3.44 23.37 -6.11
CA LEU A 142 -4.60 24.05 -6.68
C LEU A 142 -5.37 23.16 -7.68
N SER A 143 -4.78 22.05 -8.10
CA SER A 143 -5.36 21.20 -9.13
C SER A 143 -6.28 20.24 -8.45
N SER A 144 -7.41 19.91 -9.07
CA SER A 144 -8.46 19.17 -8.35
C SER A 144 -8.26 17.64 -8.26
N CYS A 145 -7.93 17.00 -9.37
CA CYS A 145 -7.84 15.57 -9.38
C CYS A 145 -6.82 15.12 -10.43
N PHE A 146 -6.57 13.80 -10.45
CA PHE A 146 -5.44 13.15 -11.16
C PHE A 146 -5.87 11.84 -11.82
N LEU A 147 -5.09 11.43 -12.81
CA LEU A 147 -5.34 10.20 -13.56
C LEU A 147 -4.05 9.46 -13.72
N LEU A 148 -4.12 8.15 -13.58
CA LEU A 148 -2.94 7.37 -13.84
C LEU A 148 -3.11 5.95 -14.31
N SER A 149 -2.01 5.53 -14.90
CA SER A 149 -1.86 4.20 -15.37
C SER A 149 -0.97 3.43 -14.41
N MET A 150 -1.26 2.15 -14.30
CA MET A 150 -0.40 1.27 -13.56
C MET A 150 0.99 1.33 -14.20
N LYS A 151 2.02 1.52 -13.40
CA LYS A 151 3.39 1.61 -13.93
C LYS A 151 3.86 0.34 -14.69
N ASP A 152 3.52 -0.81 -14.13
CA ASP A 152 4.01 -2.09 -14.61
C ASP A 152 3.16 -3.19 -14.00
N ASP A 153 3.11 -4.34 -14.65
CA ASP A 153 2.44 -5.55 -14.14
C ASP A 153 3.46 -6.36 -13.28
N SER A 154 3.84 -5.76 -12.17
CA SER A 154 4.85 -6.29 -11.23
C SER A 154 4.58 -5.66 -9.84
N ILE A 155 4.92 -6.41 -8.79
CA ILE A 155 4.89 -5.90 -7.41
C ILE A 155 5.58 -4.52 -7.34
N GLU A 156 6.74 -4.38 -7.97
CA GLU A 156 7.48 -3.10 -8.05
C GLU A 156 6.60 -1.97 -8.59
N GLY A 157 5.99 -2.17 -9.75
CA GLY A 157 5.15 -1.13 -10.38
C GLY A 157 3.83 -0.91 -9.65
N ILE A 158 3.22 -1.99 -9.18
CA ILE A 158 2.00 -1.93 -8.42
C ILE A 158 2.18 -1.10 -7.14
N TYR A 159 3.26 -1.35 -6.41
CA TYR A 159 3.59 -0.64 -5.17
C TYR A 159 4.13 0.77 -5.41
N ASP A 160 4.84 0.99 -6.52
CA ASP A 160 5.19 2.36 -6.95
C ASP A 160 3.93 3.15 -7.27
N THR A 161 2.96 2.53 -7.92
CA THR A 161 1.68 3.20 -8.19
C THR A 161 0.84 3.44 -6.91
N LEU A 162 0.92 2.52 -5.94
CA LEU A 162 0.18 2.67 -4.69
C LEU A 162 0.67 3.91 -3.92
N LYS A 163 1.98 4.06 -3.83
CA LYS A 163 2.64 5.23 -3.24
C LYS A 163 2.25 6.55 -3.93
N GLN A 164 2.29 6.55 -5.27
CA GLN A 164 1.80 7.69 -6.08
C GLN A 164 0.42 8.07 -5.62
N CYS A 165 -0.49 7.11 -5.62
CA CYS A 165 -1.84 7.31 -5.10
C CYS A 165 -1.91 7.82 -3.65
N ALA A 166 -1.10 7.23 -2.76
CA ALA A 166 -1.07 7.70 -1.39
C ALA A 166 -0.57 9.16 -1.30
N LEU A 167 0.53 9.51 -1.96
CA LEU A 167 1.05 10.88 -1.95
C LEU A 167 0.02 11.89 -2.48
N ILE A 168 -0.55 11.58 -3.65
CA ILE A 168 -1.62 12.41 -4.26
C ILE A 168 -2.86 12.54 -3.35
N SER A 169 -3.37 11.42 -2.82
CA SER A 169 -4.54 11.47 -1.96
C SER A 169 -4.30 12.31 -0.72
N LYS A 170 -3.11 12.19 -0.13
CA LYS A 170 -2.73 13.04 1.04
C LYS A 170 -2.78 14.56 0.69
N SER A 171 -2.37 14.93 -0.52
CA SER A 171 -2.39 16.33 -0.97
C SER A 171 -3.74 16.78 -1.59
N ALA A 172 -4.86 16.20 -1.12
CA ALA A 172 -6.25 16.55 -1.53
C ALA A 172 -6.67 16.26 -3.00
N GLY A 173 -6.02 15.28 -3.63
CA GLY A 173 -6.34 14.89 -5.00
C GLY A 173 -7.23 13.68 -5.05
N GLY A 174 -8.27 13.75 -5.87
CA GLY A 174 -9.00 12.58 -6.38
C GLY A 174 -8.24 11.91 -7.52
N ILE A 175 -8.51 10.63 -7.72
CA ILE A 175 -7.69 9.81 -8.60
C ILE A 175 -8.60 8.98 -9.51
N GLY A 176 -8.20 8.86 -10.78
CA GLY A 176 -8.69 7.79 -11.67
C GLY A 176 -7.51 6.89 -11.94
N VAL A 177 -7.70 5.56 -11.86
CA VAL A 177 -6.61 4.57 -12.05
C VAL A 177 -6.95 3.52 -13.10
N ALA A 178 -6.12 3.42 -14.14
CA ALA A 178 -6.23 2.32 -15.14
C ALA A 178 -5.55 1.06 -14.63
N VAL A 179 -6.31 -0.02 -14.43
CA VAL A 179 -5.75 -1.29 -13.92
C VAL A 179 -5.90 -2.56 -14.82
N SER A 180 -6.28 -2.38 -16.09
CA SER A 180 -6.46 -3.53 -16.98
C SER A 180 -5.20 -4.34 -17.30
N CYS A 181 -4.04 -3.70 -17.23
CA CYS A 181 -2.78 -4.29 -17.59
C CYS A 181 -2.27 -5.24 -16.49
N ILE A 182 -2.99 -5.32 -15.37
CA ILE A 182 -2.62 -6.15 -14.22
C ILE A 182 -3.22 -7.53 -14.45
N ARG A 183 -2.43 -8.58 -14.27
CA ARG A 183 -2.93 -9.91 -14.54
C ARG A 183 -3.92 -10.42 -13.52
N ALA A 184 -4.69 -11.37 -14.00
CA ALA A 184 -5.87 -11.81 -13.37
C ALA A 184 -5.58 -13.00 -12.46
N THR A 185 -6.64 -13.41 -11.76
CA THR A 185 -6.62 -14.52 -10.85
C THR A 185 -6.28 -15.83 -11.56
N GLY A 186 -5.49 -16.66 -10.90
CA GLY A 186 -5.04 -17.98 -11.40
C GLY A 186 -3.90 -17.97 -12.42
N SER A 187 -3.32 -16.80 -12.71
CA SER A 187 -2.40 -16.61 -13.86
C SER A 187 -0.92 -16.83 -13.50
N TYR A 188 -0.16 -17.41 -14.43
CA TYR A 188 1.23 -17.88 -14.18
C TYR A 188 2.18 -16.73 -13.82
N ILE A 189 3.19 -17.05 -13.00
CA ILE A 189 4.26 -16.11 -12.61
C ILE A 189 5.59 -16.84 -12.78
N ALA A 190 6.45 -16.33 -13.67
CA ALA A 190 7.83 -16.84 -13.84
C ALA A 190 8.88 -15.83 -13.34
N SER A 196 -0.67 -16.18 -9.49
CA SER A 196 -1.07 -14.80 -9.29
C SER A 196 -2.45 -14.67 -8.67
N ASN A 197 -2.49 -13.90 -7.56
CA ASN A 197 -3.72 -13.63 -6.80
C ASN A 197 -4.68 -12.74 -7.58
N GLY A 198 -4.10 -11.90 -8.44
CA GLY A 198 -4.91 -11.13 -9.38
C GLY A 198 -5.38 -9.83 -8.77
N LEU A 199 -6.54 -9.39 -9.24
CA LEU A 199 -6.95 -7.99 -9.17
C LEU A 199 -7.66 -7.65 -7.86
N VAL A 200 -8.59 -8.50 -7.42
CA VAL A 200 -9.36 -8.27 -6.19
C VAL A 200 -8.52 -8.03 -4.92
N PRO A 201 -7.56 -8.95 -4.61
CA PRO A 201 -6.64 -8.72 -3.49
C PRO A 201 -5.73 -7.51 -3.70
N MET A 202 -5.36 -7.20 -4.95
CA MET A 202 -4.58 -5.96 -5.18
C MET A 202 -5.42 -4.71 -4.86
N LEU A 203 -6.71 -4.75 -5.22
CA LEU A 203 -7.59 -3.61 -5.02
C LEU A 203 -7.89 -3.39 -3.52
N ARG A 204 -7.96 -4.49 -2.75
CA ARG A 204 -8.05 -4.40 -1.27
C ARG A 204 -6.93 -3.57 -0.66
N VAL A 205 -5.72 -3.73 -1.18
CA VAL A 205 -4.57 -2.93 -0.72
C VAL A 205 -4.82 -1.42 -1.01
N TYR A 206 -5.35 -1.14 -2.19
CA TYR A 206 -5.66 0.26 -2.62
C TYR A 206 -6.81 0.80 -1.79
N ASN A 207 -7.76 -0.07 -1.50
CA ASN A 207 -8.89 0.29 -0.66
C ASN A 207 -8.47 0.74 0.74
N ASN A 208 -7.68 -0.11 1.40
CA ASN A 208 -7.19 0.24 2.72
C ASN A 208 -6.30 1.48 2.69
N THR A 209 -5.58 1.66 1.60
CA THR A 209 -4.77 2.88 1.43
C THR A 209 -5.68 4.17 1.34
N ALA A 210 -6.81 4.07 0.65
CA ALA A 210 -7.75 5.20 0.58
C ALA A 210 -8.28 5.57 2.00
N ARG A 211 -8.69 4.54 2.74
CA ARG A 211 -9.10 4.68 4.17
C ARG A 211 -8.03 5.29 5.07
N TYR A 212 -6.79 4.82 4.92
CA TYR A 212 -5.65 5.32 5.70
C TYR A 212 -5.20 6.77 5.41
N VAL A 213 -5.26 7.16 4.13
CA VAL A 213 -4.80 8.49 3.74
C VAL A 213 -5.97 9.33 3.31
N ASP A 214 -6.46 10.15 4.24
CA ASP A 214 -7.59 11.05 4.01
C ASP A 214 -7.17 12.27 3.16
N LYS A 219 -11.18 16.32 7.36
CA LYS A 219 -10.72 15.06 6.77
C LYS A 219 -11.80 14.43 5.85
N ARG A 220 -11.42 14.05 4.63
CA ARG A 220 -12.26 13.25 3.70
C ARG A 220 -11.48 11.96 3.16
N PRO A 221 -12.03 10.71 3.39
CA PRO A 221 -11.35 9.46 2.90
C PRO A 221 -10.98 9.46 1.39
N GLY A 222 -9.75 9.01 1.09
CA GLY A 222 -9.13 9.07 -0.24
C GLY A 222 -10.09 8.60 -1.31
N ALA A 223 -10.13 9.33 -2.44
CA ALA A 223 -11.14 9.10 -3.49
C ALA A 223 -10.49 8.52 -4.76
N PHE A 224 -10.55 7.19 -4.93
CA PHE A 224 -9.93 6.43 -6.03
C PHE A 224 -11.02 5.75 -6.89
N ALA A 225 -11.05 6.10 -8.17
CA ALA A 225 -11.90 5.45 -9.14
C ALA A 225 -11.07 4.46 -9.95
N ILE A 226 -11.53 3.21 -9.98
CA ILE A 226 -10.81 2.15 -10.68
C ILE A 226 -11.45 1.87 -12.03
N TYR A 227 -10.64 1.99 -13.07
CA TYR A 227 -11.11 1.79 -14.44
C TYR A 227 -10.66 0.41 -15.00
N LEU A 228 -11.62 -0.46 -15.31
CA LEU A 228 -11.35 -1.74 -15.91
C LEU A 228 -12.03 -1.84 -17.29
N GLU A 229 -11.35 -2.46 -18.26
CA GLU A 229 -11.95 -2.84 -19.56
C GLU A 229 -12.67 -4.20 -19.41
N PRO A 230 -13.91 -4.30 -19.93
CA PRO A 230 -14.75 -5.48 -19.72
C PRO A 230 -14.27 -6.80 -20.36
N TRP A 231 -13.15 -6.78 -21.08
CA TRP A 231 -12.49 -8.01 -21.54
C TRP A 231 -11.62 -8.68 -20.46
N HIS A 232 -11.24 -7.93 -19.44
CA HIS A 232 -10.42 -8.49 -18.38
C HIS A 232 -11.10 -9.69 -17.70
N LEU A 233 -10.34 -10.78 -17.54
CA LEU A 233 -10.84 -12.01 -16.92
C LEU A 233 -11.50 -11.85 -15.55
N ASP A 234 -11.05 -10.87 -14.76
CA ASP A 234 -11.62 -10.61 -13.45
C ASP A 234 -12.87 -9.71 -13.43
N ILE A 235 -13.39 -9.36 -14.61
CA ILE A 235 -14.48 -8.41 -14.71
C ILE A 235 -15.69 -8.72 -13.80
N PHE A 236 -16.14 -9.98 -13.73
CA PHE A 236 -17.31 -10.33 -12.87
C PHE A 236 -17.08 -10.04 -11.37
N GLU A 237 -15.87 -10.30 -10.91
CA GLU A 237 -15.48 -10.08 -9.53
C GLU A 237 -15.35 -8.57 -9.24
N PHE A 238 -14.69 -7.82 -10.14
CA PHE A 238 -14.73 -6.34 -10.14
C PHE A 238 -16.12 -5.78 -9.83
N LEU A 239 -17.12 -6.29 -10.55
CA LEU A 239 -18.51 -5.81 -10.39
C LEU A 239 -19.15 -6.06 -9.01
N ASP A 240 -18.65 -7.05 -8.28
CA ASP A 240 -19.09 -7.30 -6.90
C ASP A 240 -18.44 -6.43 -5.83
N LEU A 241 -17.27 -5.87 -6.09
CA LEU A 241 -16.48 -5.19 -5.06
C LEU A 241 -17.13 -4.06 -4.24
N LYS A 242 -18.13 -3.40 -4.82
CA LYS A 242 -18.84 -2.31 -4.13
C LYS A 242 -20.12 -2.79 -3.41
N LYS A 243 -20.50 -4.05 -3.63
CA LYS A 243 -21.73 -4.58 -3.02
C LYS A 243 -21.65 -4.63 -1.50
N ASN A 244 -22.73 -4.16 -0.87
CA ASN A 244 -22.84 -4.08 0.59
C ASN A 244 -23.11 -5.46 1.22
N THR A 245 -23.20 -6.52 0.39
CA THR A 245 -23.34 -7.90 0.89
C THR A 245 -22.23 -8.80 0.32
N GLY A 246 -21.34 -9.29 1.20
CA GLY A 246 -20.30 -10.27 0.86
C GLY A 246 -19.21 -10.45 1.93
N LYS A 247 -18.26 -11.34 1.65
CA LYS A 247 -17.09 -11.54 2.51
C LYS A 247 -16.09 -10.38 2.39
N GLU A 248 -15.62 -9.85 3.52
CA GLU A 248 -14.61 -8.78 3.58
C GLU A 248 -13.41 -8.93 2.63
N GLU A 249 -12.91 -10.16 2.48
CA GLU A 249 -11.84 -10.53 1.52
C GLU A 249 -12.23 -10.42 0.02
N GLN A 250 -13.54 -10.41 -0.25
CA GLN A 250 -14.07 -10.30 -1.62
C GLN A 250 -14.63 -8.89 -1.98
N ARG A 251 -14.35 -7.88 -1.14
CA ARG A 251 -14.98 -6.56 -1.25
C ARG A 251 -13.99 -5.42 -1.10
N ALA A 252 -14.38 -4.26 -1.63
CA ALA A 252 -13.62 -3.01 -1.50
C ALA A 252 -14.57 -1.80 -1.69
N ARG A 253 -15.23 -1.44 -0.57
CA ARG A 253 -16.35 -0.50 -0.51
C ARG A 253 -15.99 0.99 -0.52
N ASP A 254 -14.77 1.31 -0.17
CA ASP A 254 -14.28 2.68 -0.22
C ASP A 254 -13.73 3.12 -1.58
N LEU A 255 -13.56 2.18 -2.50
CA LEU A 255 -13.20 2.52 -3.87
C LEU A 255 -14.41 2.85 -4.70
N PHE A 256 -14.14 3.49 -5.84
CA PHE A 256 -15.16 3.83 -6.83
C PHE A 256 -14.83 3.09 -8.11
N PHE A 257 -15.87 2.71 -8.86
CA PHE A 257 -15.71 1.79 -10.01
C PHE A 257 -16.23 2.34 -11.33
N ALA A 258 -15.43 2.15 -12.38
CA ALA A 258 -15.78 2.59 -13.73
C ALA A 258 -15.40 1.51 -14.74
N LEU A 259 -16.20 1.35 -15.79
CA LEU A 259 -15.85 0.53 -16.93
C LEU A 259 -15.41 1.43 -18.09
N TRP A 260 -14.36 0.99 -18.79
CA TRP A 260 -13.77 1.69 -19.93
C TRP A 260 -14.09 0.81 -21.10
N ILE A 261 -15.12 1.19 -21.88
CA ILE A 261 -15.89 0.24 -22.68
C ILE A 261 -15.68 0.35 -24.19
N PRO A 262 -15.22 -0.74 -24.85
CA PRO A 262 -15.07 -0.71 -26.30
C PRO A 262 -16.37 -0.89 -27.04
N ASP A 263 -16.50 -0.23 -28.19
CA ASP A 263 -17.63 -0.43 -29.11
C ASP A 263 -17.94 -1.90 -29.34
N LEU A 264 -16.89 -2.68 -29.52
CA LEU A 264 -17.02 -4.12 -29.80
C LEU A 264 -17.83 -4.82 -28.73
N PHE A 265 -17.69 -4.43 -27.48
CA PHE A 265 -18.47 -5.06 -26.42
C PHE A 265 -19.97 -4.80 -26.62
N MET A 266 -20.30 -3.54 -26.86
CA MET A 266 -21.68 -3.10 -26.97
C MET A 266 -22.29 -3.72 -28.23
N LYS A 267 -21.56 -3.69 -29.32
CA LYS A 267 -21.98 -4.39 -30.56
C LYS A 267 -22.37 -5.87 -30.38
N ARG A 268 -21.55 -6.61 -29.63
CA ARG A 268 -21.79 -8.01 -29.36
C ARG A 268 -22.90 -8.28 -28.35
N VAL A 269 -23.12 -7.32 -27.44
CA VAL A 269 -24.24 -7.37 -26.52
C VAL A 269 -25.50 -7.21 -27.36
N GLU A 270 -25.50 -6.18 -28.19
CA GLU A 270 -26.63 -5.89 -29.04
C GLU A 270 -27.02 -7.07 -29.93
N THR A 271 -26.04 -7.83 -30.44
CA THR A 271 -26.30 -8.95 -31.35
C THR A 271 -26.28 -10.32 -30.67
N ASN A 272 -26.22 -10.33 -29.35
CA ASN A 272 -26.16 -11.56 -28.59
C ASN A 272 -25.06 -12.55 -29.01
N GLN A 273 -23.87 -12.01 -29.30
CA GLN A 273 -22.66 -12.76 -29.59
C GLN A 273 -21.92 -13.18 -28.29
N ASP A 274 -20.96 -14.08 -28.47
CA ASP A 274 -20.05 -14.51 -27.40
C ASP A 274 -19.05 -13.40 -27.05
N TRP A 275 -18.54 -13.43 -25.81
CA TRP A 275 -17.56 -12.45 -25.33
C TRP A 275 -16.45 -13.20 -24.67
N SER A 276 -15.21 -12.89 -25.05
CA SER A 276 -14.03 -13.57 -24.51
C SER A 276 -13.32 -12.73 -23.43
N LEU A 277 -13.13 -13.36 -22.27
CA LEU A 277 -12.39 -12.81 -21.17
C LEU A 277 -10.93 -13.29 -21.28
N MET A 278 -10.01 -12.32 -21.28
CA MET A 278 -8.56 -12.53 -21.45
C MET A 278 -7.73 -12.03 -20.27
N CYS A 279 -6.59 -12.69 -20.08
CA CYS A 279 -5.53 -12.31 -19.17
C CYS A 279 -4.61 -11.33 -19.89
N PRO A 280 -4.38 -10.13 -19.35
CA PRO A 280 -3.55 -9.16 -20.08
C PRO A 280 -2.07 -9.55 -20.30
N ASN A 281 -1.48 -10.33 -19.40
CA ASN A 281 -0.11 -10.86 -19.58
C ASN A 281 -0.04 -11.84 -20.81
N GLU A 282 -1.04 -12.70 -20.96
CA GLU A 282 -1.21 -13.55 -22.15
C GLU A 282 -1.60 -12.77 -23.44
N CYS A 283 -2.43 -11.72 -23.28
CA CYS A 283 -3.07 -10.97 -24.39
C CYS A 283 -2.73 -9.51 -24.25
N PRO A 284 -1.44 -9.16 -24.38
CA PRO A 284 -0.99 -7.81 -24.03
C PRO A 284 -1.46 -6.77 -25.03
N GLY A 285 -1.50 -5.52 -24.58
CA GLY A 285 -1.59 -4.36 -25.46
C GLY A 285 -3.00 -3.93 -25.83
N LEU A 286 -4.02 -4.61 -25.29
CA LEU A 286 -5.40 -4.28 -25.58
C LEU A 286 -5.83 -2.88 -25.10
N ASP A 287 -5.17 -2.39 -24.06
CA ASP A 287 -5.45 -1.07 -23.51
C ASP A 287 -4.62 0.03 -24.17
N GLU A 288 -3.67 -0.37 -25.04
CA GLU A 288 -2.86 0.57 -25.81
C GLU A 288 -3.30 0.84 -27.23
N VAL A 289 -4.43 0.25 -27.63
CA VAL A 289 -5.03 0.49 -28.95
C VAL A 289 -6.51 0.66 -28.71
N TRP A 290 -7.17 1.35 -29.64
CA TRP A 290 -8.60 1.60 -29.57
C TRP A 290 -9.23 1.34 -30.95
N GLY A 291 -10.57 1.32 -30.96
CA GLY A 291 -11.36 1.15 -32.18
C GLY A 291 -10.90 -0.02 -33.06
N GLU A 292 -10.91 0.20 -34.36
CA GLU A 292 -10.59 -0.82 -35.34
C GLU A 292 -9.32 -1.61 -34.96
N GLU A 293 -8.28 -0.88 -34.57
CA GLU A 293 -7.00 -1.45 -34.18
C GLU A 293 -7.19 -2.42 -32.97
N PHE A 294 -7.97 -2.03 -31.97
CA PHE A 294 -8.34 -2.93 -30.88
C PHE A 294 -9.12 -4.13 -31.38
N GLU A 295 -10.10 -3.89 -32.25
CA GLU A 295 -11.02 -4.94 -32.72
C GLU A 295 -10.27 -6.03 -33.49
N LYS A 296 -9.21 -5.63 -34.18
CA LYS A 296 -8.29 -6.54 -34.86
C LYS A 296 -7.44 -7.30 -33.89
N LEU A 297 -6.83 -6.58 -32.94
CA LEU A 297 -6.03 -7.26 -31.92
C LEU A 297 -6.86 -8.25 -31.08
N TYR A 298 -8.01 -7.78 -30.61
CA TYR A 298 -8.88 -8.63 -29.81
C TYR A 298 -9.29 -9.86 -30.61
N ALA A 299 -9.84 -9.67 -31.84
CA ALA A 299 -10.28 -10.81 -32.72
C ALA A 299 -9.19 -11.82 -32.97
N SER A 300 -7.99 -11.31 -33.22
CA SER A 300 -6.82 -12.12 -33.48
C SER A 300 -6.45 -12.98 -32.25
N TYR A 301 -6.56 -12.45 -31.06
CA TYR A 301 -6.33 -13.25 -29.84
C TYR A 301 -7.38 -14.34 -29.67
N GLU A 302 -8.63 -14.04 -30.01
CA GLU A 302 -9.69 -15.04 -29.96
C GLU A 302 -9.35 -16.21 -30.92
N LYS A 303 -8.86 -15.87 -32.10
CA LYS A 303 -8.59 -16.87 -33.12
C LYS A 303 -7.32 -17.67 -32.82
N GLN A 304 -6.39 -17.06 -32.07
CA GLN A 304 -5.25 -17.80 -31.49
C GLN A 304 -5.60 -18.63 -30.25
N GLY A 305 -6.86 -18.65 -29.83
CA GLY A 305 -7.27 -19.25 -28.53
C GLY A 305 -6.52 -18.78 -27.29
N ARG A 306 -6.08 -17.52 -27.30
CA ARG A 306 -5.45 -16.93 -26.17
C ARG A 306 -6.59 -16.33 -25.36
N VAL A 307 -7.41 -17.19 -24.75
CA VAL A 307 -8.71 -16.81 -24.17
C VAL A 307 -8.91 -17.70 -22.96
N ARG A 308 -9.12 -17.10 -21.80
CA ARG A 308 -9.25 -17.85 -20.54
C ARG A 308 -10.68 -18.27 -20.22
N LYS A 309 -11.65 -17.55 -20.76
CA LYS A 309 -13.07 -17.89 -20.58
C LYS A 309 -13.93 -17.21 -21.62
N VAL A 310 -15.03 -17.87 -21.96
CA VAL A 310 -15.98 -17.34 -22.92
C VAL A 310 -17.30 -17.32 -22.20
N VAL A 311 -17.95 -16.17 -22.28
CA VAL A 311 -19.30 -16.00 -21.80
C VAL A 311 -20.15 -15.41 -22.93
N LYS A 312 -21.46 -15.49 -22.77
CA LYS A 312 -22.35 -14.68 -23.54
C LYS A 312 -22.13 -13.20 -23.12
N ALA A 313 -21.88 -12.30 -24.08
CA ALA A 313 -21.79 -10.85 -23.83
C ALA A 313 -22.93 -10.38 -22.97
N GLN A 314 -24.12 -10.96 -23.21
CA GLN A 314 -25.32 -10.60 -22.49
C GLN A 314 -25.33 -11.00 -21.04
N GLN A 315 -24.57 -12.03 -20.67
CA GLN A 315 -24.43 -12.42 -19.25
C GLN A 315 -23.63 -11.37 -18.47
N LEU A 316 -22.55 -10.86 -19.08
CA LEU A 316 -21.75 -9.77 -18.51
C LEU A 316 -22.55 -8.44 -18.48
N TRP A 317 -23.28 -8.15 -19.55
CA TRP A 317 -24.23 -7.02 -19.60
C TRP A 317 -25.16 -7.04 -18.40
N TYR A 318 -25.85 -8.16 -18.19
CA TYR A 318 -26.76 -8.32 -17.02
C TYR A 318 -26.08 -8.05 -15.68
N ALA A 319 -24.89 -8.59 -15.50
CA ALA A 319 -24.16 -8.34 -14.26
C ALA A 319 -23.73 -6.89 -14.08
N ILE A 320 -23.44 -6.19 -15.19
CA ILE A 320 -23.16 -4.74 -15.14
C ILE A 320 -24.40 -3.99 -14.62
N ILE A 321 -25.55 -4.34 -15.15
CA ILE A 321 -26.80 -3.69 -14.78
C ILE A 321 -27.30 -4.03 -13.38
N GLU A 322 -27.19 -5.29 -13.00
CA GLU A 322 -27.39 -5.72 -11.62
C GLU A 322 -26.56 -4.86 -10.67
N SER A 323 -25.27 -4.73 -10.96
CA SER A 323 -24.35 -3.93 -10.13
C SER A 323 -24.84 -2.45 -9.94
N GLN A 324 -25.25 -1.82 -11.02
CA GLN A 324 -25.75 -0.44 -11.03
C GLN A 324 -27.06 -0.29 -10.25
N THR A 325 -28.00 -1.21 -10.47
CA THR A 325 -29.27 -1.27 -9.72
C THR A 325 -29.04 -1.30 -8.20
N GLU A 326 -28.02 -2.04 -7.77
CA GLU A 326 -27.65 -2.18 -6.37
C GLU A 326 -26.87 -0.98 -5.81
N THR A 327 -25.77 -0.59 -6.47
CA THR A 327 -24.82 0.45 -5.98
C THR A 327 -24.81 1.77 -6.76
N GLY A 328 -25.46 1.84 -7.91
CA GLY A 328 -25.36 3.03 -8.78
C GLY A 328 -24.09 3.12 -9.65
N THR A 329 -23.28 2.06 -9.62
CA THR A 329 -21.97 1.98 -10.28
C THR A 329 -21.85 0.59 -10.94
N PRO A 330 -21.01 0.40 -11.92
CA PRO A 330 -19.95 1.28 -12.33
C PRO A 330 -20.39 2.40 -13.26
N TYR A 331 -19.55 3.43 -13.26
CA TYR A 331 -19.62 4.50 -14.24
C TYR A 331 -19.39 3.87 -15.61
N MET A 332 -20.09 4.40 -16.62
CA MET A 332 -20.01 3.93 -17.98
C MET A 332 -19.26 4.91 -18.89
N LEU A 333 -18.03 4.54 -19.29
CA LEU A 333 -17.25 5.33 -20.25
C LEU A 333 -17.03 4.57 -21.55
N TYR A 334 -17.12 5.31 -22.67
CA TYR A 334 -16.96 4.71 -24.00
C TYR A 334 -15.57 5.01 -24.57
N LYS A 335 -14.67 4.05 -24.34
CA LYS A 335 -13.23 4.15 -24.68
C LYS A 335 -12.97 4.71 -26.09
N ASP A 336 -13.65 4.13 -27.06
CA ASP A 336 -13.47 4.45 -28.46
C ASP A 336 -13.95 5.88 -28.80
N SER A 337 -15.11 6.27 -28.25
CA SER A 337 -15.60 7.67 -28.37
C SER A 337 -14.68 8.68 -27.70
N CYS A 338 -14.21 8.34 -26.51
CA CYS A 338 -13.19 9.16 -25.83
C CYS A 338 -11.91 9.37 -26.65
N ASN A 339 -11.39 8.28 -27.23
CA ASN A 339 -10.14 8.34 -27.98
C ASN A 339 -10.31 8.96 -29.38
N ARG A 340 -11.41 8.60 -30.07
CA ARG A 340 -11.70 9.11 -31.42
C ARG A 340 -11.88 10.63 -31.43
N LYS A 341 -12.52 11.14 -30.37
CA LYS A 341 -12.85 12.57 -30.30
C LYS A 341 -11.99 13.34 -29.31
N SER A 342 -10.71 12.95 -29.19
CA SER A 342 -9.79 13.63 -28.31
C SER A 342 -8.66 14.37 -29.07
N ASN A 343 -8.43 15.61 -28.66
CA ASN A 343 -7.31 16.36 -29.19
C ASN A 343 -5.96 15.81 -28.73
N GLN A 344 -5.99 14.95 -27.72
CA GLN A 344 -4.78 14.29 -27.23
C GLN A 344 -4.43 12.96 -27.93
N GLN A 345 -5.19 12.54 -28.94
CA GLN A 345 -4.92 11.26 -29.64
C GLN A 345 -3.54 11.16 -30.29
N ASN A 346 -2.89 12.28 -30.60
CA ASN A 346 -1.51 12.25 -31.08
C ASN A 346 -0.50 11.68 -30.07
N LEU A 347 -0.84 11.60 -28.78
CA LEU A 347 0.08 11.09 -27.74
C LEU A 347 0.02 9.57 -27.56
N GLY A 348 -1.09 8.95 -27.99
CA GLY A 348 -1.30 7.51 -27.81
C GLY A 348 -2.68 7.30 -27.27
N THR A 349 -3.02 6.04 -27.05
CA THR A 349 -4.34 5.61 -26.51
C THR A 349 -4.60 6.04 -25.05
N ILE A 350 -5.73 6.73 -24.85
CA ILE A 350 -6.14 7.14 -23.53
C ILE A 350 -6.78 5.95 -22.78
N LYS A 351 -6.22 5.66 -21.61
CA LYS A 351 -6.56 4.45 -20.88
C LYS A 351 -7.65 4.59 -19.85
N CYS A 352 -7.95 5.82 -19.43
CA CYS A 352 -9.01 6.05 -18.45
C CYS A 352 -9.47 7.50 -18.40
N SER A 353 -10.60 7.66 -17.73
CA SER A 353 -11.02 8.96 -17.22
C SER A 353 -10.61 9.08 -15.75
N ASN A 354 -11.22 10.04 -15.06
CA ASN A 354 -10.91 10.44 -13.69
C ASN A 354 -12.02 10.06 -12.67
N LEU A 355 -11.85 10.50 -11.44
CA LEU A 355 -12.80 10.28 -10.38
C LEU A 355 -14.24 10.65 -10.74
N CYS A 356 -14.41 11.75 -11.46
CA CYS A 356 -15.75 12.29 -11.74
C CYS A 356 -16.29 12.10 -13.15
N THR A 357 -15.52 11.38 -13.95
CA THR A 357 -15.87 10.99 -15.34
C THR A 357 -15.85 12.09 -16.41
N GLU A 358 -15.41 13.29 -16.07
CA GLU A 358 -15.43 14.41 -17.04
C GLU A 358 -14.11 14.64 -17.76
N ILE A 359 -13.02 14.04 -17.26
CA ILE A 359 -11.69 14.32 -17.78
C ILE A 359 -11.18 13.12 -18.56
N VAL A 360 -10.64 13.42 -19.72
CA VAL A 360 -10.24 12.42 -20.69
C VAL A 360 -8.87 12.86 -21.16
N GLU A 361 -7.88 12.41 -20.39
CA GLU A 361 -6.49 12.79 -20.58
C GLU A 361 -5.57 11.59 -20.57
N TYR A 362 -4.49 11.75 -21.33
CA TYR A 362 -3.49 10.73 -21.55
C TYR A 362 -2.62 10.42 -20.32
N THR A 363 -2.44 9.12 -20.08
CA THR A 363 -1.53 8.66 -19.03
C THR A 363 -0.57 7.62 -19.59
N SER A 364 0.59 7.57 -18.97
CA SER A 364 1.63 6.58 -19.25
C SER A 364 2.38 6.40 -17.95
N LYS A 365 3.33 5.47 -17.96
CA LYS A 365 4.15 5.25 -16.77
C LYS A 365 4.94 6.53 -16.38
N ASP A 366 5.28 7.35 -17.38
CA ASP A 366 5.94 8.67 -17.20
C ASP A 366 5.00 9.85 -16.89
N GLU A 367 3.68 9.68 -17.02
CA GLU A 367 2.75 10.80 -16.98
C GLU A 367 1.49 10.47 -16.18
N VAL A 368 1.23 11.35 -15.23
CA VAL A 368 0.05 11.33 -14.40
C VAL A 368 -0.69 12.57 -14.87
N ALA A 369 -1.88 12.39 -15.43
CA ALA A 369 -2.61 13.55 -15.97
C ALA A 369 -3.26 14.33 -14.83
N VAL A 370 -3.40 15.63 -15.04
CA VAL A 370 -3.92 16.54 -14.02
C VAL A 370 -5.14 17.29 -14.55
N CYS A 371 -6.08 17.55 -13.64
CA CYS A 371 -7.36 18.22 -13.86
C CYS A 371 -7.25 19.61 -13.22
N ASN A 372 -7.06 20.63 -14.03
CA ASN A 372 -7.05 22.01 -13.57
C ASN A 372 -8.44 22.56 -13.90
N LEU A 373 -9.24 22.91 -12.88
CA LEU A 373 -10.70 23.10 -13.05
C LEU A 373 -11.27 24.46 -12.58
N ALA A 374 -12.34 24.91 -13.25
CA ALA A 374 -13.14 26.08 -12.83
C ALA A 374 -14.53 25.97 -13.41
N SER A 375 -15.48 26.71 -12.84
CA SER A 375 -16.84 26.66 -13.35
C SER A 375 -17.46 28.03 -13.45
N LEU A 376 -18.12 28.22 -14.60
CA LEU A 376 -18.86 29.40 -14.90
C LEU A 376 -20.29 29.24 -14.41
N ALA A 377 -20.81 30.30 -13.81
CA ALA A 377 -22.17 30.36 -13.28
C ALA A 377 -23.18 30.91 -14.33
N LEU A 378 -23.77 29.96 -15.06
CA LEU A 378 -24.54 30.31 -16.23
C LEU A 378 -25.77 31.20 -15.97
N ASN A 379 -26.40 31.05 -14.80
CA ASN A 379 -27.41 32.00 -14.26
C ASN A 379 -27.07 33.50 -14.44
N MET A 380 -25.79 33.86 -14.29
CA MET A 380 -25.36 35.27 -14.26
C MET A 380 -25.44 36.00 -15.59
N TYR A 381 -25.58 35.28 -16.70
CA TYR A 381 -25.48 35.90 -18.03
C TYR A 381 -26.85 36.14 -18.64
N VAL A 382 -27.91 35.81 -17.91
CA VAL A 382 -29.25 36.11 -18.36
C VAL A 382 -29.50 37.57 -18.01
N THR A 383 -29.98 38.34 -18.97
CA THR A 383 -30.39 39.74 -18.77
C THR A 383 -31.85 39.79 -18.21
N SER A 384 -32.29 40.97 -17.75
CA SER A 384 -33.71 41.18 -17.33
C SER A 384 -34.68 41.14 -18.51
N GLU A 385 -34.16 41.38 -19.71
CA GLU A 385 -34.86 41.14 -20.97
C GLU A 385 -35.24 39.64 -21.25
N HIS A 386 -34.74 38.70 -20.44
CA HIS A 386 -34.82 37.25 -20.76
C HIS A 386 -34.08 36.96 -22.07
N THR A 387 -32.90 37.55 -22.22
CA THR A 387 -31.96 37.24 -23.30
C THR A 387 -30.68 36.68 -22.66
N TYR A 388 -30.02 35.75 -23.32
CA TYR A 388 -28.73 35.26 -22.86
C TYR A 388 -27.58 36.16 -23.37
N ASP A 389 -26.71 36.61 -22.49
CA ASP A 389 -25.56 37.52 -22.87
C ASP A 389 -24.31 36.69 -23.21
N PHE A 390 -24.32 36.16 -24.44
CA PHE A 390 -23.29 35.27 -24.92
C PHE A 390 -21.92 35.98 -24.93
N LYS A 391 -21.91 37.25 -25.36
CA LYS A 391 -20.65 38.00 -25.44
C LYS A 391 -19.94 38.04 -24.08
N LYS A 392 -20.71 38.36 -23.05
CA LYS A 392 -20.19 38.45 -21.68
C LYS A 392 -19.68 37.06 -21.20
N LEU A 393 -20.51 36.03 -21.42
CA LEU A 393 -20.11 34.63 -21.21
C LEU A 393 -18.75 34.34 -21.86
N ALA A 394 -18.56 34.72 -23.11
CA ALA A 394 -17.27 34.45 -23.76
C ALA A 394 -16.15 35.26 -23.15
N GLU A 395 -16.40 36.51 -22.77
CA GLU A 395 -15.38 37.32 -22.11
C GLU A 395 -14.90 36.73 -20.77
N VAL A 396 -15.81 36.17 -19.99
CA VAL A 396 -15.42 35.64 -18.70
C VAL A 396 -14.61 34.34 -18.90
N THR A 397 -15.03 33.52 -19.87
CA THR A 397 -14.33 32.30 -20.19
C THR A 397 -12.86 32.58 -20.46
N LYS A 398 -12.60 33.62 -21.24
CA LYS A 398 -11.23 34.05 -21.58
C LYS A 398 -10.35 34.30 -20.36
N VAL A 399 -10.92 34.96 -19.35
CA VAL A 399 -10.27 35.16 -18.06
C VAL A 399 -9.95 33.82 -17.36
N VAL A 400 -10.96 32.95 -17.24
CA VAL A 400 -10.82 31.65 -16.58
C VAL A 400 -9.69 30.84 -17.22
N VAL A 401 -9.66 30.82 -18.54
CA VAL A 401 -8.56 30.23 -19.31
C VAL A 401 -7.20 30.79 -18.89
N ARG A 402 -7.07 32.12 -18.81
CA ARG A 402 -5.81 32.76 -18.37
C ARG A 402 -5.46 32.36 -16.94
N ASN A 403 -6.45 32.39 -16.07
CA ASN A 403 -6.29 31.89 -14.70
C ASN A 403 -5.83 30.42 -14.56
N LEU A 404 -6.55 29.50 -15.22
CA LEU A 404 -6.20 28.08 -15.19
C LEU A 404 -4.85 27.81 -15.85
N ASN A 405 -4.62 28.52 -16.94
CA ASN A 405 -3.33 28.45 -17.55
C ASN A 405 -2.19 28.85 -16.62
N LYS A 406 -2.30 29.94 -15.86
CA LYS A 406 -1.31 30.27 -14.79
C LYS A 406 -1.20 29.22 -13.68
N ILE A 407 -2.33 28.68 -13.25
CA ILE A 407 -2.33 27.61 -12.25
C ILE A 407 -1.45 26.40 -12.57
N ILE A 408 -1.31 26.05 -13.84
CA ILE A 408 -0.44 24.94 -14.25
C ILE A 408 1.02 25.24 -13.89
N ASP A 409 1.39 26.51 -14.06
CA ASP A 409 2.75 26.97 -13.83
C ASP A 409 3.13 27.23 -12.36
N ILE A 410 2.14 27.54 -11.52
CA ILE A 410 2.38 27.75 -10.09
C ILE A 410 2.08 26.54 -9.18
N ASN A 411 1.38 25.55 -9.70
CA ASN A 411 0.87 24.44 -8.90
C ASN A 411 2.03 23.66 -8.25
N TYR A 412 1.79 23.17 -7.03
CA TYR A 412 2.71 22.26 -6.35
C TYR A 412 2.24 20.87 -6.72
N TYR A 413 3.05 20.17 -7.49
CA TYR A 413 2.75 18.81 -7.92
C TYR A 413 3.14 17.72 -6.91
N PRO A 414 2.18 16.89 -6.49
CA PRO A 414 2.51 15.87 -5.51
C PRO A 414 3.41 14.71 -5.99
N VAL A 415 3.45 14.46 -7.30
CA VAL A 415 4.39 13.49 -7.92
C VAL A 415 4.97 14.17 -9.17
N PRO A 416 6.26 13.92 -9.53
CA PRO A 416 6.85 14.63 -10.71
C PRO A 416 6.25 14.31 -12.11
N GLU A 417 5.63 13.13 -12.25
CA GLU A 417 4.93 12.73 -13.47
C GLU A 417 3.68 13.60 -13.71
N ALA A 418 3.13 14.15 -12.65
CA ALA A 418 2.01 15.09 -12.74
C ALA A 418 2.51 16.42 -13.33
N CYS A 419 3.68 16.86 -12.86
CA CYS A 419 4.37 18.03 -13.39
C CYS A 419 4.79 17.88 -14.86
N LEU A 420 5.48 16.79 -15.20
CA LEU A 420 5.85 16.55 -16.57
C LEU A 420 4.62 16.56 -17.51
N SER A 421 3.57 15.83 -17.15
CA SER A 421 2.34 15.78 -17.94
C SER A 421 1.69 17.15 -18.12
N ASN A 422 1.44 17.88 -17.03
CA ASN A 422 0.69 19.14 -17.11
C ASN A 422 1.44 20.17 -17.92
N LYS A 423 2.75 20.21 -17.74
CA LYS A 423 3.58 21.14 -18.51
C LYS A 423 3.66 20.71 -19.98
N ARG A 424 3.72 19.41 -20.24
CA ARG A 424 3.82 18.95 -21.65
C ARG A 424 2.62 19.36 -22.51
N HIS A 425 1.42 19.22 -21.93
CA HIS A 425 0.18 19.30 -22.70
C HIS A 425 -0.75 20.40 -22.27
N ARG A 426 -0.59 20.93 -21.07
CA ARG A 426 -1.37 22.10 -20.64
C ARG A 426 -2.92 22.03 -20.82
N PRO A 427 -3.53 20.86 -20.49
CA PRO A 427 -4.98 20.77 -20.55
C PRO A 427 -5.61 21.52 -19.39
N ILE A 428 -6.80 22.09 -19.62
CA ILE A 428 -7.58 22.67 -18.56
C ILE A 428 -8.96 22.12 -18.71
N GLY A 429 -9.77 22.31 -17.68
CA GLY A 429 -11.14 21.85 -17.68
C GLY A 429 -12.06 22.93 -17.16
N ILE A 430 -12.71 23.64 -18.08
CA ILE A 430 -13.69 24.66 -17.71
C ILE A 430 -15.09 24.05 -17.77
N GLY A 431 -15.84 24.24 -16.70
CA GLY A 431 -17.16 23.65 -16.55
C GLY A 431 -18.12 24.77 -16.31
N VAL A 432 -19.28 24.39 -15.81
CA VAL A 432 -20.35 25.28 -15.60
C VAL A 432 -21.10 24.84 -14.37
N GLN A 433 -21.91 25.76 -13.90
CA GLN A 433 -22.95 25.44 -12.95
C GLN A 433 -24.09 26.35 -13.30
N GLY A 434 -25.28 26.05 -12.79
CA GLY A 434 -26.43 26.91 -12.95
C GLY A 434 -27.14 26.80 -14.29
N LEU A 435 -26.93 25.69 -15.00
CA LEU A 435 -27.60 25.47 -16.30
C LEU A 435 -29.10 25.47 -16.09
N ALA A 436 -29.56 24.69 -15.10
CA ALA A 436 -30.98 24.61 -14.82
C ALA A 436 -31.53 25.99 -14.39
N ASP A 437 -30.72 26.78 -13.68
CA ASP A 437 -31.10 28.14 -13.29
C ASP A 437 -31.23 29.08 -14.49
N ALA A 438 -30.31 28.99 -15.45
CA ALA A 438 -30.33 29.82 -16.65
C ALA A 438 -31.57 29.55 -17.50
N PHE A 439 -31.95 28.28 -17.61
CA PHE A 439 -33.21 27.95 -18.27
C PHE A 439 -34.39 28.58 -17.53
N ILE A 440 -34.40 28.46 -16.22
CA ILE A 440 -35.52 29.00 -15.42
C ILE A 440 -35.63 30.52 -15.59
N LEU A 441 -34.51 31.23 -15.45
CA LEU A 441 -34.45 32.68 -15.64
C LEU A 441 -34.86 33.16 -17.09
N MET A 442 -34.61 32.33 -18.12
CA MET A 442 -35.04 32.64 -19.50
C MET A 442 -36.49 32.20 -19.77
N ARG A 443 -37.15 31.57 -18.77
CA ARG A 443 -38.52 30.99 -18.85
C ARG A 443 -38.63 29.79 -19.81
N TYR A 444 -37.54 29.03 -19.94
CA TYR A 444 -37.51 27.84 -20.79
C TYR A 444 -37.51 26.56 -19.94
N PRO A 445 -38.56 25.73 -20.10
CA PRO A 445 -38.52 24.36 -19.57
C PRO A 445 -37.29 23.58 -20.07
N PHE A 446 -36.62 22.88 -19.15
CA PHE A 446 -35.38 22.11 -19.44
C PHE A 446 -35.47 21.33 -20.80
N GLU A 447 -36.58 20.66 -21.05
CA GLU A 447 -36.77 19.82 -22.27
C GLU A 447 -37.21 20.59 -23.54
N SER A 448 -37.49 21.88 -23.42
CA SER A 448 -38.13 22.63 -24.48
C SER A 448 -37.10 22.82 -25.59
N ALA A 449 -37.57 23.07 -26.81
CA ALA A 449 -36.66 23.28 -27.96
C ALA A 449 -35.85 24.52 -27.74
N GLU A 450 -36.47 25.49 -27.06
CA GLU A 450 -35.82 26.72 -26.68
C GLU A 450 -34.62 26.45 -25.78
N ALA A 451 -34.84 25.68 -24.69
CA ALA A 451 -33.73 25.25 -23.81
C ALA A 451 -32.67 24.49 -24.59
N GLN A 452 -33.12 23.64 -25.53
CA GLN A 452 -32.19 22.90 -26.36
C GLN A 452 -31.29 23.77 -27.27
N LEU A 453 -31.83 24.84 -27.87
CA LEU A 453 -30.95 25.78 -28.61
C LEU A 453 -30.03 26.53 -27.69
N LEU A 454 -30.57 26.98 -26.56
CA LEU A 454 -29.72 27.66 -25.62
C LEU A 454 -28.60 26.77 -25.05
N ASN A 455 -28.92 25.51 -24.79
CA ASN A 455 -27.92 24.54 -24.35
C ASN A 455 -26.77 24.48 -25.33
N LYS A 456 -27.10 24.28 -26.61
CA LYS A 456 -26.11 24.30 -27.69
C LYS A 456 -25.26 25.59 -27.71
N GLN A 457 -25.95 26.68 -27.63
CA GLN A 457 -25.28 27.96 -27.85
C GLN A 457 -24.44 28.39 -26.68
N ILE A 458 -24.85 28.05 -25.48
CA ILE A 458 -23.93 28.27 -24.31
C ILE A 458 -22.56 27.59 -24.50
N PHE A 459 -22.57 26.32 -24.90
CA PHE A 459 -21.29 25.58 -24.96
C PHE A 459 -20.51 25.93 -26.22
N GLU A 460 -21.21 26.27 -27.29
CA GLU A 460 -20.55 26.88 -28.45
C GLU A 460 -19.77 28.12 -28.02
N THR A 461 -20.44 28.98 -27.27
CA THR A 461 -19.83 30.20 -26.74
C THR A 461 -18.63 29.92 -25.82
N ILE A 462 -18.84 29.03 -24.89
CA ILE A 462 -17.73 28.64 -24.01
C ILE A 462 -16.52 28.15 -24.80
N TYR A 463 -16.75 27.17 -25.68
CA TYR A 463 -15.66 26.60 -26.49
C TYR A 463 -14.96 27.67 -27.33
N TYR A 464 -15.75 28.58 -27.93
CA TYR A 464 -15.22 29.67 -28.76
C TYR A 464 -14.34 30.61 -27.99
N GLY A 465 -14.87 31.16 -26.90
CA GLY A 465 -14.09 32.00 -25.99
C GLY A 465 -12.83 31.31 -25.48
N ALA A 466 -12.97 30.03 -25.13
CA ALA A 466 -11.82 29.30 -24.57
C ALA A 466 -10.67 29.22 -25.60
N LEU A 467 -11.05 28.85 -26.83
CA LEU A 467 -10.07 28.67 -27.91
C LEU A 467 -9.35 30.00 -28.21
N GLU A 468 -10.14 31.05 -28.38
CA GLU A 468 -9.62 32.41 -28.65
C GLU A 468 -8.55 32.80 -27.64
N ALA A 469 -8.86 32.65 -26.35
CA ALA A 469 -7.91 32.93 -25.26
C ALA A 469 -6.67 32.04 -25.28
N SER A 470 -6.91 30.74 -25.41
CA SER A 470 -5.83 29.78 -25.61
C SER A 470 -4.99 30.08 -26.88
N CYS A 471 -5.63 30.52 -27.94
CA CYS A 471 -4.91 30.99 -29.14
C CYS A 471 -4.10 32.25 -28.83
N ASP A 472 -4.73 33.23 -28.17
CA ASP A 472 -4.04 34.49 -27.74
C ASP A 472 -2.80 34.13 -26.90
N LEU A 473 -2.98 33.29 -25.89
CA LEU A 473 -1.83 32.80 -25.11
C LEU A 473 -0.76 32.13 -25.95
N ALA A 474 -1.15 31.34 -26.96
CA ALA A 474 -0.14 30.73 -27.85
C ALA A 474 0.60 31.76 -28.69
N LYS A 475 -0.11 32.77 -29.17
CA LYS A 475 0.56 33.93 -29.78
C LYS A 475 1.66 34.50 -28.86
N GLU A 476 1.28 34.77 -27.62
CA GLU A 476 2.18 35.29 -26.62
C GLU A 476 3.26 34.30 -26.17
N GLN A 477 2.88 33.09 -25.78
CA GLN A 477 3.80 32.14 -25.08
C GLN A 477 4.19 30.92 -25.92
N GLY A 478 3.75 30.90 -27.17
CA GLY A 478 3.96 29.75 -28.04
C GLY A 478 3.07 28.56 -27.70
N PRO A 479 2.79 27.71 -28.71
CA PRO A 479 1.97 26.49 -28.50
C PRO A 479 2.52 25.51 -27.44
N TYR A 480 1.63 24.63 -26.95
CA TYR A 480 2.00 23.59 -25.98
C TYR A 480 2.89 22.60 -26.70
N GLU A 481 3.75 21.92 -25.96
CA GLU A 481 4.87 21.19 -26.57
C GLU A 481 4.44 20.12 -27.57
N THR A 482 3.34 19.44 -27.32
CA THR A 482 2.89 18.37 -28.21
C THR A 482 1.80 18.84 -29.20
N TYR A 483 1.70 20.15 -29.41
CA TYR A 483 0.67 20.68 -30.28
C TYR A 483 0.78 20.20 -31.72
N GLU A 484 2.00 20.14 -32.27
CA GLU A 484 2.17 19.78 -33.67
C GLU A 484 1.78 18.31 -33.88
N GLY A 485 0.81 18.09 -34.78
CA GLY A 485 0.26 16.75 -35.05
C GLY A 485 -1.08 16.41 -34.41
N SER A 486 -1.59 17.26 -33.53
CA SER A 486 -2.92 17.09 -32.90
C SER A 486 -3.99 17.42 -33.90
N PRO A 487 -5.25 16.98 -33.67
CA PRO A 487 -6.31 17.38 -34.61
C PRO A 487 -6.49 18.89 -34.79
N VAL A 488 -6.44 19.64 -33.70
CA VAL A 488 -6.51 21.10 -33.76
C VAL A 488 -5.42 21.66 -34.71
N SER A 489 -4.19 21.14 -34.62
CA SER A 489 -3.08 21.55 -35.53
C SER A 489 -3.39 21.36 -37.03
N LYS A 490 -4.23 20.40 -37.36
CA LYS A 490 -4.66 20.19 -38.69
C LYS A 490 -6.01 20.82 -38.98
N GLY A 491 -6.45 21.78 -38.16
CA GLY A 491 -7.69 22.52 -38.39
C GLY A 491 -8.98 21.83 -38.00
N ILE A 492 -8.87 20.77 -37.18
CA ILE A 492 -10.02 20.00 -36.76
C ILE A 492 -10.35 20.40 -35.34
N LEU A 493 -11.52 20.97 -35.14
CA LEU A 493 -11.99 21.30 -33.79
C LEU A 493 -13.00 20.21 -33.32
N GLN A 494 -13.43 20.30 -32.07
CA GLN A 494 -14.19 19.23 -31.44
C GLN A 494 -15.48 18.92 -32.20
N TYR A 495 -16.20 19.97 -32.57
CA TYR A 495 -17.46 19.77 -33.31
C TYR A 495 -17.27 19.05 -34.65
N ASP A 496 -16.11 19.26 -35.30
CA ASP A 496 -15.75 18.51 -36.52
C ASP A 496 -15.73 17.00 -36.28
N MET A 497 -15.24 16.60 -35.10
CA MET A 497 -15.03 15.20 -34.78
C MET A 497 -16.36 14.51 -34.56
N TRP A 498 -17.40 15.29 -34.26
CA TRP A 498 -18.78 14.81 -34.13
C TRP A 498 -19.61 14.98 -35.42
N ASN A 499 -19.01 15.51 -36.49
CA ASN A 499 -19.71 15.85 -37.74
C ASN A 499 -20.86 16.81 -37.46
N VAL A 500 -20.64 17.77 -36.58
CA VAL A 500 -21.68 18.74 -36.21
C VAL A 500 -21.31 20.07 -36.87
N THR A 501 -22.31 20.79 -37.34
CA THR A 501 -22.15 22.16 -37.81
C THR A 501 -22.70 23.11 -36.73
N PRO A 502 -21.87 24.07 -36.29
CA PRO A 502 -22.39 25.00 -35.30
C PRO A 502 -23.46 25.91 -35.87
N THR A 503 -24.23 26.49 -34.97
CA THR A 503 -25.17 27.55 -35.30
C THR A 503 -24.37 28.75 -35.79
N ASP A 504 -25.08 29.72 -36.33
CA ASP A 504 -24.52 30.99 -36.85
C ASP A 504 -24.04 32.01 -35.81
N LEU A 505 -24.31 31.76 -34.52
CA LEU A 505 -23.90 32.63 -33.42
C LEU A 505 -22.47 33.18 -33.49
N TRP A 506 -21.47 32.33 -33.68
CA TRP A 506 -20.07 32.76 -33.68
C TRP A 506 -19.41 32.47 -35.00
N ASP A 507 -18.40 33.25 -35.31
CA ASP A 507 -17.68 33.13 -36.57
C ASP A 507 -16.48 32.22 -36.37
N TRP A 508 -16.68 30.93 -36.62
CA TRP A 508 -15.62 29.88 -36.49
C TRP A 508 -14.51 29.98 -37.51
N LYS A 509 -14.86 30.45 -38.69
CA LYS A 509 -13.91 30.63 -39.78
C LYS A 509 -12.77 31.57 -39.36
N VAL A 510 -13.16 32.69 -38.77
CA VAL A 510 -12.22 33.69 -38.23
C VAL A 510 -11.34 33.08 -37.15
N LEU A 511 -12.00 32.40 -36.21
CA LEU A 511 -11.27 31.66 -35.16
C LEU A 511 -10.26 30.61 -35.70
N LYS A 512 -10.72 29.75 -36.61
CA LYS A 512 -9.83 28.75 -37.25
C LYS A 512 -8.63 29.36 -38.00
N GLU A 513 -8.77 30.58 -38.53
CA GLU A 513 -7.66 31.33 -39.13
C GLU A 513 -6.62 31.72 -38.11
N LYS A 514 -7.05 32.30 -36.99
CA LYS A 514 -6.16 32.59 -35.86
C LYS A 514 -5.47 31.36 -35.33
N ILE A 515 -6.23 30.28 -35.13
CA ILE A 515 -5.63 29.03 -34.66
C ILE A 515 -4.57 28.51 -35.65
N ALA A 516 -4.87 28.55 -36.95
CA ALA A 516 -3.93 28.11 -37.99
C ALA A 516 -2.64 28.94 -38.02
N LYS A 517 -2.76 30.21 -37.66
CA LYS A 517 -1.65 31.16 -37.62
C LYS A 517 -0.74 30.97 -36.40
N TYR A 518 -1.35 30.87 -35.23
CA TYR A 518 -0.61 30.96 -33.95
C TYR A 518 -0.51 29.67 -33.12
N GLY A 519 -1.48 28.78 -33.32
CA GLY A 519 -1.64 27.61 -32.47
C GLY A 519 -2.55 27.92 -31.28
N ILE A 520 -2.57 26.99 -30.33
CA ILE A 520 -3.18 27.18 -29.02
C ILE A 520 -2.23 26.71 -27.93
N ARG A 521 -2.47 27.21 -26.74
CA ARG A 521 -1.62 26.98 -25.60
C ARG A 521 -2.05 25.75 -24.83
N ASN A 522 -3.26 25.27 -25.05
CA ASN A 522 -3.81 24.23 -24.20
C ASN A 522 -4.37 23.10 -25.05
N SER A 523 -3.91 21.87 -24.81
CA SER A 523 -4.38 20.69 -25.57
C SER A 523 -5.87 20.39 -25.44
N LEU A 524 -6.46 20.75 -24.30
CA LEU A 524 -7.90 20.58 -24.02
C LEU A 524 -8.33 21.70 -23.12
N LEU A 525 -9.62 21.96 -23.06
CA LEU A 525 -10.12 23.20 -22.49
C LEU A 525 -11.39 23.09 -21.63
N ILE A 526 -12.30 22.18 -21.98
CA ILE A 526 -13.69 22.21 -21.48
C ILE A 526 -14.05 20.87 -20.90
N ALA A 527 -14.65 20.88 -19.72
CA ALA A 527 -14.99 19.65 -18.99
C ALA A 527 -15.93 19.90 -17.81
N PRO A 528 -17.25 19.79 -18.04
CA PRO A 528 -18.19 20.02 -16.97
C PRO A 528 -18.13 19.00 -15.84
N MET A 529 -17.50 19.43 -14.74
CA MET A 529 -17.38 18.72 -13.48
C MET A 529 -18.66 18.76 -12.63
N PRO A 530 -18.74 17.97 -11.53
CA PRO A 530 -19.97 17.94 -10.69
C PRO A 530 -20.39 19.20 -9.91
N THR A 531 -19.42 20.06 -9.57
CA THR A 531 -19.67 21.30 -8.81
C THR A 531 -20.57 21.12 -7.57
N ALA A 532 -20.42 19.98 -6.89
CA ALA A 532 -21.22 19.65 -5.70
C ALA A 532 -21.09 20.71 -4.58
N SER A 533 -19.85 21.04 -4.18
CA SER A 533 -19.64 22.07 -3.13
C SER A 533 -19.88 23.51 -3.62
N THR A 534 -19.12 23.93 -4.63
CA THR A 534 -19.17 25.31 -5.11
C THR A 534 -20.56 25.76 -5.55
N ALA A 535 -21.36 24.86 -6.14
CA ALA A 535 -22.75 25.23 -6.52
C ALA A 535 -23.55 25.67 -5.33
N GLN A 536 -23.31 24.98 -4.21
CA GLN A 536 -24.02 25.21 -2.95
C GLN A 536 -23.61 26.56 -2.35
N ILE A 537 -22.31 26.83 -2.35
CA ILE A 537 -21.78 28.09 -1.97
C ILE A 537 -22.42 29.25 -2.75
N LEU A 538 -22.55 29.09 -4.07
CA LEU A 538 -22.97 30.18 -4.95
C LEU A 538 -24.49 30.29 -5.05
N GLY A 539 -25.19 29.25 -4.56
CA GLY A 539 -26.66 29.19 -4.61
C GLY A 539 -27.26 28.82 -5.98
N ASN A 540 -26.57 27.96 -6.74
CA ASN A 540 -26.99 27.51 -8.05
C ASN A 540 -27.18 25.99 -8.08
N ASN A 541 -28.00 25.51 -9.01
CA ASN A 541 -28.06 24.09 -9.28
C ASN A 541 -26.74 23.62 -9.89
N GLU A 542 -26.47 22.35 -9.63
CA GLU A 542 -25.14 21.79 -9.81
C GLU A 542 -24.95 21.58 -11.34
N SER A 543 -23.76 21.90 -11.81
CA SER A 543 -23.32 21.69 -13.18
C SER A 543 -24.35 21.88 -14.32
N ILE A 544 -24.61 20.77 -15.03
CA ILE A 544 -25.48 20.67 -16.18
C ILE A 544 -26.73 19.89 -15.83
N GLU A 545 -26.94 19.64 -14.53
CA GLU A 545 -28.07 18.81 -14.04
C GLU A 545 -29.41 19.55 -14.05
N PRO A 546 -30.50 18.81 -14.34
CA PRO A 546 -31.79 19.44 -14.06
C PRO A 546 -32.00 19.73 -12.59
N TYR A 547 -32.85 20.72 -12.38
CA TYR A 547 -33.47 21.02 -11.13
C TYR A 547 -33.84 19.74 -10.39
N THR A 548 -33.20 19.47 -9.26
CA THR A 548 -33.40 18.18 -8.60
C THR A 548 -34.72 18.09 -7.82
N SER A 549 -35.07 19.16 -7.12
CA SER A 549 -36.40 19.30 -6.57
C SER A 549 -36.71 20.76 -6.22
N ASN A 550 -37.97 21.01 -5.93
CA ASN A 550 -38.48 22.34 -5.57
C ASN A 550 -38.27 22.76 -4.12
N ILE A 551 -37.75 21.87 -3.28
CA ILE A 551 -37.39 22.21 -1.86
C ILE A 551 -36.02 21.68 -1.37
N ILE A 563 -34.99 24.50 2.19
CA ILE A 563 -35.61 25.76 1.78
C ILE A 563 -36.41 25.56 0.48
N VAL A 564 -37.42 26.42 0.26
CA VAL A 564 -38.19 26.44 -1.01
C VAL A 564 -37.28 27.04 -2.07
N ASN A 565 -37.33 26.51 -3.30
CA ASN A 565 -36.49 27.03 -4.39
C ASN A 565 -36.70 28.52 -4.72
N PRO A 566 -35.61 29.32 -4.78
CA PRO A 566 -35.77 30.78 -4.80
C PRO A 566 -36.46 31.35 -6.06
N HIS A 567 -36.32 30.67 -7.20
CA HIS A 567 -36.96 31.11 -8.44
C HIS A 567 -38.46 30.81 -8.39
N LEU A 568 -38.81 29.57 -8.04
CA LEU A 568 -40.24 29.21 -7.86
C LEU A 568 -40.90 30.04 -6.76
N LEU A 569 -40.19 30.25 -5.67
CA LEU A 569 -40.68 31.06 -4.54
C LEU A 569 -41.00 32.46 -5.03
N LYS A 570 -40.03 33.05 -5.73
CA LYS A 570 -40.19 34.38 -6.30
C LYS A 570 -41.32 34.45 -7.29
N ASP A 571 -41.40 33.48 -8.19
CA ASP A 571 -42.44 33.45 -9.22
C ASP A 571 -43.84 33.41 -8.63
N LEU A 572 -44.06 32.55 -7.64
CA LEU A 572 -45.36 32.41 -6.97
C LEU A 572 -45.67 33.67 -6.13
N THR A 573 -44.72 34.11 -5.32
CA THR A 573 -44.83 35.39 -4.59
C THR A 573 -45.29 36.54 -5.50
N GLU A 574 -44.70 36.63 -6.69
CA GLU A 574 -45.04 37.71 -7.64
C GLU A 574 -46.47 37.63 -8.16
N ARG A 575 -46.96 36.41 -8.24
CA ARG A 575 -48.33 36.13 -8.66
C ARG A 575 -49.28 35.98 -7.46
N GLY A 576 -48.77 36.23 -6.24
CA GLY A 576 -49.59 36.18 -5.01
C GLY A 576 -50.23 34.83 -4.77
N LEU A 577 -49.48 33.79 -5.13
CA LEU A 577 -49.85 32.39 -4.96
C LEU A 577 -48.99 31.78 -3.83
N TRP A 578 -48.36 32.63 -3.03
CA TRP A 578 -47.61 32.16 -1.89
C TRP A 578 -48.20 32.72 -0.61
N GLU A 581 -49.47 27.65 3.73
CA GLU A 581 -49.86 26.32 3.29
C GLU A 581 -48.91 25.72 2.26
N MET A 582 -48.66 26.49 1.21
CA MET A 582 -47.98 26.02 -0.02
C MET A 582 -46.58 25.35 0.10
N LYS A 583 -45.74 25.80 1.05
CA LYS A 583 -44.46 25.11 1.34
C LYS A 583 -44.70 23.67 1.80
N ASN A 584 -45.81 23.45 2.50
CA ASN A 584 -46.18 22.12 3.01
C ASN A 584 -46.67 21.16 1.93
N GLN A 585 -47.46 21.60 0.95
CA GLN A 585 -47.88 20.67 -0.15
C GLN A 585 -46.75 20.17 -1.07
N ILE A 586 -45.70 20.99 -1.20
CA ILE A 586 -44.52 20.64 -1.99
C ILE A 586 -43.71 19.55 -1.27
N ILE A 587 -43.54 19.72 0.03
CA ILE A 587 -42.91 18.70 0.90
C ILE A 587 -43.66 17.37 0.76
N ALA A 588 -44.99 17.45 0.69
CA ALA A 588 -45.88 16.28 0.58
C ALA A 588 -45.61 15.40 -0.65
N CYS A 589 -45.12 16.04 -1.71
CA CYS A 589 -44.84 15.40 -3.00
C CYS A 589 -43.35 15.35 -3.33
N ASN A 590 -42.49 15.28 -2.31
CA ASN A 590 -41.03 15.14 -2.49
C ASN A 590 -40.44 16.11 -3.52
N GLY A 591 -40.97 17.34 -3.53
CA GLY A 591 -40.50 18.42 -4.41
C GLY A 591 -41.21 18.63 -5.72
N SER A 592 -42.28 17.92 -6.02
CA SER A 592 -43.04 18.19 -7.23
C SER A 592 -44.10 19.26 -6.99
N ILE A 593 -44.31 20.10 -7.98
CA ILE A 593 -45.42 21.02 -7.98
C ILE A 593 -46.40 20.61 -9.08
N GLN A 594 -46.21 19.43 -9.66
CA GLN A 594 -47.08 19.00 -10.77
C GLN A 594 -48.52 18.70 -10.34
N SER A 595 -48.71 18.13 -9.15
CA SER A 595 -50.08 17.80 -8.67
C SER A 595 -50.89 19.06 -8.25
N ILE A 596 -50.24 20.00 -7.58
CA ILE A 596 -50.89 21.19 -6.98
C ILE A 596 -51.74 22.03 -7.97
N PRO A 597 -53.08 22.16 -7.75
CA PRO A 597 -54.01 22.69 -8.78
C PRO A 597 -53.99 24.21 -9.04
N GLU A 598 -53.56 24.99 -8.05
CA GLU A 598 -53.56 26.47 -8.15
C GLU A 598 -52.44 27.01 -9.05
N ILE A 599 -51.29 26.35 -9.07
CA ILE A 599 -50.14 26.77 -9.90
C ILE A 599 -50.44 26.60 -11.40
N PRO A 600 -50.26 27.67 -12.21
CA PRO A 600 -50.54 27.61 -13.66
C PRO A 600 -49.54 26.76 -14.46
N ASP A 601 -49.97 26.34 -15.64
CA ASP A 601 -49.23 25.33 -16.39
C ASP A 601 -47.89 25.75 -16.97
N ASP A 602 -47.67 27.05 -17.15
CA ASP A 602 -46.38 27.53 -17.63
C ASP A 602 -45.27 27.32 -16.56
N LEU A 603 -45.64 27.51 -15.29
CA LEU A 603 -44.72 27.35 -14.15
C LEU A 603 -44.43 25.88 -13.86
N LYS A 604 -45.47 25.05 -13.94
CA LYS A 604 -45.33 23.59 -13.86
C LYS A 604 -44.33 23.01 -14.85
N GLN A 605 -44.35 23.49 -16.10
CA GLN A 605 -43.39 23.04 -17.11
C GLN A 605 -42.00 23.47 -16.71
N LEU A 606 -41.91 24.69 -16.17
CA LEU A 606 -40.65 25.29 -15.84
C LEU A 606 -39.94 24.60 -14.65
N TYR A 607 -40.73 24.09 -13.72
CA TYR A 607 -40.25 23.54 -12.45
C TYR A 607 -40.54 22.03 -12.28
N LYS A 608 -40.54 21.31 -13.39
CA LYS A 608 -40.52 19.86 -13.35
C LYS A 608 -39.23 19.46 -12.63
N THR A 609 -39.31 18.46 -11.77
CA THR A 609 -38.09 17.95 -11.17
C THR A 609 -37.45 16.94 -12.09
N VAL A 610 -36.21 16.61 -11.79
CA VAL A 610 -35.45 15.67 -12.59
C VAL A 610 -36.18 14.33 -12.85
N TRP A 611 -37.00 13.91 -11.87
CA TRP A 611 -37.82 12.71 -11.98
C TRP A 611 -38.99 12.81 -12.97
N GLU A 612 -39.37 14.03 -13.35
CA GLU A 612 -40.42 14.25 -14.31
C GLU A 612 -39.87 14.63 -15.67
N ILE A 613 -38.53 14.58 -15.80
CA ILE A 613 -37.83 14.99 -17.02
C ILE A 613 -37.25 13.78 -17.76
N SER A 614 -37.52 13.70 -19.04
CA SER A 614 -37.02 12.62 -19.88
C SER A 614 -35.47 12.51 -19.87
N GLN A 615 -34.97 11.35 -19.47
CA GLN A 615 -33.55 11.06 -19.52
C GLN A 615 -33.03 10.85 -20.92
N LYS A 616 -33.91 10.47 -21.84
CA LYS A 616 -33.55 10.41 -23.23
C LYS A 616 -33.21 11.81 -23.73
N THR A 617 -34.05 12.78 -23.38
CA THR A 617 -33.78 14.16 -23.69
C THR A 617 -32.53 14.66 -22.97
N VAL A 618 -32.36 14.28 -21.71
CA VAL A 618 -31.10 14.59 -20.98
C VAL A 618 -29.90 14.11 -21.75
N LEU A 619 -29.98 12.87 -22.25
CA LEU A 619 -28.85 12.27 -22.96
C LEU A 619 -28.59 12.96 -24.27
N LYS A 620 -29.67 13.32 -25.00
CA LYS A 620 -29.59 14.03 -26.27
C LYS A 620 -28.96 15.41 -26.08
N MET A 621 -29.39 16.09 -25.03
CA MET A 621 -28.80 17.39 -24.71
C MET A 621 -27.30 17.26 -24.34
N ALA A 622 -26.92 16.20 -23.65
CA ALA A 622 -25.51 15.99 -23.34
C ALA A 622 -24.66 15.79 -24.63
N ALA A 623 -25.20 15.00 -25.54
CA ALA A 623 -24.59 14.80 -26.84
C ALA A 623 -24.47 16.11 -27.66
N GLU A 624 -25.55 16.89 -27.67
CA GLU A 624 -25.57 18.14 -28.44
C GLU A 624 -24.52 19.14 -27.92
N ARG A 625 -24.43 19.29 -26.58
CA ARG A 625 -23.37 20.12 -25.91
C ARG A 625 -22.03 19.55 -26.18
N GLY A 626 -22.01 18.21 -26.10
CA GLY A 626 -20.80 17.40 -26.22
C GLY A 626 -19.94 17.67 -27.41
N ALA A 627 -20.57 18.09 -28.53
CA ALA A 627 -19.86 18.49 -29.75
C ALA A 627 -18.93 19.66 -29.53
N PHE A 628 -19.18 20.45 -28.48
CA PHE A 628 -18.35 21.60 -28.11
C PHE A 628 -17.67 21.41 -26.78
N ILE A 629 -17.45 20.16 -26.42
CA ILE A 629 -16.76 19.78 -25.20
C ILE A 629 -15.62 18.82 -25.58
N ASP A 630 -14.39 19.32 -25.48
CA ASP A 630 -13.20 18.58 -25.95
C ASP A 630 -12.72 17.53 -24.92
N GLN A 631 -13.12 17.68 -23.66
CA GLN A 631 -13.06 16.58 -22.68
C GLN A 631 -14.45 15.91 -22.63
N SER A 632 -15.00 15.59 -21.46
CA SER A 632 -16.32 14.90 -21.31
C SER A 632 -17.17 15.55 -20.20
N GLN A 633 -18.19 14.90 -19.68
CA GLN A 633 -19.13 15.56 -18.77
C GLN A 633 -19.54 14.67 -17.66
N SER A 634 -19.62 15.18 -16.44
CA SER A 634 -20.00 14.31 -15.33
C SER A 634 -21.52 14.13 -15.31
N LEU A 635 -22.02 13.28 -16.20
CA LEU A 635 -23.44 13.17 -16.44
C LEU A 635 -24.14 12.14 -15.61
N ASN A 636 -24.76 12.56 -14.52
CA ASN A 636 -25.60 11.67 -13.75
C ASN A 636 -26.88 11.34 -14.51
N ILE A 637 -27.51 10.22 -14.16
CA ILE A 637 -28.77 9.79 -14.82
C ILE A 637 -29.73 9.46 -13.72
N HIS A 638 -30.89 10.10 -13.77
CA HIS A 638 -31.94 9.96 -12.75
C HIS A 638 -33.10 9.16 -13.33
N ILE A 639 -33.18 7.89 -12.97
CA ILE A 639 -34.29 7.03 -13.35
C ILE A 639 -35.01 6.70 -12.04
N ALA A 640 -36.28 7.06 -11.94
CA ALA A 640 -37.02 6.83 -10.69
C ALA A 640 -37.16 5.34 -10.34
N GLU A 641 -37.81 4.59 -11.23
CA GLU A 641 -38.13 3.15 -11.08
C GLU A 641 -37.36 2.40 -12.17
N PRO A 642 -36.07 2.05 -11.90
CA PRO A 642 -35.27 1.39 -12.95
C PRO A 642 -35.44 -0.12 -12.96
N ASN A 643 -35.27 -0.70 -14.15
CA ASN A 643 -35.31 -2.13 -14.36
C ASN A 643 -34.30 -2.39 -15.49
N TYR A 644 -34.22 -3.64 -15.96
CA TYR A 644 -33.17 -4.05 -16.87
C TYR A 644 -33.30 -3.42 -18.26
N GLY A 645 -34.53 -3.38 -18.75
CA GLY A 645 -34.79 -2.84 -20.07
C GLY A 645 -34.53 -1.36 -20.13
N LYS A 646 -34.97 -0.66 -19.09
CA LYS A 646 -34.82 0.78 -19.01
C LYS A 646 -33.36 1.21 -19.08
N LEU A 647 -32.53 0.56 -18.25
CA LEU A 647 -31.10 0.80 -18.21
C LEU A 647 -30.38 0.41 -19.47
N THR A 648 -30.79 -0.72 -20.07
CA THR A 648 -30.25 -1.16 -21.37
C THR A 648 -30.51 -0.10 -22.43
N SER A 649 -31.76 0.36 -22.51
CA SER A 649 -32.16 1.39 -23.49
C SER A 649 -31.40 2.69 -23.29
N MET A 650 -31.31 3.08 -22.04
CA MET A 650 -30.56 4.28 -21.66
C MET A 650 -29.09 4.24 -22.08
N HIS A 651 -28.41 3.15 -21.75
CA HIS A 651 -27.00 2.98 -22.13
C HIS A 651 -26.71 2.97 -23.63
N PHE A 652 -27.42 2.09 -24.33
CA PHE A 652 -27.28 2.01 -25.81
C PHE A 652 -27.60 3.32 -26.54
N TYR A 653 -28.63 4.03 -26.05
CA TYR A 653 -28.96 5.37 -26.58
C TYR A 653 -27.78 6.35 -26.41
N GLY A 654 -27.25 6.43 -25.17
CA GLY A 654 -26.08 7.24 -24.87
C GLY A 654 -24.88 6.90 -25.72
N TRP A 655 -24.60 5.60 -25.82
CA TRP A 655 -23.43 5.10 -26.60
C TRP A 655 -23.62 5.48 -28.06
N LYS A 656 -24.79 5.15 -28.59
CA LYS A 656 -25.11 5.50 -30.00
C LYS A 656 -25.09 7.01 -30.27
N GLN A 657 -25.35 7.85 -29.27
CA GLN A 657 -25.29 9.30 -29.47
C GLN A 657 -23.87 9.81 -29.59
N GLY A 658 -22.89 8.95 -29.32
CA GLY A 658 -21.48 9.32 -29.39
C GLY A 658 -20.91 9.80 -28.05
N LEU A 659 -21.62 9.60 -26.96
CA LEU A 659 -21.20 10.16 -25.71
C LEU A 659 -19.91 9.53 -25.21
N LYS A 660 -19.06 10.31 -24.55
CA LYS A 660 -17.82 9.81 -24.04
C LYS A 660 -18.08 9.14 -22.68
N THR A 661 -18.86 9.84 -21.88
CA THR A 661 -19.38 9.38 -20.62
C THR A 661 -20.89 9.18 -20.81
N GLY A 662 -21.34 7.94 -20.72
CA GLY A 662 -22.74 7.59 -20.91
C GLY A 662 -23.48 7.65 -19.60
N MET A 663 -22.73 7.45 -18.52
CA MET A 663 -23.26 7.59 -17.17
C MET A 663 -22.16 7.75 -16.17
N TYR A 664 -22.34 8.75 -15.30
CA TYR A 664 -21.56 8.87 -14.09
C TYR A 664 -22.31 8.01 -13.04
N TYR A 665 -23.05 8.62 -12.12
CA TYR A 665 -23.86 7.85 -11.19
C TYR A 665 -25.23 7.61 -11.78
N LEU A 666 -25.73 6.39 -11.63
CA LEU A 666 -27.18 6.13 -11.66
C LEU A 666 -27.72 6.64 -10.34
N ARG A 667 -28.76 7.49 -10.39
CA ARG A 667 -29.49 7.96 -9.19
C ARG A 667 -30.92 7.50 -9.30
N THR A 668 -31.51 7.06 -8.19
CA THR A 668 -32.91 6.51 -8.20
C THR A 668 -33.81 7.07 -7.09
N ARG A 669 -35.13 6.90 -7.26
CA ARG A 669 -36.16 7.50 -6.36
C ARG A 669 -36.62 6.55 -5.26
N ALA B 2 5.15 -47.22 9.00
CA ALA B 2 5.64 -46.09 8.13
C ALA B 2 7.02 -46.30 7.46
N ILE B 3 7.88 -47.13 8.07
CA ILE B 3 9.23 -47.43 7.57
C ILE B 3 9.18 -48.12 6.20
N LEU B 4 8.19 -49.00 6.01
CA LEU B 4 7.97 -49.64 4.72
C LEU B 4 7.39 -48.69 3.69
N ALA B 5 6.36 -47.95 4.09
CA ALA B 5 5.83 -46.87 3.26
C ALA B 5 6.97 -45.93 2.72
N ALA B 6 7.87 -45.54 3.62
CA ALA B 6 9.01 -44.69 3.29
C ALA B 6 9.90 -45.30 2.21
N ARG B 7 10.19 -46.59 2.34
CA ARG B 7 11.11 -47.29 1.41
C ARG B 7 10.50 -47.43 0.01
N ILE B 8 9.19 -47.72 0.00
CA ILE B 8 8.42 -47.82 -1.23
C ILE B 8 8.39 -46.47 -1.95
N ALA B 9 8.17 -45.39 -1.18
CA ALA B 9 8.14 -44.00 -1.70
C ALA B 9 9.48 -43.63 -2.37
N VAL B 10 10.58 -43.97 -1.72
CA VAL B 10 11.92 -43.68 -2.28
C VAL B 10 12.20 -44.59 -3.47
N SER B 11 11.85 -45.87 -3.34
CA SER B 11 12.00 -46.83 -4.43
C SER B 11 11.26 -46.32 -5.68
N ASN B 12 9.99 -46.00 -5.49
CA ASN B 12 9.17 -45.40 -6.56
C ASN B 12 9.75 -44.12 -7.16
N LEU B 13 10.32 -43.23 -6.34
CA LEU B 13 10.88 -41.98 -6.88
C LEU B 13 12.14 -42.23 -7.70
N HIS B 14 13.00 -43.16 -7.26
CA HIS B 14 14.16 -43.62 -8.08
C HIS B 14 13.77 -44.25 -9.42
N LYS B 15 12.71 -45.05 -9.40
CA LYS B 15 12.17 -45.65 -10.65
C LYS B 15 11.62 -44.56 -11.58
N GLU B 16 11.02 -43.53 -10.99
CA GLU B 16 10.42 -42.42 -11.77
C GLU B 16 11.36 -41.20 -12.04
N THR B 17 12.68 -41.41 -11.88
CA THR B 17 13.68 -40.38 -12.05
C THR B 17 14.94 -40.95 -12.66
N LYS B 18 15.64 -40.12 -13.43
CA LYS B 18 16.96 -40.46 -13.91
C LYS B 18 17.88 -40.55 -12.70
N LYS B 19 18.92 -41.38 -12.84
CA LYS B 19 19.89 -41.59 -11.78
C LYS B 19 20.96 -40.52 -11.87
N VAL B 20 21.58 -40.37 -13.03
CA VAL B 20 22.81 -39.58 -13.15
C VAL B 20 22.53 -38.08 -12.87
N PHE B 21 23.35 -37.48 -12.02
CA PHE B 21 23.05 -36.15 -11.46
C PHE B 21 23.18 -35.07 -12.55
N SER B 22 24.27 -35.12 -13.32
CA SER B 22 24.49 -34.20 -14.46
C SER B 22 23.39 -34.28 -15.56
N ASP B 23 22.85 -35.48 -15.78
CA ASP B 23 21.72 -35.70 -16.69
C ASP B 23 20.52 -34.90 -16.20
N VAL B 24 20.23 -34.98 -14.89
CA VAL B 24 19.10 -34.25 -14.32
C VAL B 24 19.36 -32.74 -14.39
N MET B 25 20.59 -32.34 -14.12
CA MET B 25 20.96 -30.93 -14.19
C MET B 25 20.80 -30.34 -15.63
N GLU B 26 21.16 -31.11 -16.66
CA GLU B 26 20.89 -30.68 -18.04
C GLU B 26 19.38 -30.50 -18.33
N ASP B 27 18.57 -31.49 -17.97
CA ASP B 27 17.10 -31.41 -18.14
C ASP B 27 16.49 -30.16 -17.52
N LEU B 28 16.90 -29.85 -16.30
CA LEU B 28 16.38 -28.67 -15.59
C LEU B 28 16.87 -27.40 -16.28
N TYR B 29 18.14 -27.35 -16.67
CA TYR B 29 18.67 -26.21 -17.38
C TYR B 29 17.97 -26.02 -18.74
N ASN B 30 17.75 -27.11 -19.49
CA ASN B 30 17.14 -27.05 -20.84
C ASN B 30 15.62 -26.86 -20.82
N TYR B 31 14.99 -26.90 -19.64
CA TYR B 31 13.54 -26.79 -19.52
C TYR B 31 12.93 -25.63 -20.34
N ILE B 32 11.77 -25.93 -20.94
CA ILE B 32 10.97 -25.01 -21.76
C ILE B 32 9.52 -25.12 -21.28
N ASN B 33 8.88 -23.99 -21.02
CA ASN B 33 7.52 -24.00 -20.49
C ASN B 33 6.51 -24.80 -21.37
N ASN B 36 3.69 -21.94 -22.57
CA ASN B 36 4.25 -20.64 -22.98
C ASN B 36 5.26 -20.70 -24.15
N GLY B 37 6.15 -21.70 -24.15
CA GLY B 37 7.13 -21.91 -25.25
C GLY B 37 8.53 -21.31 -25.10
N LYS B 38 8.80 -20.59 -24.02
CA LYS B 38 10.12 -19.97 -23.80
C LYS B 38 11.07 -20.80 -22.93
N HIS B 39 12.36 -20.66 -23.21
CA HIS B 39 13.39 -21.32 -22.46
C HIS B 39 13.36 -20.76 -21.03
N SER B 40 13.19 -21.65 -20.06
CA SER B 40 12.96 -21.26 -18.65
C SER B 40 13.82 -22.13 -17.73
N PRO B 41 15.15 -21.89 -17.75
CA PRO B 41 16.09 -22.80 -17.05
C PRO B 41 15.87 -22.80 -15.55
N MET B 42 15.71 -23.99 -14.96
CA MET B 42 15.42 -24.10 -13.55
C MET B 42 16.68 -24.23 -12.68
N VAL B 43 17.84 -24.32 -13.30
CA VAL B 43 19.09 -24.13 -12.62
C VAL B 43 19.82 -23.11 -13.44
N ALA B 44 20.87 -22.56 -12.86
CA ALA B 44 21.65 -21.49 -13.46
C ALA B 44 22.55 -22.14 -14.45
N LYS B 45 22.94 -21.38 -15.47
CA LYS B 45 23.94 -21.79 -16.48
C LYS B 45 25.33 -22.00 -15.89
N SER B 46 25.76 -21.10 -15.00
CA SER B 46 27.12 -21.18 -14.40
C SER B 46 27.29 -22.46 -13.58
N THR B 47 26.21 -22.85 -12.92
CA THR B 47 26.12 -24.08 -12.14
C THR B 47 26.11 -25.32 -13.06
N LEU B 48 25.33 -25.27 -14.13
CA LEU B 48 25.39 -26.34 -15.15
C LEU B 48 26.80 -26.51 -15.70
N ASP B 49 27.43 -25.40 -16.11
CA ASP B 49 28.79 -25.48 -16.67
C ASP B 49 29.76 -26.08 -15.65
N ILE B 50 29.62 -25.73 -14.36
CA ILE B 50 30.53 -26.29 -13.32
C ILE B 50 30.32 -27.78 -13.12
N VAL B 51 29.06 -28.21 -13.10
CA VAL B 51 28.68 -29.63 -12.99
C VAL B 51 29.24 -30.48 -14.16
N LEU B 52 29.17 -29.94 -15.39
CA LEU B 52 29.60 -30.67 -16.60
C LEU B 52 31.14 -30.72 -16.72
N ALA B 53 31.82 -29.66 -16.30
CA ALA B 53 33.29 -29.67 -16.25
C ALA B 53 33.87 -30.69 -15.26
N ASN B 54 33.10 -31.03 -14.21
CA ASN B 54 33.52 -31.97 -13.14
C ASN B 54 32.49 -33.11 -12.98
N LYS B 55 32.02 -33.58 -14.13
CA LYS B 55 30.91 -34.52 -14.29
C LYS B 55 31.11 -35.88 -13.58
N ASP B 56 32.28 -36.45 -13.77
CA ASP B 56 32.55 -37.81 -13.31
C ASP B 56 32.73 -37.87 -11.79
N ARG B 57 33.62 -37.02 -11.30
CA ARG B 57 33.82 -36.85 -9.86
C ARG B 57 32.50 -36.54 -9.11
N LEU B 58 31.70 -35.63 -9.68
CA LEU B 58 30.44 -35.23 -9.04
C LEU B 58 29.31 -36.27 -9.13
N ASN B 59 29.10 -36.89 -10.30
CA ASN B 59 28.06 -37.92 -10.43
C ASN B 59 28.36 -39.18 -9.58
N SER B 60 29.65 -39.48 -9.40
CA SER B 60 30.07 -40.67 -8.65
C SER B 60 30.28 -40.44 -7.13
N ALA B 61 30.46 -39.19 -6.70
CA ALA B 61 30.44 -38.86 -5.26
C ALA B 61 29.07 -39.17 -4.61
N ILE B 62 28.01 -39.05 -5.37
CA ILE B 62 26.65 -39.21 -4.83
C ILE B 62 26.34 -40.65 -4.43
N ILE B 63 25.75 -40.82 -3.25
CA ILE B 63 25.37 -42.16 -2.71
C ILE B 63 23.85 -42.19 -2.62
N TYR B 64 23.18 -42.80 -3.60
CA TYR B 64 21.69 -42.81 -3.67
C TYR B 64 21.00 -43.68 -2.60
N ASP B 65 21.75 -44.54 -1.95
CA ASP B 65 21.18 -45.30 -0.83
C ASP B 65 20.84 -44.36 0.33
N ARG B 66 21.53 -43.23 0.44
CA ARG B 66 21.15 -42.22 1.45
C ARG B 66 19.77 -41.63 1.29
N ASP B 67 19.21 -41.61 0.07
CA ASP B 67 17.77 -41.30 -0.10
C ASP B 67 16.86 -42.17 0.79
N PHE B 68 17.33 -43.39 1.13
CA PHE B 68 16.54 -44.31 1.95
C PHE B 68 16.49 -43.94 3.43
N SER B 69 17.42 -43.10 3.86
CA SER B 69 17.47 -42.59 5.25
C SER B 69 16.27 -41.76 5.70
N TYR B 70 15.60 -41.09 4.78
CA TYR B 70 14.46 -40.21 5.16
C TYR B 70 13.26 -40.98 5.66
N ASN B 71 12.73 -40.58 6.82
CA ASN B 71 11.46 -41.13 7.29
C ASN B 71 10.32 -40.78 6.30
N TYR B 72 9.13 -41.32 6.52
CA TYR B 72 8.04 -41.19 5.55
C TYR B 72 7.59 -39.71 5.31
N PHE B 73 7.29 -39.02 6.41
CA PHE B 73 6.79 -37.63 6.34
C PHE B 73 7.85 -36.64 5.93
N GLY B 74 9.08 -36.84 6.37
CA GLY B 74 10.21 -36.07 5.89
C GLY B 74 10.42 -36.22 4.40
N PHE B 75 10.30 -37.45 3.91
CA PHE B 75 10.41 -37.71 2.49
C PHE B 75 9.29 -37.07 1.67
N LYS B 76 8.06 -37.25 2.13
CA LYS B 76 6.91 -36.62 1.47
C LYS B 76 6.96 -35.06 1.49
N THR B 77 7.55 -34.47 2.53
CA THR B 77 7.79 -33.02 2.55
C THR B 77 8.80 -32.64 1.46
N LEU B 78 9.89 -33.41 1.33
CA LEU B 78 10.87 -33.15 0.27
C LEU B 78 10.20 -33.13 -1.10
N GLU B 79 9.44 -34.17 -1.40
CA GLU B 79 8.73 -34.27 -2.69
C GLU B 79 7.84 -33.05 -2.94
N ARG B 80 7.06 -32.71 -1.93
CA ARG B 80 6.14 -31.60 -2.01
C ARG B 80 6.83 -30.25 -2.36
N SER B 81 7.96 -29.92 -1.70
CA SER B 81 8.59 -28.59 -1.84
C SER B 81 10.05 -28.48 -2.25
N TYR B 82 10.86 -29.50 -2.04
CA TYR B 82 12.31 -29.34 -2.12
C TYR B 82 12.88 -29.96 -3.36
N LEU B 83 12.10 -30.81 -4.05
CA LEU B 83 12.59 -31.47 -5.25
C LEU B 83 12.01 -30.75 -6.47
N LEU B 84 12.91 -30.26 -7.34
CA LEU B 84 12.53 -29.54 -8.51
C LEU B 84 11.75 -30.47 -9.43
N LYS B 85 10.65 -29.92 -9.98
CA LYS B 85 9.72 -30.61 -10.85
C LYS B 85 9.73 -30.04 -12.24
N ILE B 86 9.66 -30.95 -13.22
CA ILE B 86 9.42 -30.64 -14.62
C ILE B 86 7.98 -31.03 -14.93
N ASN B 87 7.14 -30.02 -15.19
CA ASN B 87 5.71 -30.21 -15.51
C ASN B 87 4.96 -31.06 -14.48
N GLY B 88 5.16 -30.72 -13.21
CA GLY B 88 4.51 -31.42 -12.09
C GLY B 88 5.11 -32.76 -11.66
N LYS B 89 6.14 -33.23 -12.37
CA LYS B 89 6.78 -34.49 -12.06
C LYS B 89 8.22 -34.27 -11.59
N VAL B 90 8.56 -34.85 -10.43
CA VAL B 90 9.86 -34.66 -9.83
C VAL B 90 10.95 -35.16 -10.74
N ALA B 91 11.92 -34.30 -10.98
CA ALA B 91 13.17 -34.61 -11.68
C ALA B 91 14.35 -34.90 -10.73
N GLU B 92 14.30 -34.34 -9.53
CA GLU B 92 15.36 -34.43 -8.55
C GLU B 92 15.10 -35.46 -7.47
N ARG B 93 16.02 -36.39 -7.31
CA ARG B 93 16.16 -37.17 -6.11
C ARG B 93 16.70 -36.27 -4.99
N PRO B 94 16.40 -36.61 -3.70
CA PRO B 94 17.02 -35.78 -2.67
C PRO B 94 18.51 -35.65 -2.78
N GLN B 95 19.25 -36.66 -3.23
CA GLN B 95 20.70 -36.49 -3.35
C GLN B 95 21.10 -35.48 -4.44
N HIS B 96 20.29 -35.41 -5.51
CA HIS B 96 20.51 -34.42 -6.59
C HIS B 96 20.37 -32.98 -6.07
N MET B 97 19.28 -32.77 -5.33
CA MET B 97 19.04 -31.49 -4.68
C MET B 97 20.19 -31.09 -3.74
N LEU B 98 20.66 -32.04 -2.90
CA LEU B 98 21.79 -31.75 -1.99
C LEU B 98 23.07 -31.37 -2.74
N MET B 99 23.34 -32.06 -3.86
CA MET B 99 24.57 -31.79 -4.63
C MET B 99 24.41 -30.50 -5.42
N ARG B 100 23.19 -30.19 -5.82
CA ARG B 100 22.91 -28.93 -6.51
C ARG B 100 23.21 -27.82 -5.53
N VAL B 101 22.63 -27.94 -4.35
CA VAL B 101 22.89 -26.97 -3.26
C VAL B 101 24.38 -26.83 -2.97
N SER B 102 25.06 -27.98 -2.82
CA SER B 102 26.50 -28.01 -2.56
C SER B 102 27.35 -27.28 -3.62
N VAL B 103 27.04 -27.49 -4.90
CA VAL B 103 27.75 -26.80 -5.98
C VAL B 103 27.27 -25.37 -6.10
N GLY B 104 25.99 -25.12 -5.86
CA GLY B 104 25.47 -23.73 -5.79
C GLY B 104 26.20 -22.77 -4.85
N ILE B 105 26.77 -23.32 -3.75
CA ILE B 105 27.47 -22.58 -2.71
C ILE B 105 28.94 -22.47 -3.04
N HIS B 106 29.54 -23.60 -3.32
CA HIS B 106 30.99 -23.71 -3.46
C HIS B 106 31.49 -23.59 -4.88
N LYS B 107 30.59 -23.64 -5.87
CA LYS B 107 30.91 -23.38 -7.26
C LYS B 107 32.16 -24.17 -7.72
N GLU B 108 33.26 -23.44 -7.96
CA GLU B 108 34.51 -23.97 -8.49
C GLU B 108 35.17 -24.97 -7.54
N ASP B 109 35.09 -24.71 -6.24
CA ASP B 109 35.75 -25.58 -5.26
C ASP B 109 35.02 -26.92 -5.07
N ILE B 110 35.33 -27.85 -5.98
CA ILE B 110 34.69 -29.19 -5.98
C ILE B 110 34.96 -30.00 -4.71
N ASP B 111 36.20 -30.00 -4.22
CA ASP B 111 36.51 -30.53 -2.91
C ASP B 111 35.54 -30.08 -1.78
N ALA B 112 35.38 -28.77 -1.63
CA ALA B 112 34.42 -28.22 -0.64
C ALA B 112 32.99 -28.64 -0.94
N ALA B 113 32.61 -28.60 -2.20
CA ALA B 113 31.28 -29.07 -2.61
C ALA B 113 31.02 -30.50 -2.13
N ILE B 114 32.02 -31.36 -2.27
CA ILE B 114 31.86 -32.75 -1.85
C ILE B 114 31.82 -32.91 -0.32
N GLU B 115 32.68 -32.19 0.37
CA GLU B 115 32.60 -32.15 1.83
C GLU B 115 31.19 -31.77 2.26
N THR B 116 30.66 -30.71 1.65
CA THR B 116 29.33 -30.25 2.01
C THR B 116 28.28 -31.29 1.62
N TYR B 117 28.41 -31.84 0.42
CA TYR B 117 27.46 -32.83 -0.01
C TYR B 117 27.36 -33.97 1.02
N ASN B 118 28.52 -34.49 1.42
CA ASN B 118 28.58 -35.57 2.41
C ASN B 118 28.00 -35.20 3.78
N LEU B 119 28.33 -34.00 4.25
CA LEU B 119 27.83 -33.58 5.57
C LEU B 119 26.34 -33.44 5.53
N LEU B 120 25.83 -32.86 4.43
CA LEU B 120 24.39 -32.73 4.22
C LEU B 120 23.68 -34.08 4.03
N SER B 121 24.18 -34.96 3.17
CA SER B 121 23.41 -36.21 2.90
C SER B 121 23.49 -37.22 4.05
N GLU B 122 24.56 -37.17 4.83
CA GLU B 122 24.61 -37.92 6.11
C GLU B 122 23.87 -37.22 7.27
N ARG B 123 23.45 -35.97 7.07
CA ARG B 123 22.51 -35.27 7.96
C ARG B 123 23.11 -34.81 9.29
N TRP B 124 24.37 -34.41 9.21
CA TRP B 124 25.10 -33.81 10.33
C TRP B 124 24.62 -32.36 10.53
N PHE B 125 24.17 -31.72 9.45
CA PHE B 125 23.55 -30.41 9.51
C PHE B 125 22.65 -30.21 8.29
N THR B 126 21.92 -29.09 8.27
CA THR B 126 21.13 -28.74 7.07
C THR B 126 21.26 -27.25 6.84
N HIS B 127 21.20 -26.84 5.58
CA HIS B 127 20.95 -25.40 5.26
C HIS B 127 19.47 -25.09 5.41
N ALA B 128 19.12 -23.80 5.43
CA ALA B 128 17.74 -23.36 5.60
C ALA B 128 16.94 -23.57 4.32
N SER B 129 15.63 -23.71 4.49
CA SER B 129 14.69 -23.97 3.37
C SER B 129 14.92 -23.12 2.11
N PRO B 130 15.08 -21.79 2.25
CA PRO B 130 15.35 -20.99 1.03
C PRO B 130 16.67 -21.35 0.33
N THR B 131 17.67 -21.73 1.09
CA THR B 131 18.94 -22.14 0.48
C THR B 131 18.74 -23.46 -0.30
N LEU B 132 18.00 -24.38 0.31
CA LEU B 132 17.73 -25.67 -0.32
C LEU B 132 16.95 -25.50 -1.61
N PHE B 133 15.97 -24.59 -1.59
CA PHE B 133 15.09 -24.31 -2.76
C PHE B 133 15.87 -23.66 -3.93
N ASN B 134 16.65 -22.62 -3.62
CA ASN B 134 17.18 -21.73 -4.64
C ASN B 134 18.67 -21.82 -4.95
N ALA B 135 19.44 -22.57 -4.17
CA ALA B 135 20.89 -22.67 -4.44
C ALA B 135 21.21 -23.30 -5.81
N GLY B 136 22.19 -22.71 -6.51
CA GLY B 136 22.51 -23.07 -7.90
C GLY B 136 21.42 -22.73 -8.92
N THR B 137 20.52 -21.82 -8.59
CA THR B 137 19.44 -21.41 -9.53
C THR B 137 19.70 -19.98 -9.91
N ASN B 138 18.94 -19.48 -10.89
CA ASN B 138 19.03 -18.07 -11.29
C ASN B 138 18.48 -17.20 -10.17
N ARG B 139 19.13 -16.05 -9.94
CA ARG B 139 18.73 -15.13 -8.88
C ARG B 139 18.48 -15.92 -7.57
N PRO B 140 19.54 -16.55 -7.02
CA PRO B 140 19.34 -17.44 -5.88
C PRO B 140 19.11 -16.67 -4.57
N GLN B 141 17.86 -16.64 -4.09
CA GLN B 141 17.55 -16.03 -2.79
C GLN B 141 17.73 -17.12 -1.74
N LEU B 142 18.90 -17.09 -1.11
CA LEU B 142 19.36 -18.08 -0.14
C LEU B 142 19.09 -17.73 1.34
N SER B 143 18.96 -16.44 1.61
CA SER B 143 18.74 -15.90 2.93
C SER B 143 17.31 -16.08 3.36
N SER B 144 17.11 -16.16 4.66
CA SER B 144 15.90 -16.71 5.21
C SER B 144 14.88 -15.60 5.61
N CYS B 145 15.34 -14.57 6.27
CA CYS B 145 14.44 -13.56 6.71
C CYS B 145 15.20 -12.22 6.90
N PHE B 146 14.42 -11.17 7.16
CA PHE B 146 14.88 -9.81 7.06
C PHE B 146 14.32 -9.03 8.23
N LEU B 147 14.99 -7.92 8.55
CA LEU B 147 14.58 -6.99 9.55
C LEU B 147 14.65 -5.58 8.97
N LEU B 148 13.66 -4.77 9.28
CA LEU B 148 13.74 -3.36 8.93
C LEU B 148 13.09 -2.39 9.92
N SER B 149 13.54 -1.16 9.80
CA SER B 149 12.97 -0.05 10.49
C SER B 149 12.23 0.75 9.47
N MET B 150 11.10 1.28 9.91
CA MET B 150 10.35 2.26 9.14
C MET B 150 11.30 3.36 8.68
N LYS B 151 11.24 3.68 7.38
CA LYS B 151 12.17 4.63 6.76
C LYS B 151 12.07 6.06 7.30
N ASP B 152 10.87 6.44 7.74
CA ASP B 152 10.54 7.82 8.14
C ASP B 152 9.06 7.87 8.54
N ASP B 153 8.69 8.85 9.36
CA ASP B 153 7.33 9.05 9.87
C ASP B 153 6.58 9.95 8.90
N SER B 154 6.37 9.44 7.70
CA SER B 154 5.69 10.15 6.61
C SER B 154 5.10 9.13 5.65
N ILE B 155 4.04 9.58 4.97
CA ILE B 155 3.40 8.76 3.92
C ILE B 155 4.46 8.21 2.96
N GLU B 156 5.45 9.02 2.62
CA GLU B 156 6.46 8.56 1.70
C GLU B 156 7.30 7.34 2.22
N GLY B 157 7.89 7.51 3.40
CA GLY B 157 8.74 6.46 4.02
C GLY B 157 7.91 5.25 4.42
N ILE B 158 6.67 5.50 4.83
CA ILE B 158 5.77 4.41 5.14
C ILE B 158 5.60 3.55 3.88
N TYR B 159 5.23 4.20 2.75
CA TYR B 159 4.90 3.53 1.50
C TYR B 159 6.14 2.92 0.85
N ASP B 160 7.29 3.58 0.98
CA ASP B 160 8.56 2.98 0.56
C ASP B 160 8.90 1.75 1.38
N THR B 161 8.66 1.78 2.68
CA THR B 161 8.94 0.60 3.54
C THR B 161 7.95 -0.51 3.13
N LEU B 162 6.74 -0.11 2.77
CA LEU B 162 5.72 -1.07 2.34
C LEU B 162 6.16 -1.85 1.10
N LYS B 163 6.77 -1.12 0.17
CA LYS B 163 7.25 -1.67 -1.11
C LYS B 163 8.40 -2.67 -0.87
N GLN B 164 9.31 -2.30 0.04
CA GLN B 164 10.40 -3.18 0.50
C GLN B 164 9.80 -4.44 1.06
N CYS B 165 8.85 -4.33 1.97
CA CYS B 165 8.23 -5.55 2.53
C CYS B 165 7.57 -6.43 1.51
N ALA B 166 6.91 -5.80 0.55
CA ALA B 166 6.22 -6.51 -0.52
C ALA B 166 7.19 -7.29 -1.40
N LEU B 167 8.25 -6.65 -1.84
CA LEU B 167 9.33 -7.31 -2.60
C LEU B 167 10.02 -8.44 -1.86
N ILE B 168 10.37 -8.17 -0.63
CA ILE B 168 11.00 -9.18 0.21
C ILE B 168 10.08 -10.39 0.36
N SER B 169 8.86 -10.15 0.80
CA SER B 169 7.90 -11.24 0.98
C SER B 169 7.55 -12.06 -0.28
N LYS B 170 7.46 -11.42 -1.44
CA LYS B 170 7.22 -12.15 -2.71
C LYS B 170 8.36 -13.15 -2.88
N SER B 171 9.58 -12.65 -2.69
CA SER B 171 10.80 -13.42 -2.79
C SER B 171 11.04 -14.38 -1.59
N ALA B 172 9.95 -14.78 -0.91
CA ALA B 172 9.87 -15.84 0.15
C ALA B 172 10.65 -15.61 1.48
N GLY B 173 10.95 -14.35 1.80
CA GLY B 173 11.58 -13.99 3.07
C GLY B 173 10.55 -13.54 4.08
N GLY B 174 10.73 -13.93 5.34
CA GLY B 174 9.99 -13.36 6.48
C GLY B 174 10.53 -11.98 6.89
N ILE B 175 9.75 -11.23 7.63
CA ILE B 175 10.10 -9.86 8.00
C ILE B 175 9.87 -9.60 9.50
N GLY B 176 10.80 -8.84 10.08
CA GLY B 176 10.59 -8.14 11.34
C GLY B 176 10.63 -6.63 11.04
N VAL B 177 9.62 -5.89 11.52
CA VAL B 177 9.48 -4.45 11.24
C VAL B 177 9.37 -3.65 12.53
N ALA B 178 10.26 -2.70 12.75
CA ALA B 178 10.11 -1.72 13.89
C ALA B 178 9.27 -0.53 13.49
N VAL B 179 8.15 -0.28 14.21
CA VAL B 179 7.18 0.75 13.82
C VAL B 179 6.93 1.85 14.86
N SER B 180 7.73 1.86 15.92
CA SER B 180 7.52 2.76 17.06
C SER B 180 7.77 4.19 16.71
N CYS B 181 8.60 4.48 15.70
CA CYS B 181 8.85 5.85 15.26
C CYS B 181 7.66 6.46 14.49
N ILE B 182 6.56 5.70 14.30
CA ILE B 182 5.37 6.19 13.56
C ILE B 182 4.36 6.81 14.52
N ARG B 183 3.83 7.98 14.15
CA ARG B 183 3.01 8.74 15.11
C ARG B 183 1.65 8.11 15.36
N ALA B 184 1.16 8.35 16.56
CA ALA B 184 -0.03 7.69 17.06
C ALA B 184 -1.29 8.33 16.51
N THR B 185 -2.40 7.71 16.87
CA THR B 185 -3.75 8.20 16.59
C THR B 185 -4.01 9.60 17.17
N GLY B 186 -4.62 10.45 16.34
CA GLY B 186 -5.01 11.83 16.71
C GLY B 186 -3.88 12.84 16.89
N SER B 187 -2.66 12.50 16.44
CA SER B 187 -1.48 13.36 16.56
C SER B 187 -1.41 14.37 15.41
N TYR B 188 -1.03 15.60 15.76
CA TYR B 188 -0.99 16.72 14.82
C TYR B 188 -0.01 16.46 13.67
N ILE B 189 -0.36 16.95 12.47
CA ILE B 189 0.50 16.90 11.28
C ILE B 189 0.99 18.31 10.95
N THR B 192 -0.58 19.72 5.99
CA THR B 192 -1.89 19.07 6.17
C THR B 192 -2.80 19.83 7.15
N ASN B 193 -2.28 20.17 8.34
CA ASN B 193 -3.07 20.75 9.45
C ASN B 193 -4.27 19.84 9.78
N GLY B 194 -3.97 18.56 9.98
CA GLY B 194 -4.96 17.51 10.25
C GLY B 194 -4.46 16.61 11.36
N ASN B 195 -5.30 15.66 11.77
CA ASN B 195 -5.00 14.74 12.88
C ASN B 195 -4.78 13.30 12.34
N SER B 196 -3.58 12.75 12.61
CA SER B 196 -3.10 11.46 12.07
C SER B 196 -3.96 10.24 12.45
N ASN B 197 -4.01 9.26 11.55
CA ASN B 197 -4.77 8.03 11.76
C ASN B 197 -4.00 7.03 12.60
N GLY B 198 -2.68 7.18 12.65
CA GLY B 198 -1.86 6.38 13.57
C GLY B 198 -1.53 5.00 13.04
N LEU B 199 -1.21 4.09 13.95
CA LEU B 199 -0.64 2.78 13.60
C LEU B 199 -1.62 1.78 13.07
N VAL B 200 -2.83 1.74 13.63
CA VAL B 200 -3.79 0.69 13.26
C VAL B 200 -4.17 0.70 11.79
N PRO B 201 -4.63 1.86 11.27
CA PRO B 201 -5.00 1.90 9.86
C PRO B 201 -3.80 1.65 8.95
N MET B 202 -2.62 2.14 9.34
CA MET B 202 -1.38 1.83 8.62
C MET B 202 -1.12 0.31 8.57
N LEU B 203 -1.27 -0.35 9.71
CA LEU B 203 -0.97 -1.80 9.78
C LEU B 203 -1.98 -2.63 8.98
N ARG B 204 -3.19 -2.07 8.79
CA ARG B 204 -4.17 -2.71 7.93
C ARG B 204 -3.66 -2.76 6.49
N VAL B 205 -2.97 -1.70 6.06
CA VAL B 205 -2.31 -1.70 4.76
C VAL B 205 -1.26 -2.81 4.70
N TYR B 206 -0.41 -2.85 5.74
CA TYR B 206 0.66 -3.89 5.87
C TYR B 206 0.06 -5.30 5.88
N ASN B 207 -1.02 -5.43 6.64
CA ASN B 207 -1.82 -6.65 6.68
C ASN B 207 -2.32 -7.14 5.32
N ASN B 208 -3.05 -6.28 4.59
CA ASN B 208 -3.51 -6.69 3.27
C ASN B 208 -2.37 -6.88 2.30
N THR B 209 -1.26 -6.16 2.50
CA THR B 209 -0.06 -6.41 1.68
C THR B 209 0.50 -7.85 1.90
N ALA B 210 0.49 -8.33 3.14
CA ALA B 210 0.89 -9.73 3.42
C ALA B 210 -0.04 -10.75 2.74
N ARG B 211 -1.33 -10.46 2.72
CA ARG B 211 -2.28 -11.34 2.08
C ARG B 211 -2.00 -11.44 0.58
N TYR B 212 -1.88 -10.29 -0.03
CA TYR B 212 -1.69 -10.19 -1.47
C TYR B 212 -0.43 -10.88 -2.00
N VAL B 213 0.67 -10.63 -1.27
CA VAL B 213 1.99 -11.03 -1.73
C VAL B 213 2.44 -12.24 -0.93
N ASP B 214 2.08 -13.43 -1.43
CA ASP B 214 2.65 -14.74 -0.95
C ASP B 214 3.97 -15.09 -1.66
N PRO B 221 0.63 -16.69 2.68
CA PRO B 221 0.76 -15.28 3.12
C PRO B 221 2.20 -14.87 3.51
N GLY B 222 2.62 -13.70 3.03
CA GLY B 222 3.81 -13.05 3.55
C GLY B 222 3.73 -13.07 5.08
N ALA B 223 4.90 -13.19 5.73
CA ALA B 223 4.98 -13.34 7.18
C ALA B 223 5.74 -12.16 7.74
N PHE B 224 5.04 -11.28 8.45
CA PHE B 224 5.49 -9.97 8.87
C PHE B 224 5.27 -9.90 10.36
N ALA B 225 6.36 -9.84 11.12
CA ALA B 225 6.36 -9.50 12.53
C ALA B 225 6.52 -8.02 12.76
N ILE B 226 5.62 -7.46 13.54
CA ILE B 226 5.58 -6.02 13.84
C ILE B 226 6.05 -5.85 15.27
N TYR B 227 7.14 -5.10 15.42
CA TYR B 227 7.73 -4.79 16.71
C TYR B 227 7.33 -3.38 17.22
N LEU B 228 6.70 -3.32 18.40
CA LEU B 228 6.33 -2.08 19.05
C LEU B 228 6.86 -1.95 20.52
N GLU B 229 7.42 -0.80 20.84
CA GLU B 229 7.82 -0.49 22.23
C GLU B 229 6.61 -0.07 23.06
N PRO B 230 6.54 -0.54 24.30
CA PRO B 230 5.28 -0.41 25.05
C PRO B 230 5.02 0.98 25.61
N TRP B 231 5.93 1.93 25.41
CA TRP B 231 5.61 3.34 25.67
C TRP B 231 4.67 3.98 24.59
N HIS B 232 4.45 3.32 23.47
CA HIS B 232 3.79 3.96 22.31
C HIS B 232 2.31 4.15 22.64
N LEU B 233 1.78 5.34 22.35
CA LEU B 233 0.37 5.67 22.66
C LEU B 233 -0.68 4.70 22.10
N ASP B 234 -0.41 4.11 20.93
CA ASP B 234 -1.30 3.09 20.33
C ASP B 234 -1.16 1.64 20.89
N ILE B 235 -0.32 1.45 21.90
CA ILE B 235 -0.01 0.12 22.43
C ILE B 235 -1.22 -0.77 22.81
N PHE B 236 -2.26 -0.21 23.43
CA PHE B 236 -3.43 -1.00 23.84
C PHE B 236 -4.20 -1.55 22.64
N GLU B 237 -4.34 -0.73 21.61
CA GLU B 237 -5.04 -1.10 20.38
C GLU B 237 -4.20 -2.11 19.60
N PHE B 238 -2.88 -1.94 19.63
CA PHE B 238 -1.93 -2.86 19.02
C PHE B 238 -2.12 -4.31 19.50
N LEU B 239 -2.42 -4.45 20.79
CA LEU B 239 -2.60 -5.76 21.44
C LEU B 239 -3.88 -6.52 21.10
N ASP B 240 -4.88 -5.80 20.57
CA ASP B 240 -6.14 -6.40 20.09
C ASP B 240 -6.06 -6.80 18.64
N LEU B 241 -5.21 -6.15 17.85
CA LEU B 241 -5.04 -6.45 16.41
C LEU B 241 -5.15 -7.91 15.92
N LYS B 242 -4.59 -8.86 16.67
CA LYS B 242 -4.64 -10.29 16.30
C LYS B 242 -5.92 -11.02 16.82
N LYS B 243 -6.66 -10.40 17.75
CA LYS B 243 -7.84 -11.04 18.36
C LYS B 243 -8.95 -11.32 17.37
N ASN B 244 -9.81 -12.26 17.75
CA ASN B 244 -10.70 -12.89 16.79
C ASN B 244 -12.15 -12.37 16.78
N THR B 245 -12.61 -11.84 17.89
CA THR B 245 -13.84 -11.04 17.93
C THR B 245 -13.48 -9.57 17.68
N GLY B 246 -14.43 -8.79 17.17
CA GLY B 246 -14.29 -7.34 16.99
C GLY B 246 -14.47 -6.86 15.56
N LYS B 247 -14.38 -5.54 15.39
CA LYS B 247 -14.60 -4.89 14.09
C LYS B 247 -13.42 -5.18 13.14
N GLU B 248 -13.71 -5.41 11.85
CA GLU B 248 -12.68 -5.73 10.85
C GLU B 248 -11.61 -4.63 10.63
N GLU B 249 -11.97 -3.38 10.87
CA GLU B 249 -11.08 -2.25 10.55
C GLU B 249 -10.11 -1.96 11.73
N GLN B 250 -10.43 -2.53 12.90
CA GLN B 250 -9.56 -2.50 14.08
C GLN B 250 -8.84 -3.85 14.29
N ARG B 251 -8.60 -4.60 13.22
CA ARG B 251 -7.91 -5.90 13.29
C ARG B 251 -6.91 -6.08 12.14
N ALA B 252 -5.88 -6.87 12.39
CA ALA B 252 -4.90 -7.24 11.38
C ALA B 252 -4.34 -8.65 11.67
N ARG B 253 -5.20 -9.65 11.45
CA ARG B 253 -4.96 -11.02 11.89
C ARG B 253 -3.99 -11.88 11.07
N ASP B 254 -3.52 -11.35 9.95
CA ASP B 254 -2.45 -12.00 9.16
C ASP B 254 -1.03 -11.46 9.47
N LEU B 255 -0.94 -10.48 10.35
CA LEU B 255 0.33 -10.01 10.82
C LEU B 255 0.71 -10.77 12.10
N PHE B 256 2.00 -10.68 12.48
CA PHE B 256 2.50 -11.20 13.76
C PHE B 256 2.97 -10.00 14.60
N PHE B 257 2.91 -10.18 15.92
CA PHE B 257 3.08 -9.11 16.89
C PHE B 257 4.11 -9.47 17.96
N ALA B 258 4.94 -8.48 18.28
CA ALA B 258 6.10 -8.58 19.18
C ALA B 258 6.24 -7.28 19.98
N LEU B 259 6.67 -7.38 21.24
CA LEU B 259 7.02 -6.19 22.01
C LEU B 259 8.52 -6.13 22.16
N TRP B 260 9.04 -4.91 21.99
CA TRP B 260 10.47 -4.56 22.13
C TRP B 260 10.55 -3.74 23.41
N ILE B 261 10.92 -4.42 24.50
CA ILE B 261 10.58 -3.99 25.84
C ILE B 261 11.77 -3.44 26.63
N PRO B 262 11.67 -2.17 27.07
CA PRO B 262 12.71 -1.63 27.95
C PRO B 262 12.67 -2.20 29.39
N ASP B 263 13.85 -2.35 30.00
CA ASP B 263 13.93 -2.71 31.43
C ASP B 263 12.98 -1.83 32.28
N LEU B 264 12.94 -0.53 31.97
CA LEU B 264 12.14 0.38 32.78
C LEU B 264 10.70 -0.02 32.86
N PHE B 265 10.16 -0.61 31.80
CA PHE B 265 8.78 -1.00 31.83
C PHE B 265 8.55 -2.12 32.85
N MET B 266 9.37 -3.16 32.75
CA MET B 266 9.35 -4.26 33.69
C MET B 266 9.47 -3.80 35.15
N LYS B 267 10.35 -2.85 35.39
CA LYS B 267 10.59 -2.31 36.74
C LYS B 267 9.37 -1.54 37.32
N ARG B 268 8.68 -0.81 36.44
CA ARG B 268 7.47 -0.10 36.79
C ARG B 268 6.30 -1.07 36.97
N VAL B 269 6.27 -2.16 36.21
CA VAL B 269 5.25 -3.18 36.41
C VAL B 269 5.42 -3.80 37.78
N GLU B 270 6.66 -4.15 38.14
CA GLU B 270 6.91 -4.94 39.34
C GLU B 270 6.77 -4.10 40.62
N THR B 271 7.10 -2.80 40.55
CA THR B 271 6.84 -1.85 41.65
C THR B 271 5.48 -1.11 41.58
N ASN B 272 4.52 -1.65 40.82
CA ASN B 272 3.19 -1.03 40.54
C ASN B 272 3.15 0.50 40.37
N GLN B 273 4.12 1.05 39.64
CA GLN B 273 4.18 2.49 39.35
C GLN B 273 3.37 2.80 38.08
N ASP B 274 3.20 4.10 37.82
CA ASP B 274 2.61 4.62 36.57
C ASP B 274 3.52 4.51 35.35
N TRP B 275 2.86 4.46 34.20
CA TRP B 275 3.49 4.28 32.90
C TRP B 275 2.95 5.34 31.98
N SER B 276 3.86 6.18 31.47
CA SER B 276 3.50 7.23 30.51
C SER B 276 3.49 6.73 29.04
N LEU B 277 2.38 6.93 28.37
CA LEU B 277 2.25 6.71 26.96
C LEU B 277 2.57 8.00 26.20
N MET B 278 3.36 7.88 25.14
CA MET B 278 3.90 8.99 24.42
C MET B 278 3.74 8.85 22.92
N CYS B 279 3.80 10.02 22.28
CA CYS B 279 3.75 10.18 20.84
C CYS B 279 5.20 10.29 20.37
N PRO B 280 5.64 9.45 19.41
CA PRO B 280 7.05 9.50 19.00
C PRO B 280 7.49 10.79 18.32
N ASN B 281 6.56 11.50 17.68
CA ASN B 281 6.88 12.81 17.08
C ASN B 281 6.98 13.91 18.16
N GLU B 282 6.10 13.88 19.16
CA GLU B 282 6.24 14.73 20.39
C GLU B 282 7.52 14.35 21.22
N CYS B 283 7.82 13.04 21.28
CA CYS B 283 8.90 12.47 22.09
C CYS B 283 9.88 11.67 21.21
N PRO B 284 10.70 12.38 20.43
CA PRO B 284 11.57 11.67 19.48
C PRO B 284 12.70 10.90 20.14
N GLY B 285 13.14 9.86 19.44
CA GLY B 285 14.44 9.24 19.69
C GLY B 285 14.48 8.24 20.82
N LEU B 286 13.33 7.87 21.36
CA LEU B 286 13.25 6.83 22.36
C LEU B 286 13.64 5.43 21.85
N ASP B 287 13.43 5.19 20.56
CA ASP B 287 13.78 3.91 19.91
C ASP B 287 15.27 3.85 19.52
N GLU B 288 15.97 4.97 19.68
CA GLU B 288 17.37 5.14 19.27
C GLU B 288 18.35 5.15 20.42
N VAL B 289 17.84 4.91 21.61
CA VAL B 289 18.65 4.76 22.80
C VAL B 289 18.11 3.59 23.57
N TRP B 290 18.93 3.08 24.49
CA TRP B 290 18.58 1.93 25.31
C TRP B 290 19.27 2.10 26.68
N GLY B 291 18.84 1.26 27.61
CA GLY B 291 19.36 1.20 28.98
C GLY B 291 19.24 2.55 29.66
N GLU B 292 20.35 2.97 30.24
CA GLU B 292 20.60 4.25 30.92
C GLU B 292 20.14 5.48 30.13
N GLU B 293 20.69 5.68 28.93
CA GLU B 293 20.31 6.78 28.05
C GLU B 293 18.80 6.81 27.77
N PHE B 294 18.19 5.64 27.56
CA PHE B 294 16.74 5.56 27.39
C PHE B 294 16.03 6.08 28.61
N GLU B 295 16.33 5.46 29.75
CA GLU B 295 15.70 5.82 31.05
C GLU B 295 15.79 7.32 31.36
N LYS B 296 16.91 7.94 31.10
CA LYS B 296 17.06 9.39 31.25
C LYS B 296 16.09 10.15 30.33
N LEU B 297 16.06 9.75 29.05
CA LEU B 297 15.24 10.45 28.08
C LEU B 297 13.76 10.28 28.43
N TYR B 298 13.37 9.02 28.69
CA TYR B 298 11.99 8.75 28.99
C TYR B 298 11.50 9.55 30.18
N ALA B 299 12.27 9.53 31.28
CA ALA B 299 11.90 10.31 32.46
C ALA B 299 12.00 11.85 32.22
N SER B 300 12.98 12.29 31.45
CA SER B 300 13.03 13.67 31.09
C SER B 300 11.71 14.09 30.39
N TYR B 301 11.23 13.27 29.46
CA TYR B 301 9.99 13.59 28.74
C TYR B 301 8.78 13.61 29.67
N GLU B 302 8.74 12.73 30.68
CA GLU B 302 7.57 12.68 31.60
C GLU B 302 7.53 13.95 32.47
N LYS B 303 8.71 14.37 32.88
CA LYS B 303 8.88 15.53 33.76
C LYS B 303 8.60 16.82 33.00
N GLN B 304 8.81 16.79 31.69
CA GLN B 304 8.46 17.89 30.79
C GLN B 304 6.99 17.90 30.40
N GLY B 305 6.23 16.92 30.88
CA GLY B 305 4.82 16.82 30.54
C GLY B 305 4.56 16.44 29.09
N ARG B 306 5.53 15.85 28.40
CA ARG B 306 5.38 15.42 27.04
C ARG B 306 4.77 14.03 27.06
N VAL B 307 3.48 13.96 27.38
CA VAL B 307 2.82 12.70 27.68
C VAL B 307 1.36 12.82 27.33
N ARG B 308 0.84 11.84 26.62
CA ARG B 308 -0.54 11.86 26.16
C ARG B 308 -1.52 11.08 27.05
N LYS B 309 -1.07 10.01 27.69
CA LYS B 309 -1.90 9.25 28.62
C LYS B 309 -0.97 8.59 29.64
N VAL B 310 -1.38 8.59 30.90
CA VAL B 310 -0.66 7.94 31.97
C VAL B 310 -1.62 6.84 32.38
N VAL B 311 -1.13 5.62 32.43
CA VAL B 311 -1.91 4.48 32.89
C VAL B 311 -1.03 3.88 33.97
N LYS B 312 -1.60 2.93 34.72
CA LYS B 312 -0.80 2.15 35.66
C LYS B 312 -0.05 1.10 34.82
N ALA B 313 1.23 0.88 35.14
CA ALA B 313 2.04 -0.15 34.46
C ALA B 313 1.29 -1.46 34.43
N GLN B 314 0.69 -1.80 35.56
CA GLN B 314 0.03 -3.09 35.68
C GLN B 314 -1.18 -3.26 34.81
N GLN B 315 -1.81 -2.16 34.44
CA GLN B 315 -2.92 -2.25 33.51
C GLN B 315 -2.48 -2.63 32.06
N LEU B 316 -1.39 -2.04 31.61
CA LEU B 316 -0.80 -2.42 30.34
C LEU B 316 -0.30 -3.86 30.43
N TRP B 317 0.39 -4.15 31.54
CA TRP B 317 0.82 -5.52 31.84
C TRP B 317 -0.33 -6.49 31.72
N TYR B 318 -1.43 -6.16 32.37
CA TYR B 318 -2.62 -7.00 32.30
C TYR B 318 -3.09 -7.23 30.86
N ALA B 319 -3.11 -6.16 30.04
CA ALA B 319 -3.56 -6.30 28.65
C ALA B 319 -2.62 -7.18 27.81
N ILE B 320 -1.33 -7.14 28.12
CA ILE B 320 -0.34 -8.01 27.43
C ILE B 320 -0.61 -9.48 27.74
N ILE B 321 -0.78 -9.77 29.03
CA ILE B 321 -1.10 -11.12 29.50
C ILE B 321 -2.37 -11.65 28.84
N GLU B 322 -3.43 -10.82 28.79
CA GLU B 322 -4.71 -11.20 28.18
C GLU B 322 -4.54 -11.59 26.72
N SER B 323 -3.78 -10.79 25.96
CA SER B 323 -3.55 -11.07 24.51
C SER B 323 -2.79 -12.38 24.26
N GLN B 324 -1.81 -12.63 25.11
CA GLN B 324 -1.03 -13.86 25.11
C GLN B 324 -1.88 -15.08 25.40
N THR B 325 -2.78 -14.95 26.36
CA THR B 325 -3.72 -16.02 26.72
C THR B 325 -4.68 -16.35 25.60
N GLU B 326 -5.19 -15.34 24.91
CA GLU B 326 -6.09 -15.56 23.75
C GLU B 326 -5.35 -16.02 22.50
N THR B 327 -4.17 -15.45 22.23
CA THR B 327 -3.51 -15.56 20.91
C THR B 327 -2.11 -16.16 20.87
N GLY B 328 -1.53 -16.41 22.04
CA GLY B 328 -0.11 -16.76 22.14
C GLY B 328 0.91 -15.64 21.96
N THR B 329 0.45 -14.45 21.53
CA THR B 329 1.28 -13.28 21.15
C THR B 329 0.86 -12.05 22.00
N PRO B 330 1.63 -10.96 22.06
CA PRO B 330 2.91 -10.78 21.42
C PRO B 330 4.09 -11.54 22.03
N TYR B 331 5.03 -11.82 21.13
CA TYR B 331 6.37 -12.23 21.42
C TYR B 331 6.95 -11.19 22.36
N MET B 332 7.89 -11.61 23.21
CA MET B 332 8.49 -10.79 24.28
C MET B 332 9.99 -10.70 24.10
N LEU B 333 10.45 -9.50 23.79
CA LEU B 333 11.86 -9.25 23.60
C LEU B 333 12.28 -8.16 24.57
N TYR B 334 13.41 -8.35 25.22
CA TYR B 334 13.96 -7.36 26.16
C TYR B 334 15.06 -6.56 25.46
N LYS B 335 14.64 -5.38 24.98
CA LYS B 335 15.46 -4.44 24.20
C LYS B 335 16.86 -4.16 24.73
N ASP B 336 16.89 -3.81 26.01
CA ASP B 336 18.14 -3.51 26.69
C ASP B 336 19.10 -4.72 26.78
N SER B 337 18.59 -5.91 27.06
CA SER B 337 19.40 -7.14 27.05
C SER B 337 19.91 -7.46 25.65
N CYS B 338 19.05 -7.25 24.63
CA CYS B 338 19.47 -7.42 23.23
C CYS B 338 20.62 -6.47 22.87
N ASN B 339 20.50 -5.24 23.34
CA ASN B 339 21.45 -4.17 22.97
C ASN B 339 22.73 -4.20 23.81
N ARG B 340 22.57 -4.45 25.11
CA ARG B 340 23.69 -4.53 26.07
C ARG B 340 24.67 -5.65 25.67
N LYS B 341 24.13 -6.73 25.12
CA LYS B 341 24.87 -7.95 24.83
C LYS B 341 24.99 -8.25 23.35
N SER B 342 24.94 -7.23 22.50
CA SER B 342 25.16 -7.43 21.06
C SER B 342 26.55 -6.97 20.62
N ASN B 343 27.26 -7.80 19.86
CA ASN B 343 28.48 -7.36 19.18
C ASN B 343 28.29 -6.28 18.10
N GLN B 344 27.04 -6.05 17.69
CA GLN B 344 26.72 -4.92 16.80
C GLN B 344 26.35 -3.61 17.57
N GLN B 345 26.63 -3.47 18.87
CA GLN B 345 26.30 -2.20 19.58
C GLN B 345 27.09 -0.99 19.14
N ASN B 346 28.29 -1.20 18.56
CA ASN B 346 29.03 -0.13 17.93
C ASN B 346 28.33 0.48 16.73
N LEU B 347 27.33 -0.18 16.15
CA LEU B 347 26.61 0.38 15.00
C LEU B 347 25.56 1.44 15.35
N GLY B 348 25.01 1.35 16.56
CA GLY B 348 23.82 2.11 16.97
C GLY B 348 22.80 1.18 17.63
N THR B 349 21.74 1.78 18.15
CA THR B 349 20.71 1.06 18.90
C THR B 349 19.97 0.09 17.98
N ILE B 350 19.83 -1.13 18.41
CA ILE B 350 19.09 -2.07 17.65
C ILE B 350 17.62 -1.94 18.00
N LYS B 351 16.75 -1.92 16.95
CA LYS B 351 15.33 -1.56 17.12
C LYS B 351 14.32 -2.70 17.07
N CYS B 352 14.73 -3.86 16.58
CA CYS B 352 13.84 -5.03 16.58
C CYS B 352 14.59 -6.32 16.39
N SER B 353 13.89 -7.42 16.64
CA SER B 353 14.30 -8.73 16.18
C SER B 353 13.50 -9.01 14.92
N ASN B 354 13.44 -10.27 14.57
CA ASN B 354 12.93 -10.71 13.29
C ASN B 354 11.64 -11.50 13.46
N LEU B 355 11.25 -12.20 12.41
CA LEU B 355 10.02 -12.96 12.42
C LEU B 355 9.98 -14.04 13.50
N CYS B 356 11.13 -14.68 13.75
CA CYS B 356 11.16 -15.84 14.64
C CYS B 356 11.79 -15.57 16.00
N THR B 357 12.21 -14.32 16.22
CA THR B 357 12.75 -13.86 17.51
C THR B 357 14.21 -14.27 17.83
N GLU B 358 14.93 -14.81 16.87
CA GLU B 358 16.33 -15.26 17.13
C GLU B 358 17.42 -14.29 16.61
N ILE B 359 17.07 -13.41 15.71
CA ILE B 359 18.05 -12.50 15.11
C ILE B 359 17.92 -11.13 15.73
N VAL B 360 19.03 -10.64 16.26
CA VAL B 360 19.15 -9.36 16.83
C VAL B 360 20.22 -8.64 16.04
N GLU B 361 19.77 -7.84 15.08
CA GLU B 361 20.66 -7.15 14.15
C GLU B 361 20.16 -5.75 13.87
N TYR B 362 21.12 -4.90 13.50
CA TYR B 362 20.93 -3.46 13.37
C TYR B 362 20.20 -3.13 12.08
N THR B 363 19.28 -2.19 12.19
CA THR B 363 18.60 -1.63 11.06
C THR B 363 18.63 -0.11 11.14
N SER B 364 18.38 0.48 9.97
CA SER B 364 18.27 1.90 9.78
C SER B 364 17.61 2.08 8.44
N LYS B 365 17.46 3.34 8.07
CA LYS B 365 16.86 3.71 6.79
C LYS B 365 17.68 3.28 5.60
N ASP B 366 19.01 3.18 5.75
CA ASP B 366 19.89 2.66 4.70
C ASP B 366 20.20 1.15 4.78
N GLU B 367 19.80 0.49 5.87
CA GLU B 367 20.19 -0.90 6.11
C GLU B 367 19.04 -1.83 6.51
N VAL B 368 18.81 -2.86 5.69
CA VAL B 368 17.85 -3.92 5.99
C VAL B 368 18.68 -5.12 6.41
N ALA B 369 18.55 -5.54 7.66
CA ALA B 369 19.33 -6.66 8.14
C ALA B 369 18.81 -7.97 7.55
N VAL B 370 19.74 -8.92 7.39
CA VAL B 370 19.44 -10.19 6.72
C VAL B 370 19.86 -11.34 7.61
N CYS B 371 19.07 -12.42 7.56
CA CYS B 371 19.35 -13.63 8.37
C CYS B 371 19.84 -14.78 7.52
N ASN B 372 21.09 -15.17 7.69
CA ASN B 372 21.68 -16.22 6.89
C ASN B 372 21.78 -17.48 7.79
N LEU B 373 20.88 -18.46 7.65
CA LEU B 373 20.64 -19.53 8.63
C LEU B 373 21.05 -20.99 8.27
N ALA B 374 21.48 -21.74 9.29
CA ALA B 374 21.62 -23.18 9.18
C ALA B 374 21.46 -23.84 10.53
N SER B 375 21.14 -25.11 10.57
CA SER B 375 21.05 -25.84 11.83
C SER B 375 21.88 -27.10 11.86
N LEU B 376 22.57 -27.27 12.98
CA LEU B 376 23.33 -28.47 13.30
C LEU B 376 22.40 -29.47 13.96
N ALA B 377 22.47 -30.72 13.50
CA ALA B 377 21.68 -31.83 14.06
C ALA B 377 22.39 -32.50 15.28
N LEU B 378 22.08 -32.00 16.47
CA LEU B 378 22.81 -32.34 17.67
C LEU B 378 22.88 -33.85 18.01
N ASN B 379 21.78 -34.58 17.73
CA ASN B 379 21.72 -36.04 17.78
C ASN B 379 22.92 -36.77 17.16
N MET B 380 23.42 -36.25 16.03
CA MET B 380 24.43 -36.96 15.25
C MET B 380 25.78 -37.13 15.93
N TYR B 381 26.03 -36.35 16.98
CA TYR B 381 27.36 -36.23 17.63
C TYR B 381 27.45 -37.09 18.89
N VAL B 382 26.37 -37.80 19.23
CA VAL B 382 26.37 -38.73 20.32
C VAL B 382 26.98 -40.06 19.82
N THR B 383 27.95 -40.59 20.56
CA THR B 383 28.53 -41.93 20.26
C THR B 383 27.72 -43.02 20.92
N SER B 384 27.96 -44.26 20.48
CA SER B 384 27.34 -45.50 21.06
C SER B 384 27.67 -45.69 22.53
N GLU B 385 28.85 -45.21 22.90
CA GLU B 385 29.28 -45.09 24.28
C GLU B 385 28.44 -44.12 25.17
N HIS B 386 27.60 -43.27 24.58
CA HIS B 386 26.90 -42.21 25.34
C HIS B 386 27.89 -41.18 25.83
N THR B 387 28.89 -40.88 25.01
CA THR B 387 29.68 -39.68 25.17
C THR B 387 29.35 -38.74 23.99
N TYR B 388 29.58 -37.43 24.18
CA TYR B 388 29.34 -36.44 23.17
C TYR B 388 30.62 -36.02 22.45
N ASP B 389 30.57 -36.06 21.13
CA ASP B 389 31.74 -35.75 20.32
C ASP B 389 31.78 -34.25 20.02
N PHE B 390 32.36 -33.51 20.94
CA PHE B 390 32.45 -32.07 20.87
C PHE B 390 33.38 -31.64 19.74
N LYS B 391 34.51 -32.34 19.58
CA LYS B 391 35.50 -31.96 18.57
C LYS B 391 34.89 -32.07 17.15
N LYS B 392 34.06 -33.09 16.99
CA LYS B 392 33.35 -33.30 15.74
C LYS B 392 32.30 -32.18 15.50
N LEU B 393 31.53 -31.82 16.53
CA LEU B 393 30.60 -30.68 16.42
C LEU B 393 31.33 -29.38 16.05
N ALA B 394 32.45 -29.11 16.73
CA ALA B 394 33.28 -27.95 16.40
C ALA B 394 33.74 -27.95 14.92
N GLU B 395 34.21 -29.09 14.45
CA GLU B 395 34.66 -29.23 13.07
C GLU B 395 33.58 -28.90 12.06
N VAL B 396 32.40 -29.49 12.27
CA VAL B 396 31.27 -29.32 11.37
C VAL B 396 30.75 -27.87 11.39
N THR B 397 30.68 -27.27 12.57
CA THR B 397 30.36 -25.85 12.71
C THR B 397 31.27 -25.02 11.84
N LYS B 398 32.56 -25.35 11.82
CA LYS B 398 33.49 -24.57 10.99
C LYS B 398 33.14 -24.59 9.50
N VAL B 399 32.68 -25.73 9.00
CA VAL B 399 32.29 -25.88 7.58
C VAL B 399 31.07 -24.97 7.28
N VAL B 400 30.13 -25.01 8.22
CA VAL B 400 28.89 -24.27 8.15
C VAL B 400 29.14 -22.77 8.14
N VAL B 401 30.11 -22.32 8.91
CA VAL B 401 30.47 -20.93 8.93
C VAL B 401 31.01 -20.53 7.57
N ARG B 402 31.86 -21.35 6.97
CA ARG B 402 32.42 -21.03 5.65
C ARG B 402 31.30 -21.00 4.59
N ASN B 403 30.38 -21.96 4.69
CA ASN B 403 29.19 -22.00 3.83
C ASN B 403 28.30 -20.75 3.91
N LEU B 404 27.96 -20.33 5.13
CA LEU B 404 27.06 -19.20 5.26
C LEU B 404 27.81 -17.95 4.86
N ASN B 405 29.08 -17.93 5.15
CA ASN B 405 29.92 -16.83 4.73
C ASN B 405 29.98 -16.67 3.20
N LYS B 406 30.07 -17.78 2.45
CA LYS B 406 29.99 -17.73 0.97
C LYS B 406 28.60 -17.32 0.47
N ILE B 407 27.59 -17.88 1.10
CA ILE B 407 26.20 -17.51 0.83
C ILE B 407 25.93 -16.02 0.91
N ILE B 408 26.61 -15.30 1.80
CA ILE B 408 26.43 -13.84 1.86
C ILE B 408 26.84 -13.21 0.52
N ASP B 409 27.95 -13.68 -0.04
CA ASP B 409 28.51 -13.11 -1.26
C ASP B 409 27.76 -13.53 -2.54
N ILE B 410 27.10 -14.70 -2.53
CA ILE B 410 26.35 -15.26 -3.70
C ILE B 410 24.92 -14.75 -3.76
N ASN B 411 24.39 -14.36 -2.61
CA ASN B 411 22.97 -14.15 -2.43
C ASN B 411 22.41 -13.06 -3.38
N TYR B 412 21.17 -13.25 -3.82
CA TYR B 412 20.46 -12.26 -4.59
C TYR B 412 19.53 -11.51 -3.63
N TYR B 413 19.86 -10.25 -3.34
CA TYR B 413 19.16 -9.49 -2.34
C TYR B 413 17.89 -8.85 -2.90
N PRO B 414 16.73 -9.03 -2.25
CA PRO B 414 15.51 -8.40 -2.79
C PRO B 414 15.50 -6.85 -2.78
N VAL B 415 16.24 -6.23 -1.88
CA VAL B 415 16.38 -4.77 -1.89
C VAL B 415 17.86 -4.44 -1.71
N PRO B 416 18.33 -3.31 -2.24
CA PRO B 416 19.76 -2.98 -2.08
C PRO B 416 20.24 -2.67 -0.63
N GLU B 417 19.34 -2.24 0.24
CA GLU B 417 19.70 -1.98 1.63
C GLU B 417 20.02 -3.27 2.37
N ALA B 418 19.43 -4.37 1.93
CA ALA B 418 19.75 -5.70 2.43
C ALA B 418 21.18 -6.14 2.04
N CYS B 419 21.58 -5.84 0.80
CA CYS B 419 22.93 -6.16 0.34
C CYS B 419 23.90 -5.35 1.12
N LEU B 420 23.64 -4.06 1.25
CA LEU B 420 24.51 -3.18 2.02
C LEU B 420 24.72 -3.69 3.47
N SER B 421 23.64 -4.04 4.14
CA SER B 421 23.72 -4.51 5.54
C SER B 421 24.59 -5.77 5.66
N ASN B 422 24.26 -6.74 4.83
CA ASN B 422 24.93 -8.03 4.87
C ASN B 422 26.41 -7.96 4.54
N LYS B 423 26.77 -7.17 3.54
CA LYS B 423 28.17 -7.04 3.17
C LYS B 423 28.97 -6.22 4.17
N ARG B 424 28.32 -5.27 4.84
CA ARG B 424 29.01 -4.40 5.83
C ARG B 424 29.41 -5.13 7.10
N HIS B 425 28.50 -5.95 7.61
CA HIS B 425 28.65 -6.58 8.92
C HIS B 425 28.79 -8.10 8.89
N ARG B 426 28.42 -8.72 7.77
CA ARG B 426 28.59 -10.16 7.57
C ARG B 426 28.01 -11.09 8.67
N PRO B 427 26.81 -10.78 9.20
CA PRO B 427 26.28 -11.62 10.26
C PRO B 427 25.76 -12.95 9.74
N ILE B 428 25.89 -14.00 10.56
CA ILE B 428 25.28 -15.31 10.26
C ILE B 428 24.56 -15.84 11.50
N GLY B 429 23.80 -16.92 11.33
CA GLY B 429 22.92 -17.47 12.39
C GLY B 429 22.94 -18.97 12.35
N ILE B 430 23.88 -19.59 13.08
CA ILE B 430 23.98 -21.04 13.12
C ILE B 430 23.14 -21.44 14.30
N GLY B 431 22.15 -22.31 14.04
CA GLY B 431 21.24 -22.84 15.04
C GLY B 431 21.43 -24.34 15.18
N VAL B 432 20.44 -25.00 15.77
CA VAL B 432 20.53 -26.39 16.05
C VAL B 432 19.14 -27.03 15.91
N GLN B 433 19.14 -28.36 15.91
CA GLN B 433 17.94 -29.17 16.06
C GLN B 433 18.30 -30.44 16.78
N GLY B 434 17.27 -31.08 17.31
CA GLY B 434 17.41 -32.32 18.01
C GLY B 434 18.21 -32.29 19.30
N LEU B 435 18.15 -31.16 20.02
CA LEU B 435 18.68 -31.09 21.33
C LEU B 435 18.07 -32.18 22.25
N ALA B 436 16.75 -32.29 22.21
CA ALA B 436 16.00 -33.26 23.00
C ALA B 436 16.43 -34.66 22.65
N ASP B 437 16.69 -34.91 21.36
CA ASP B 437 17.20 -36.20 20.91
C ASP B 437 18.58 -36.48 21.45
N ALA B 438 19.49 -35.50 21.39
CA ALA B 438 20.85 -35.65 21.94
C ALA B 438 20.82 -36.01 23.43
N PHE B 439 19.88 -35.45 24.19
CA PHE B 439 19.70 -35.78 25.63
C PHE B 439 19.18 -37.19 25.77
N ILE B 440 18.21 -37.54 24.93
CA ILE B 440 17.70 -38.92 24.92
C ILE B 440 18.78 -39.94 24.58
N LEU B 441 19.59 -39.66 23.58
CA LEU B 441 20.65 -40.60 23.17
C LEU B 441 21.78 -40.78 24.20
N MET B 442 21.95 -39.76 25.04
CA MET B 442 22.91 -39.75 26.10
C MET B 442 22.35 -40.34 27.36
N ARG B 443 21.05 -40.58 27.38
CA ARG B 443 20.31 -41.13 28.55
C ARG B 443 20.11 -40.09 29.65
N TYR B 444 20.10 -38.81 29.28
CA TYR B 444 19.90 -37.71 30.25
C TYR B 444 18.49 -37.12 30.19
N PRO B 445 17.73 -37.15 31.31
CA PRO B 445 16.50 -36.34 31.27
C PRO B 445 16.77 -34.86 31.00
N PHE B 446 15.81 -34.20 30.39
CA PHE B 446 15.98 -32.82 29.90
C PHE B 446 16.37 -31.87 31.05
N GLU B 447 15.76 -32.07 32.21
CA GLU B 447 15.94 -31.26 33.43
C GLU B 447 17.09 -31.65 34.35
N SER B 448 17.71 -32.78 34.07
CA SER B 448 18.74 -33.34 34.92
C SER B 448 19.93 -32.47 34.79
N ALA B 449 20.77 -32.49 35.82
CA ALA B 449 22.02 -31.72 35.83
C ALA B 449 23.01 -32.15 34.71
N GLU B 450 22.93 -33.41 34.33
CA GLU B 450 23.73 -33.95 33.20
C GLU B 450 23.36 -33.26 31.87
N ALA B 451 22.05 -33.20 31.61
CA ALA B 451 21.52 -32.43 30.48
C ALA B 451 21.92 -30.96 30.57
N GLN B 452 21.92 -30.42 31.77
CA GLN B 452 22.24 -29.02 31.97
C GLN B 452 23.68 -28.64 31.64
N LEU B 453 24.64 -29.46 32.08
CA LEU B 453 26.04 -29.27 31.64
C LEU B 453 26.23 -29.51 30.13
N LEU B 454 25.63 -30.57 29.61
CA LEU B 454 25.76 -30.87 28.25
C LEU B 454 25.23 -29.70 27.44
N ASN B 455 24.05 -29.22 27.82
CA ASN B 455 23.49 -28.01 27.18
C ASN B 455 24.53 -26.91 27.12
N LYS B 456 25.13 -26.57 28.25
CA LYS B 456 26.22 -25.59 28.25
C LYS B 456 27.35 -25.91 27.25
N GLN B 457 27.85 -27.13 27.31
CA GLN B 457 29.06 -27.46 26.57
C GLN B 457 28.80 -27.60 25.06
N ILE B 458 27.60 -28.04 24.69
CA ILE B 458 27.19 -28.00 23.26
C ILE B 458 27.32 -26.59 22.68
N PHE B 459 26.83 -25.60 23.42
CA PHE B 459 26.80 -24.23 22.91
C PHE B 459 28.13 -23.54 23.06
N GLU B 460 28.88 -23.88 24.10
CA GLU B 460 30.26 -23.45 24.18
C GLU B 460 31.00 -23.86 22.92
N THR B 461 30.86 -25.14 22.57
CA THR B 461 31.59 -25.77 21.45
C THR B 461 31.28 -25.14 20.12
N ILE B 462 30.00 -24.98 19.86
CA ILE B 462 29.52 -24.31 18.63
C ILE B 462 30.08 -22.88 18.49
N TYR B 463 30.03 -22.13 19.59
CA TYR B 463 30.51 -20.76 19.58
C TYR B 463 32.02 -20.72 19.37
N TYR B 464 32.74 -21.64 20.03
CA TYR B 464 34.18 -21.77 19.86
C TYR B 464 34.61 -22.13 18.43
N GLY B 465 34.13 -23.23 17.91
CA GLY B 465 34.34 -23.56 16.52
C GLY B 465 33.91 -22.44 15.56
N ALA B 466 32.77 -21.82 15.83
CA ALA B 466 32.26 -20.83 14.89
C ALA B 466 33.20 -19.62 14.84
N LEU B 467 33.56 -19.12 16.01
CA LEU B 467 34.60 -18.10 16.13
C LEU B 467 35.93 -18.49 15.46
N GLU B 468 36.34 -19.74 15.63
CA GLU B 468 37.61 -20.21 15.05
C GLU B 468 37.56 -20.02 13.53
N ALA B 469 36.51 -20.54 12.92
CA ALA B 469 36.37 -20.42 11.47
C ALA B 469 36.30 -18.96 11.06
N SER B 470 35.51 -18.19 11.80
CA SER B 470 35.33 -16.77 11.50
C SER B 470 36.65 -16.00 11.51
N CYS B 471 37.50 -16.34 12.47
CA CYS B 471 38.83 -15.76 12.63
C CYS B 471 39.78 -16.19 11.53
N ASP B 472 39.81 -17.49 11.26
CA ASP B 472 40.55 -18.00 10.08
C ASP B 472 40.14 -17.23 8.79
N LEU B 473 38.83 -17.08 8.57
CA LEU B 473 38.30 -16.38 7.41
C LEU B 473 38.77 -14.91 7.35
N ALA B 474 38.84 -14.26 8.51
CA ALA B 474 39.42 -12.91 8.61
C ALA B 474 40.91 -12.88 8.32
N LYS B 475 41.65 -13.85 8.85
CA LYS B 475 43.04 -14.07 8.47
C LYS B 475 43.22 -14.15 6.96
N GLU B 476 42.33 -14.87 6.29
CA GLU B 476 42.35 -15.06 4.83
C GLU B 476 41.77 -13.88 4.03
N GLN B 477 40.67 -13.30 4.51
CA GLN B 477 39.90 -12.28 3.77
C GLN B 477 39.87 -10.90 4.46
N GLY B 478 40.53 -10.75 5.61
CA GLY B 478 40.45 -9.51 6.41
C GLY B 478 39.14 -9.40 7.19
N PRO B 479 39.09 -8.53 8.22
CA PRO B 479 37.83 -8.52 9.00
C PRO B 479 36.69 -7.80 8.29
N TYR B 480 35.47 -7.97 8.80
CA TYR B 480 34.28 -7.25 8.30
C TYR B 480 34.45 -5.74 8.50
N GLU B 481 33.77 -4.95 7.66
CA GLU B 481 34.00 -3.52 7.62
C GLU B 481 33.93 -2.87 9.00
N THR B 482 32.93 -3.23 9.79
CA THR B 482 32.64 -2.52 11.04
C THR B 482 33.23 -3.20 12.30
N TYR B 483 34.27 -4.03 12.10
CA TYR B 483 34.82 -4.80 13.19
C TYR B 483 35.48 -3.91 14.24
N GLU B 484 36.33 -2.99 13.78
CA GLU B 484 37.18 -2.18 14.69
C GLU B 484 36.26 -1.21 15.39
N GLY B 485 36.22 -1.31 16.71
CA GLY B 485 35.21 -0.64 17.58
C GLY B 485 34.24 -1.58 18.30
N SER B 486 34.04 -2.77 17.76
CA SER B 486 33.10 -3.74 18.31
C SER B 486 33.63 -4.37 19.59
N PRO B 487 32.74 -4.86 20.44
CA PRO B 487 33.14 -5.54 21.64
C PRO B 487 34.18 -6.67 21.41
N VAL B 488 33.92 -7.58 20.47
CA VAL B 488 34.91 -8.61 20.11
C VAL B 488 36.31 -8.03 19.82
N SER B 489 36.40 -6.89 19.10
CA SER B 489 37.69 -6.20 18.82
C SER B 489 38.47 -5.70 20.08
N LYS B 490 37.73 -5.49 21.17
CA LYS B 490 38.28 -5.22 22.49
C LYS B 490 38.33 -6.43 23.46
N GLY B 491 38.29 -7.65 22.91
CA GLY B 491 38.45 -8.91 23.70
C GLY B 491 37.23 -9.43 24.44
N ILE B 492 36.06 -8.86 24.11
CA ILE B 492 34.84 -9.15 24.80
C ILE B 492 34.08 -10.13 23.92
N LEU B 493 33.94 -11.36 24.38
CA LEU B 493 33.13 -12.34 23.70
C LEU B 493 31.73 -12.34 24.35
N GLN B 494 30.81 -13.08 23.74
CA GLN B 494 29.44 -13.06 24.24
C GLN B 494 29.36 -13.41 25.72
N TYR B 495 30.00 -14.50 26.12
CA TYR B 495 29.94 -14.92 27.57
C TYR B 495 30.41 -13.86 28.57
N ASP B 496 31.41 -13.07 28.19
CA ASP B 496 31.93 -11.99 29.04
C ASP B 496 30.84 -10.99 29.34
N MET B 497 30.01 -10.68 28.34
CA MET B 497 28.89 -9.74 28.46
C MET B 497 27.76 -10.26 29.36
N TRP B 498 27.71 -11.58 29.59
CA TRP B 498 26.83 -12.21 30.59
C TRP B 498 27.50 -12.41 31.98
N ASN B 499 28.80 -12.08 32.05
CA ASN B 499 29.68 -12.31 33.18
C ASN B 499 29.70 -13.77 33.58
N VAL B 500 29.76 -14.61 32.56
CA VAL B 500 29.80 -16.05 32.74
C VAL B 500 31.22 -16.47 32.46
N THR B 501 31.69 -17.43 33.24
CA THR B 501 33.01 -18.09 32.99
C THR B 501 32.79 -19.44 32.35
N PRO B 502 33.34 -19.68 31.15
CA PRO B 502 33.09 -20.97 30.56
C PRO B 502 33.74 -22.12 31.31
N THR B 503 33.22 -23.33 31.07
CA THR B 503 33.85 -24.57 31.51
C THR B 503 35.25 -24.74 30.88
N ASP B 504 35.99 -25.69 31.42
CA ASP B 504 37.36 -26.07 31.01
C ASP B 504 37.45 -26.72 29.63
N LEU B 505 36.31 -27.13 29.07
CA LEU B 505 36.27 -27.89 27.84
C LEU B 505 37.17 -27.33 26.75
N TRP B 506 37.13 -26.03 26.48
CA TRP B 506 37.88 -25.42 25.35
C TRP B 506 38.84 -24.33 25.79
N ASP B 507 39.87 -24.12 25.00
CA ASP B 507 40.86 -23.09 25.33
C ASP B 507 40.47 -21.72 24.78
N TRP B 508 39.70 -20.99 25.57
CA TRP B 508 39.25 -19.64 25.18
C TRP B 508 40.40 -18.65 25.12
N LYS B 509 41.38 -18.82 26.00
CA LYS B 509 42.56 -17.95 26.04
C LYS B 509 43.27 -17.90 24.68
N VAL B 510 43.52 -19.09 24.13
CA VAL B 510 44.15 -19.29 22.84
C VAL B 510 43.29 -18.67 21.72
N LEU B 511 41.98 -18.97 21.73
CA LEU B 511 41.08 -18.36 20.75
C LEU B 511 41.13 -16.84 20.82
N LYS B 512 40.97 -16.27 22.01
CA LYS B 512 41.10 -14.79 22.15
C LYS B 512 42.41 -14.18 21.55
N GLU B 513 43.50 -14.94 21.65
CA GLU B 513 44.78 -14.57 21.07
C GLU B 513 44.74 -14.57 19.55
N LYS B 514 44.16 -15.61 18.93
CA LYS B 514 43.97 -15.61 17.46
C LYS B 514 43.05 -14.45 17.03
N ILE B 515 41.99 -14.20 17.80
CA ILE B 515 41.04 -13.11 17.49
C ILE B 515 41.73 -11.75 17.54
N ALA B 516 42.50 -11.51 18.58
CA ALA B 516 43.31 -10.28 18.71
C ALA B 516 44.23 -10.00 17.53
N LYS B 517 44.79 -11.06 16.96
CA LYS B 517 45.76 -10.97 15.85
C LYS B 517 45.13 -10.75 14.49
N TYR B 518 44.13 -11.56 14.14
CA TYR B 518 43.50 -11.49 12.81
C TYR B 518 42.10 -10.86 12.76
N GLY B 519 41.45 -10.71 13.91
CA GLY B 519 40.03 -10.34 13.94
C GLY B 519 39.10 -11.52 13.61
N ILE B 520 37.87 -11.19 13.19
CA ILE B 520 36.84 -12.13 12.74
C ILE B 520 36.08 -11.56 11.53
N ARG B 521 35.63 -12.47 10.68
CA ARG B 521 34.98 -12.11 9.44
C ARG B 521 33.51 -11.79 9.62
N ASN B 522 32.90 -12.29 10.69
CA ASN B 522 31.47 -12.16 10.90
C ASN B 522 31.11 -11.47 12.22
N SER B 523 30.20 -10.50 12.16
CA SER B 523 29.79 -9.75 13.34
C SER B 523 29.03 -10.57 14.35
N LEU B 524 28.21 -11.49 13.85
CA LEU B 524 27.45 -12.45 14.63
C LEU B 524 27.49 -13.82 13.94
N LEU B 525 27.29 -14.85 14.75
CA LEU B 525 27.56 -16.23 14.38
C LEU B 525 26.41 -17.20 14.69
N ILE B 526 25.84 -17.15 15.89
CA ILE B 526 24.96 -18.20 16.45
C ILE B 526 23.61 -17.61 16.71
N ALA B 527 22.58 -18.38 16.34
CA ALA B 527 21.16 -18.04 16.53
C ALA B 527 20.25 -19.26 16.35
N PRO B 528 19.87 -19.92 17.45
CA PRO B 528 18.89 -21.03 17.33
C PRO B 528 17.47 -20.64 16.84
N MET B 529 17.22 -20.99 15.58
CA MET B 529 15.94 -20.77 14.88
C MET B 529 14.92 -21.90 15.06
N PRO B 530 13.69 -21.71 14.58
CA PRO B 530 12.67 -22.70 14.92
C PRO B 530 12.83 -24.08 14.29
N THR B 531 13.48 -24.17 13.12
CA THR B 531 13.67 -25.47 12.40
C THR B 531 12.40 -26.34 12.18
N ALA B 532 11.23 -25.71 12.03
CA ALA B 532 9.94 -26.44 11.79
C ALA B 532 9.99 -27.46 10.64
N SER B 533 10.38 -27.00 9.46
CA SER B 533 10.42 -27.88 8.27
C SER B 533 11.60 -28.82 8.26
N THR B 534 12.80 -28.29 8.49
CA THR B 534 14.01 -29.12 8.31
C THR B 534 14.14 -30.20 9.39
N ALA B 535 13.73 -29.88 10.61
CA ALA B 535 13.64 -30.90 11.69
C ALA B 535 12.77 -32.09 11.33
N GLN B 536 11.60 -31.81 10.76
CA GLN B 536 10.64 -32.81 10.28
C GLN B 536 11.26 -33.69 9.16
N ILE B 537 11.92 -33.01 8.24
CA ILE B 537 12.71 -33.65 7.20
C ILE B 537 13.74 -34.62 7.79
N LEU B 538 14.48 -34.15 8.78
CA LEU B 538 15.66 -34.86 9.27
C LEU B 538 15.35 -35.96 10.27
N GLY B 539 14.15 -35.96 10.82
CA GLY B 539 13.74 -36.94 11.83
C GLY B 539 13.97 -36.51 13.27
N ASN B 540 14.18 -35.22 13.49
CA ASN B 540 14.61 -34.68 14.79
C ASN B 540 13.50 -33.82 15.45
N ASN B 541 13.58 -33.67 16.76
CA ASN B 541 12.76 -32.73 17.47
C ASN B 541 13.26 -31.34 17.11
N GLU B 542 12.37 -30.38 17.15
CA GLU B 542 12.68 -29.01 16.73
C GLU B 542 13.66 -28.30 17.70
N SER B 543 14.67 -27.66 17.10
CA SER B 543 15.59 -26.75 17.72
C SER B 543 16.07 -27.18 19.11
N ILE B 544 15.69 -26.39 20.12
CA ILE B 544 16.13 -26.48 21.51
C ILE B 544 14.95 -26.89 22.38
N GLU B 545 13.88 -27.38 21.77
CA GLU B 545 12.62 -27.65 22.46
C GLU B 545 12.73 -29.00 23.13
N PRO B 546 12.13 -29.14 24.34
CA PRO B 546 11.91 -30.48 24.91
C PRO B 546 11.04 -31.39 24.00
N TYR B 547 11.04 -32.68 24.30
CA TYR B 547 10.22 -33.61 23.55
C TYR B 547 8.76 -33.17 23.76
N THR B 548 8.05 -33.01 22.65
CA THR B 548 6.69 -32.44 22.67
C THR B 548 5.61 -33.52 22.97
N SER B 549 5.67 -34.66 22.30
CA SER B 549 4.85 -35.87 22.65
C SER B 549 5.62 -37.17 22.30
N ASN B 550 5.08 -38.31 22.75
CA ASN B 550 5.62 -39.62 22.37
C ASN B 550 4.80 -40.25 21.25
N VAL B 564 4.74 -43.10 16.69
CA VAL B 564 5.34 -43.46 17.98
C VAL B 564 6.81 -43.04 18.02
N ASN B 565 7.18 -42.26 19.03
CA ASN B 565 8.57 -41.74 19.24
C ASN B 565 9.66 -42.82 19.02
N PRO B 566 10.52 -42.65 18.00
CA PRO B 566 11.41 -43.78 17.65
C PRO B 566 12.42 -44.22 18.75
N HIS B 567 12.75 -43.33 19.68
CA HIS B 567 13.63 -43.66 20.80
C HIS B 567 12.87 -44.45 21.88
N LEU B 568 11.71 -43.93 22.26
CA LEU B 568 10.84 -44.60 23.20
C LEU B 568 10.50 -46.01 22.75
N LEU B 569 10.06 -46.13 21.51
CA LEU B 569 9.77 -47.42 20.85
C LEU B 569 10.92 -48.39 21.07
N LYS B 570 12.10 -48.03 20.55
CA LYS B 570 13.31 -48.86 20.64
C LYS B 570 13.65 -49.31 22.06
N ASP B 571 13.67 -48.37 23.00
CA ASP B 571 13.89 -48.68 24.42
C ASP B 571 12.93 -49.71 25.00
N LEU B 572 11.63 -49.51 24.72
CA LEU B 572 10.54 -50.38 25.20
C LEU B 572 10.55 -51.74 24.49
N THR B 573 10.78 -51.70 23.18
CA THR B 573 11.04 -52.89 22.36
C THR B 573 12.19 -53.68 23.01
N GLU B 574 13.29 -52.98 23.30
CA GLU B 574 14.54 -53.61 23.79
C GLU B 574 14.48 -54.17 25.24
N ARG B 575 13.50 -53.75 26.04
CA ARG B 575 13.25 -54.36 27.35
C ARG B 575 12.08 -55.37 27.35
N GLY B 576 11.71 -55.84 26.15
CA GLY B 576 10.56 -56.75 25.96
C GLY B 576 9.34 -56.23 26.67
N LEU B 577 9.11 -54.93 26.54
CA LEU B 577 8.10 -54.23 27.30
C LEU B 577 7.05 -53.57 26.38
N TRP B 578 7.02 -53.96 25.10
CA TRP B 578 6.03 -53.46 24.12
C TRP B 578 5.63 -54.57 23.16
N GLY B 591 1.09 -37.73 23.75
CA GLY B 591 1.67 -38.95 24.30
C GLY B 591 2.58 -38.79 25.51
N SER B 592 1.95 -38.60 26.68
CA SER B 592 2.59 -38.70 27.99
C SER B 592 2.80 -40.16 28.33
N ILE B 593 3.59 -40.42 29.36
CA ILE B 593 3.93 -41.81 29.71
C ILE B 593 3.98 -42.11 31.20
N GLN B 594 3.48 -41.17 32.00
CA GLN B 594 3.63 -41.25 33.43
C GLN B 594 2.36 -41.94 33.91
N ILE B 599 5.99 -49.50 32.93
CA ILE B 599 7.15 -48.74 32.43
C ILE B 599 8.00 -48.16 33.59
N PRO B 600 9.34 -48.42 33.61
CA PRO B 600 10.16 -48.05 34.78
C PRO B 600 10.36 -46.55 34.97
N ASP B 601 10.80 -46.18 36.16
CA ASP B 601 10.98 -44.76 36.51
C ASP B 601 12.09 -44.03 35.74
N ASP B 602 13.13 -44.74 35.30
CA ASP B 602 14.24 -44.12 34.58
C ASP B 602 13.85 -43.70 33.13
N LEU B 603 13.07 -44.55 32.46
CA LEU B 603 12.48 -44.20 31.17
C LEU B 603 11.36 -43.11 31.28
N LYS B 604 10.58 -43.11 32.36
CA LYS B 604 9.63 -42.01 32.63
C LYS B 604 10.34 -40.65 32.64
N GLN B 605 11.35 -40.53 33.50
CA GLN B 605 12.17 -39.31 33.60
C GLN B 605 12.75 -38.88 32.23
N LEU B 606 13.20 -39.83 31.43
CA LEU B 606 13.78 -39.53 30.14
C LEU B 606 12.75 -38.99 29.10
N TYR B 607 11.51 -39.47 29.19
CA TYR B 607 10.45 -39.25 28.17
C TYR B 607 9.26 -38.45 28.75
N LYS B 608 9.59 -37.54 29.65
CA LYS B 608 8.66 -36.49 30.01
C LYS B 608 8.36 -35.64 28.74
N THR B 609 7.16 -35.10 28.66
CA THR B 609 6.83 -34.15 27.60
C THR B 609 7.04 -32.76 28.09
N VAL B 610 7.05 -31.83 27.13
CA VAL B 610 7.22 -30.41 27.41
C VAL B 610 6.25 -29.90 28.49
N TRP B 611 5.05 -30.50 28.53
CA TRP B 611 3.99 -30.14 29.51
C TRP B 611 4.26 -30.63 30.93
N GLU B 612 5.06 -31.68 31.04
CA GLU B 612 5.54 -32.21 32.31
C GLU B 612 6.88 -31.60 32.77
N ILE B 613 7.56 -30.80 31.93
CA ILE B 613 8.88 -30.22 32.22
C ILE B 613 8.75 -28.79 32.76
N SER B 614 9.56 -28.47 33.75
CA SER B 614 9.60 -27.14 34.36
C SER B 614 9.96 -26.06 33.34
N GLN B 615 9.11 -25.05 33.21
CA GLN B 615 9.38 -23.94 32.29
C GLN B 615 10.42 -23.01 32.88
N LYS B 616 10.54 -23.00 34.21
CA LYS B 616 11.64 -22.28 34.85
C LYS B 616 13.00 -22.85 34.40
N THR B 617 13.12 -24.17 34.40
CA THR B 617 14.36 -24.84 34.04
C THR B 617 14.63 -24.59 32.57
N VAL B 618 13.60 -24.78 31.76
CA VAL B 618 13.67 -24.36 30.35
C VAL B 618 14.30 -22.97 30.15
N LEU B 619 13.81 -21.99 30.91
CA LEU B 619 14.30 -20.62 30.79
C LEU B 619 15.73 -20.49 31.32
N LYS B 620 15.99 -21.12 32.48
CA LYS B 620 17.35 -21.20 33.01
C LYS B 620 18.31 -21.79 32.01
N MET B 621 17.96 -22.94 31.46
CA MET B 621 18.81 -23.59 30.43
C MET B 621 19.02 -22.72 29.19
N ALA B 622 18.02 -21.92 28.84
CA ALA B 622 18.15 -21.00 27.72
C ALA B 622 19.11 -19.92 28.05
N ALA B 623 19.01 -19.42 29.29
CA ALA B 623 19.94 -18.39 29.73
C ALA B 623 21.36 -18.88 29.76
N GLU B 624 21.54 -20.13 30.21
CA GLU B 624 22.90 -20.69 30.39
C GLU B 624 23.54 -20.98 29.04
N ARG B 625 22.78 -21.51 28.10
CA ARG B 625 23.30 -21.56 26.74
C ARG B 625 23.37 -20.19 26.07
N GLY B 626 22.50 -19.26 26.49
CA GLY B 626 22.46 -17.90 25.93
C GLY B 626 23.77 -17.13 26.06
N ALA B 627 24.52 -17.40 27.12
CA ALA B 627 25.84 -16.81 27.26
C ALA B 627 26.77 -17.11 26.13
N PHE B 628 26.51 -18.19 25.37
CA PHE B 628 27.33 -18.55 24.22
C PHE B 628 26.58 -18.38 22.88
N ILE B 629 25.57 -17.51 22.87
CA ILE B 629 24.78 -17.19 21.70
C ILE B 629 24.78 -15.67 21.54
N ASP B 630 25.48 -15.21 20.51
CA ASP B 630 25.64 -13.78 20.22
C ASP B 630 24.40 -13.07 19.67
N GLN B 631 23.50 -13.85 19.08
CA GLN B 631 22.20 -13.38 18.74
C GLN B 631 21.21 -13.86 19.86
N SER B 632 20.03 -14.39 19.52
CA SER B 632 19.05 -14.84 20.51
C SER B 632 18.50 -16.22 20.12
N GLN B 633 17.36 -16.62 20.68
CA GLN B 633 16.82 -17.97 20.54
C GLN B 633 15.34 -17.98 20.42
N SER B 634 14.81 -18.78 19.52
CA SER B 634 13.37 -18.84 19.30
C SER B 634 12.70 -19.74 20.34
N LEU B 635 12.57 -19.18 21.53
CA LEU B 635 12.14 -19.93 22.67
C LEU B 635 10.61 -19.94 22.90
N ASN B 636 9.98 -21.02 22.55
CA ASN B 636 8.56 -21.21 22.87
C ASN B 636 8.40 -21.59 24.32
N ILE B 637 7.29 -21.17 24.90
CA ILE B 637 6.94 -21.52 26.26
C ILE B 637 5.68 -22.35 26.22
N HIS B 638 5.65 -23.41 26.99
CA HIS B 638 4.53 -24.31 27.06
C HIS B 638 3.99 -24.27 28.47
N ILE B 639 2.89 -23.57 28.69
CA ILE B 639 2.24 -23.47 30.02
C ILE B 639 0.87 -24.11 29.93
N ALA B 640 0.68 -25.17 30.69
CA ALA B 640 -0.38 -26.13 30.46
C ALA B 640 -1.74 -25.55 30.85
N GLU B 641 -1.83 -25.13 32.11
CA GLU B 641 -3.06 -24.58 32.68
C GLU B 641 -2.78 -23.14 33.03
N PRO B 642 -2.78 -22.23 32.02
CA PRO B 642 -2.37 -20.82 32.22
C PRO B 642 -3.21 -20.03 33.23
N ASN B 643 -2.58 -19.05 33.85
CA ASN B 643 -3.26 -18.03 34.65
C ASN B 643 -2.40 -16.77 34.66
N TYR B 644 -2.95 -15.68 35.17
CA TYR B 644 -2.24 -14.41 35.13
C TYR B 644 -0.91 -14.53 35.86
N GLY B 645 -0.95 -15.16 37.03
CA GLY B 645 0.23 -15.27 37.89
C GLY B 645 1.34 -16.12 37.31
N LYS B 646 0.97 -17.26 36.73
CA LYS B 646 1.93 -18.16 36.11
C LYS B 646 2.67 -17.41 35.00
N LEU B 647 1.89 -16.81 34.11
CA LEU B 647 2.43 -16.06 32.98
C LEU B 647 3.32 -14.90 33.43
N THR B 648 2.89 -14.17 34.45
CA THR B 648 3.66 -13.09 35.02
C THR B 648 5.01 -13.56 35.58
N SER B 649 4.94 -14.60 36.42
CA SER B 649 6.14 -15.23 36.98
C SER B 649 7.16 -15.61 35.89
N MET B 650 6.64 -16.31 34.89
CA MET B 650 7.46 -16.76 33.77
C MET B 650 8.24 -15.63 33.09
N HIS B 651 7.55 -14.53 32.76
CA HIS B 651 8.16 -13.39 32.04
C HIS B 651 9.24 -12.75 32.88
N PHE B 652 8.89 -12.57 34.15
CA PHE B 652 9.79 -11.89 35.06
C PHE B 652 11.00 -12.77 35.32
N TYR B 653 10.79 -14.07 35.46
CA TYR B 653 11.95 -14.98 35.55
C TYR B 653 12.87 -14.84 34.31
N GLY B 654 12.28 -14.88 33.13
CA GLY B 654 13.07 -14.79 31.89
C GLY B 654 13.83 -13.48 31.75
N TRP B 655 13.09 -12.39 31.97
CA TRP B 655 13.66 -11.07 31.97
C TRP B 655 14.86 -11.03 32.88
N LYS B 656 14.64 -11.42 34.14
CA LYS B 656 15.71 -11.41 35.17
C LYS B 656 16.88 -12.37 34.91
N GLN B 657 16.64 -13.48 34.23
CA GLN B 657 17.76 -14.31 33.75
C GLN B 657 18.66 -13.65 32.70
N GLY B 658 18.27 -12.48 32.19
CA GLY B 658 19.05 -11.77 31.19
C GLY B 658 18.72 -12.15 29.78
N LEU B 659 17.64 -12.91 29.56
CA LEU B 659 17.30 -13.41 28.22
C LEU B 659 17.00 -12.27 27.23
N LYS B 660 17.40 -12.43 25.97
CA LYS B 660 17.13 -11.44 24.94
C LYS B 660 15.69 -11.57 24.46
N THR B 661 15.26 -12.83 24.35
CA THR B 661 13.90 -13.21 24.03
C THR B 661 13.30 -14.00 25.18
N GLY B 662 12.34 -13.42 25.84
CA GLY B 662 11.69 -14.10 26.92
C GLY B 662 10.64 -15.08 26.46
N MET B 663 10.08 -14.86 25.28
CA MET B 663 9.04 -15.75 24.76
C MET B 663 8.86 -15.51 23.28
N TYR B 664 8.85 -16.60 22.53
CA TYR B 664 8.42 -16.62 21.17
C TYR B 664 6.89 -16.85 21.30
N TYR B 665 6.40 -18.05 21.03
CA TYR B 665 4.99 -18.35 21.33
C TYR B 665 4.76 -18.84 22.74
N LEU B 666 3.63 -18.41 23.32
CA LEU B 666 2.98 -19.16 24.38
C LEU B 666 2.15 -20.23 23.73
N ARG B 667 2.35 -21.47 24.19
CA ARG B 667 1.41 -22.56 23.94
C ARG B 667 0.79 -23.00 25.29
N THR B 668 -0.51 -23.27 25.23
CA THR B 668 -1.31 -23.73 26.35
C THR B 668 -1.94 -25.02 25.85
N ARG B 669 -2.82 -25.60 26.66
CA ARG B 669 -3.68 -26.69 26.20
C ARG B 669 -4.93 -26.80 27.12
MG MG C . 7.21 -9.21 -13.94
PA TTP D . 6.01 -9.94 -10.53
O1A TTP D . 6.52 -9.15 -9.34
O2A TTP D . 6.31 -9.40 -11.93
O3A TTP D . 6.57 -11.48 -10.46
PB TTP D . 7.64 -12.16 -11.52
O1B TTP D . 8.11 -13.45 -10.86
O2B TTP D . 8.71 -11.14 -11.87
O3B TTP D . 6.78 -12.63 -12.87
PG TTP D . 7.09 -12.58 -14.49
O1G TTP D . 8.51 -13.04 -14.72
O2G TTP D . 6.11 -13.53 -15.12
O3G TTP D . 6.90 -11.13 -14.84
O5' TTP D . 4.40 -10.05 -10.42
C5' TTP D . 3.64 -10.32 -11.62
C4' TTP D . 2.14 -10.26 -11.38
O4' TTP D . 1.81 -11.18 -10.33
C3' TTP D . 1.62 -8.91 -10.92
O3' TTP D . 0.31 -8.69 -11.47
C2' TTP D . 1.53 -9.03 -9.41
C1' TTP D . 1.19 -10.49 -9.22
N1 TTP D . 1.67 -11.12 -7.99
C2 TTP D . 0.75 -11.57 -6.98
O2 TTP D . -0.49 -11.39 -7.12
N3 TTP D . 1.22 -12.19 -5.87
C4 TTP D . 2.55 -12.40 -5.68
O4 TTP D . 2.99 -12.96 -4.63
C5 TTP D . 3.49 -11.95 -6.73
C5M TTP D . 4.99 -12.14 -6.64
C6 TTP D . 2.99 -11.33 -7.86
C1 E6O E . -35.99 4.81 -23.46
C2 E6O E . -34.91 5.63 -22.75
C3 E6O E . -33.97 6.04 -23.65
C4 E6O E . -34.27 5.55 -25.06
C5 E6O E . -35.67 4.94 -24.95
C6 E6O E . -34.80 5.97 -21.42
C7 E6O E . -33.70 6.75 -21.02
C8 E6O E . -32.73 7.16 -21.92
C9 E6O E . -32.86 6.80 -23.26
C11 E6O E . -35.10 4.55 -19.44
CL E6O E . -40.84 12.12 -17.98
C26 E6O E . -39.89 10.62 -17.73
C25 E6O E . -39.01 10.50 -16.65
C24 E6O E . -38.25 9.34 -16.46
C29 E6O E . -37.35 9.31 -15.28
N31 E6O E . -36.40 10.25 -15.15
O30 E6O E . -37.52 8.43 -14.45
C27 E6O E . -40.03 9.57 -18.64
C28 E6O E . -39.28 8.39 -18.45
C23 E6O E . -38.39 8.26 -17.36
S20 E6O E . -37.55 6.89 -17.24
O21 E6O E . -36.20 7.18 -16.82
O22 E6O E . -38.14 5.98 -16.29
N19 E6O E . -37.48 6.26 -18.71
C12 E6O E . -36.41 6.73 -19.63
C13 E6O E . -36.88 7.74 -20.60
N17 E6O E . -36.46 9.01 -20.83
N16 E6O E . -37.24 9.39 -21.92
C15 E6O E . -38.00 8.37 -22.27
O18 E6O E . -38.82 8.44 -23.25
O14 E6O E . -37.81 7.28 -21.48
C10 E6O E . -35.80 5.54 -20.40
C ACT F . -15.94 23.60 -9.38
O ACT F . -16.60 24.68 -9.48
OXT ACT F . -16.25 22.76 -8.51
CH3 ACT F . -14.78 23.36 -10.31
C ACT G . -29.30 29.52 -35.60
O ACT G . -29.02 29.19 -36.81
OXT ACT G . -30.25 28.99 -34.88
CH3 ACT G . -28.42 30.60 -35.03
C ACT H . -15.52 19.95 -4.24
O ACT H . -14.97 19.81 -3.18
OXT ACT H . -16.55 19.30 -4.36
CH3 ACT H . -14.99 20.88 -5.31
C ACT I . -18.36 8.68 -32.76
O ACT I . -17.40 9.21 -33.33
OXT ACT I . -19.01 9.33 -31.96
CH3 ACT I . -18.85 7.29 -33.00
C ACT J . -21.29 4.77 -32.16
O ACT J . -20.67 5.71 -31.61
OXT ACT J . -21.66 4.68 -33.37
CH3 ACT J . -21.67 3.69 -31.27
MG MG K . 6.86 14.81 6.59
PA TTP L . 3.42 13.29 6.42
O1A TTP L . 3.24 12.74 5.02
O2A TTP L . 4.83 13.35 6.99
O3A TTP L . 2.86 14.82 6.49
PB TTP L . 3.78 16.18 6.34
O1B TTP L . 3.00 17.00 5.34
O2B TTP L . 5.22 15.82 5.99
O3B TTP L . 3.80 16.96 7.81
PG TTP L . 4.80 16.74 9.12
O1G TTP L . 6.03 17.63 9.03
O2G TTP L . 3.92 17.10 10.32
O3G TTP L . 5.21 15.30 8.98
O5' TTP L . 2.49 12.43 7.46
C5' TTP L . 2.68 12.50 8.89
C4' TTP L . 2.24 11.26 9.71
O4' TTP L . 0.81 11.13 9.74
C3' TTP L . 2.73 9.90 9.27
O3' TTP L . 2.79 9.00 10.40
C2' TTP L . 1.63 9.44 8.35
C1' TTP L . 0.38 9.93 9.06
N1 TTP L . -0.74 10.26 8.18
C2 TTP L . -2.02 9.61 8.30
O2 TTP L . -2.24 8.72 9.16
N3 TTP L . -3.02 9.96 7.44
C4 TTP L . -2.86 10.94 6.49
O4 TTP L . -3.81 11.25 5.72
C5 TTP L . -1.55 11.63 6.38
C5M TTP L . -1.24 12.71 5.38
C6 TTP L . -0.55 11.23 7.26
C1 E6O M . 6.92 -20.20 38.47
C2 E6O M . 7.41 -20.25 37.03
C3 E6O M . 8.60 -19.59 36.89
C4 E6O M . 9.12 -19.04 38.19
C5 E6O M . 8.11 -19.57 39.23
C6 E6O M . 6.77 -20.83 35.94
C7 E6O M . 7.40 -20.76 34.69
C8 E6O M . 8.63 -20.10 34.55
C9 E6O M . 9.25 -19.51 35.66
C11 E6O M . 4.30 -20.70 35.61
CL E6O M . 6.76 -29.79 35.72
C26 E6O M . 5.85 -28.29 35.44
C25 E6O M . 5.28 -28.08 34.18
C24 E6O M . 4.59 -26.91 33.92
C29 E6O M . 3.99 -26.74 32.54
N31 E6O M . 4.77 -26.87 31.46
O30 E6O M . 2.80 -26.51 32.42
C27 E6O M . 5.75 -27.37 36.46
C28 E6O M . 5.03 -26.22 36.22
C23 E6O M . 4.45 -25.97 34.95
S20 E6O M . 3.70 -24.57 34.74
O21 E6O M . 4.07 -24.05 33.45
O22 E6O M . 2.27 -24.70 34.80
N19 E6O M . 4.24 -23.58 35.85
C12 E6O M . 5.53 -22.95 35.56
C13 E6O M . 6.73 -23.58 36.18
N17 E6O M . 7.78 -24.27 35.67
N16 E6O M . 8.62 -24.51 36.80
C15 E6O M . 8.05 -23.97 37.85
O18 E6O M . 8.57 -23.99 39.02
O14 E6O M . 6.86 -23.35 37.55
C10 E6O M . 5.47 -21.53 36.13
C ACT N . 16.80 -24.43 9.50
O ACT N . 15.71 -24.01 9.15
OXT ACT N . 16.89 -25.62 9.86
CH3 ACT N . 17.98 -23.48 9.47
C ACT O . 33.97 -28.53 33.73
O ACT O . 34.54 -27.47 34.17
OXT ACT O . 34.35 -29.04 32.64
CH3 ACT O . 32.80 -29.19 34.48
C ACT P . 10.92 -23.45 7.07
O ACT P . 10.37 -22.68 6.37
OXT ACT P . 11.99 -23.90 6.66
CH3 ACT P . 10.25 -23.75 8.37
C ACT Q . 22.16 -8.27 31.37
O ACT Q . 21.87 -7.85 30.23
OXT ACT Q . 21.39 -8.10 32.31
CH3 ACT Q . 23.44 -8.93 31.63
C ACT R . 18.06 -7.56 34.25
O ACT R . 16.89 -7.43 33.88
OXT ACT R . 18.43 -7.18 35.43
CH3 ACT R . 18.96 -8.20 33.23
#